data_7JFV
# 
_entry.id   7JFV 
# 
_audit_conform.dict_name       mmcif_pdbx.dic 
_audit_conform.dict_version    5.380 
_audit_conform.dict_location   http://mmcif.pdb.org/dictionaries/ascii/mmcif_pdbx.dic 
# 
loop_
_database_2.database_id 
_database_2.database_code 
_database_2.pdbx_database_accession 
_database_2.pdbx_DOI 
PDB   7JFV         pdb_00007jfv 10.2210/pdb7jfv/pdb 
WWPDB D_1000250258 ?            ?                   
# 
_pdbx_database_status.status_code                     REL 
_pdbx_database_status.status_code_sf                  REL 
_pdbx_database_status.status_code_mr                  ? 
_pdbx_database_status.entry_id                        7JFV 
_pdbx_database_status.recvd_initial_deposition_date   2020-07-17 
_pdbx_database_status.SG_entry                        N 
_pdbx_database_status.deposit_site                    RCSB 
_pdbx_database_status.process_site                    RCSB 
_pdbx_database_status.status_code_cs                  ? 
_pdbx_database_status.status_code_nmr_data            ? 
_pdbx_database_status.methods_development_category    ? 
_pdbx_database_status.pdb_format_compatible           Y 
# 
loop_
_audit_author.name 
_audit_author.pdbx_ordinal 
_audit_author.identifier_ORCID 
'Simmons, C.R.'      1 0000-0002-2290-6132 
'MacCulloch, T.'     2 0000-0001-5875-3361 
'Stephanopoulos, N.' 3 0000-0001-7859-410X 
'Yan, H.'            4 0000-0001-7397-9852 
# 
_citation.abstract                  ? 
_citation.abstract_id_CAS           ? 
_citation.book_id_ISBN              ? 
_citation.book_publisher            ? 
_citation.book_publisher_city       ? 
_citation.book_title                ? 
_citation.coordinate_linkage        ? 
_citation.country                   UK 
_citation.database_id_Medline       ? 
_citation.details                   ? 
_citation.id                        primary 
_citation.journal_abbrev            'Nat Commun' 
_citation.journal_id_ASTM           ? 
_citation.journal_id_CSD            ? 
_citation.journal_id_ISSN           2041-1723 
_citation.journal_full              ? 
_citation.journal_issue             ? 
_citation.journal_volume            13 
_citation.language                  ? 
_citation.page_first                3112 
_citation.page_last                 3112 
_citation.title                     'The influence of Holliday junction sequence and dynamics on DNA crystal self-assembly.' 
_citation.year                      2022 
_citation.database_id_CSD           ? 
_citation.pdbx_database_id_DOI      10.1038/s41467-022-30779-6 
_citation.pdbx_database_id_PubMed   35662248 
_citation.unpublished_flag          ? 
# 
loop_
_citation_author.citation_id 
_citation_author.name 
_citation_author.ordinal 
_citation_author.identifier_ORCID 
primary 'Simmons, C.R.'      1  ?                   
primary 'MacCulloch, T.'     2  ?                   
primary 'Krepl, M.'          3  0000-0002-9833-4281 
primary 'Matthies, M.'       4  ?                   
primary 'Buchberger, A.'     5  ?                   
primary 'Crawford, I.'       6  ?                   
primary 'Sponer, J.'         7  0000-0001-6558-6186 
primary 'Sulc, P.'           8  0000-0003-1565-6769 
primary 'Stephanopoulos, N.' 9  0000-0001-7859-410X 
primary 'Yan, H.'            10 0000-0001-7397-9852 
# 
_cell.angle_alpha                  90.000 
_cell.angle_alpha_esd              ? 
_cell.angle_beta                   90.000 
_cell.angle_beta_esd               ? 
_cell.angle_gamma                  120.000 
_cell.angle_gamma_esd              ? 
_cell.entry_id                     7JFV 
_cell.details                      ? 
_cell.formula_units_Z              ? 
_cell.length_a                     68.017 
_cell.length_a_esd                 ? 
_cell.length_b                     68.017 
_cell.length_b_esd                 ? 
_cell.length_c                     54.047 
_cell.length_c_esd                 ? 
_cell.volume                       ? 
_cell.volume_esd                   ? 
_cell.Z_PDB                        3 
_cell.reciprocal_angle_alpha       ? 
_cell.reciprocal_angle_beta        ? 
_cell.reciprocal_angle_gamma       ? 
_cell.reciprocal_angle_alpha_esd   ? 
_cell.reciprocal_angle_beta_esd    ? 
_cell.reciprocal_angle_gamma_esd   ? 
_cell.reciprocal_length_a          ? 
_cell.reciprocal_length_b          ? 
_cell.reciprocal_length_c          ? 
_cell.reciprocal_length_a_esd      ? 
_cell.reciprocal_length_b_esd      ? 
_cell.reciprocal_length_c_esd      ? 
_cell.pdbx_unique_axis             ? 
# 
_symmetry.entry_id                         7JFV 
_symmetry.cell_setting                     ? 
_symmetry.Int_Tables_number                145 
_symmetry.space_group_name_Hall            ? 
_symmetry.space_group_name_H-M             'P 32' 
_symmetry.pdbx_full_space_group_name_H-M   ? 
# 
loop_
_entity.id 
_entity.type 
_entity.src_method 
_entity.pdbx_description 
_entity.formula_weight 
_entity.pdbx_number_of_molecules 
_entity.pdbx_ec 
_entity.pdbx_mutation 
_entity.pdbx_fragment 
_entity.details 
1 polymer syn 
;DNA (5'-D(*GP*AP*GP*CP*AP*GP*AP*CP*CP*AP*GP*A)-3')
;
3705.445 1 ? ? ? ? 
2 polymer syn 
;DNA (5'-D(P*CP*GP*GP*TP*AP*CP*TP*CP*A)-3')
;
2715.799 1 ? ? ? ? 
3 polymer syn 
;DNA (5'-D(P*TP*CP*TP*CP*CP*G)-3')
;
1760.179 1 ? ? ? ? 
4 polymer syn 
;DNA (5'-D(*TP*CP*TP*GP*AP*GP*TP*AP*GP*GP*TP*CP*TP*GP*C)-3')
;
4615.994 1 ? ? ? ? 
# 
loop_
_entity_poly.entity_id 
_entity_poly.type 
_entity_poly.nstd_linkage 
_entity_poly.nstd_monomer 
_entity_poly.pdbx_seq_one_letter_code 
_entity_poly.pdbx_seq_one_letter_code_can 
_entity_poly.pdbx_strand_id 
_entity_poly.pdbx_target_identifier 
1 polydeoxyribonucleotide no no '(DG)(DA)(DG)(DC)(DA)(DG)(DA)(DC)(DC)(DA)(DG)(DA)'             GAGCAGACCAGA    A ? 
2 polydeoxyribonucleotide no no '(DC)(DG)(DG)(DT)(DA)(DC)(DT)(DC)(DA)'                         CGGTACTCA       B ? 
3 polydeoxyribonucleotide no no '(DT)(DC)(DT)(DC)(DC)(DG)'                                     TCTCCG          C ? 
4 polydeoxyribonucleotide no no '(DT)(DC)(DT)(DG)(DA)(DG)(DT)(DA)(DG)(DG)(DT)(DC)(DT)(DG)(DC)' TCTGAGTAGGTCTGC D ? 
# 
loop_
_entity_poly_seq.entity_id 
_entity_poly_seq.num 
_entity_poly_seq.mon_id 
_entity_poly_seq.hetero 
1 1  DG n 
1 2  DA n 
1 3  DG n 
1 4  DC n 
1 5  DA n 
1 6  DG n 
1 7  DA n 
1 8  DC n 
1 9  DC n 
1 10 DA n 
1 11 DG n 
1 12 DA n 
2 1  DC n 
2 2  DG n 
2 3  DG n 
2 4  DT n 
2 5  DA n 
2 6  DC n 
2 7  DT n 
2 8  DC n 
2 9  DA n 
3 1  DT n 
3 2  DC n 
3 3  DT n 
3 4  DC n 
3 5  DC n 
3 6  DG n 
4 1  DT n 
4 2  DC n 
4 3  DT n 
4 4  DG n 
4 5  DA n 
4 6  DG n 
4 7  DT n 
4 8  DA n 
4 9  DG n 
4 10 DG n 
4 11 DT n 
4 12 DC n 
4 13 DT n 
4 14 DG n 
4 15 DC n 
# 
loop_
_pdbx_entity_src_syn.entity_id 
_pdbx_entity_src_syn.pdbx_src_id 
_pdbx_entity_src_syn.pdbx_alt_source_flag 
_pdbx_entity_src_syn.pdbx_beg_seq_num 
_pdbx_entity_src_syn.pdbx_end_seq_num 
_pdbx_entity_src_syn.organism_scientific 
_pdbx_entity_src_syn.organism_common_name 
_pdbx_entity_src_syn.ncbi_taxonomy_id 
_pdbx_entity_src_syn.details 
1 1 sample 1 12 'synthetic construct' ? 32630 ? 
2 1 sample 1 9  'synthetic construct' ? 32630 ? 
3 1 sample 1 6  'synthetic construct' ? 32630 ? 
4 1 sample 1 15 'synthetic construct' ? 32630 ? 
# 
loop_
_struct_ref.id 
_struct_ref.db_name 
_struct_ref.db_code 
_struct_ref.pdbx_db_accession 
_struct_ref.pdbx_db_isoform 
_struct_ref.entity_id 
_struct_ref.pdbx_seq_one_letter_code 
_struct_ref.pdbx_align_begin 
1 PDB 7JFV 7JFV ? 1 ? 1 
2 PDB 7JFV 7JFV ? 2 ? 1 
3 PDB 7JFV 7JFV ? 3 ? 1 
4 PDB 7JFV 7JFV ? 4 ? 1 
# 
loop_
_struct_ref_seq.align_id 
_struct_ref_seq.ref_id 
_struct_ref_seq.pdbx_PDB_id_code 
_struct_ref_seq.pdbx_strand_id 
_struct_ref_seq.seq_align_beg 
_struct_ref_seq.pdbx_seq_align_beg_ins_code 
_struct_ref_seq.seq_align_end 
_struct_ref_seq.pdbx_seq_align_end_ins_code 
_struct_ref_seq.pdbx_db_accession 
_struct_ref_seq.db_align_beg 
_struct_ref_seq.pdbx_db_align_beg_ins_code 
_struct_ref_seq.db_align_end 
_struct_ref_seq.pdbx_db_align_end_ins_code 
_struct_ref_seq.pdbx_auth_seq_align_beg 
_struct_ref_seq.pdbx_auth_seq_align_end 
1 1 7JFV A 1 ? 12 ? 7JFV 1  ? 12 ? 1  12 
2 2 7JFV B 1 ? 9  ? 7JFV 12 ? 20 ? 12 20 
3 3 7JFV C 1 ? 6  ? 7JFV 0  ? 5  ? 0  5  
4 4 7JFV D 1 ? 15 ? 7JFV 2  ? 16 ? 2  16 
# 
loop_
_chem_comp.id 
_chem_comp.type 
_chem_comp.mon_nstd_flag 
_chem_comp.name 
_chem_comp.pdbx_synonyms 
_chem_comp.formula 
_chem_comp.formula_weight 
DA 'DNA linking' y "2'-DEOXYADENOSINE-5'-MONOPHOSPHATE" ? 'C10 H14 N5 O6 P' 331.222 
DC 'DNA linking' y "2'-DEOXYCYTIDINE-5'-MONOPHOSPHATE"  ? 'C9 H14 N3 O7 P'  307.197 
DG 'DNA linking' y "2'-DEOXYGUANOSINE-5'-MONOPHOSPHATE" ? 'C10 H14 N5 O7 P' 347.221 
DT 'DNA linking' y "THYMIDINE-5'-MONOPHOSPHATE"         ? 'C10 H15 N2 O8 P' 322.208 
# 
_exptl.absorpt_coefficient_mu     ? 
_exptl.absorpt_correction_T_max   ? 
_exptl.absorpt_correction_T_min   ? 
_exptl.absorpt_correction_type    ? 
_exptl.absorpt_process_details    ? 
_exptl.entry_id                   7JFV 
_exptl.crystals_number            1 
_exptl.details                    ? 
_exptl.method                     'X-RAY DIFFRACTION' 
_exptl.method_details             ? 
# 
_exptl_crystal.colour                      ? 
_exptl_crystal.density_diffrn              ? 
_exptl_crystal.density_Matthews            5.64 
_exptl_crystal.density_method              ? 
_exptl_crystal.density_percent_sol         78.19 
_exptl_crystal.description                 ? 
_exptl_crystal.F_000                       ? 
_exptl_crystal.id                          1 
_exptl_crystal.preparation                 ? 
_exptl_crystal.size_max                    ? 
_exptl_crystal.size_mid                    ? 
_exptl_crystal.size_min                    ? 
_exptl_crystal.size_rad                    ? 
_exptl_crystal.colour_lustre               ? 
_exptl_crystal.colour_modifier             ? 
_exptl_crystal.colour_primary              ? 
_exptl_crystal.density_meas                ? 
_exptl_crystal.density_meas_esd            ? 
_exptl_crystal.density_meas_gt             ? 
_exptl_crystal.density_meas_lt             ? 
_exptl_crystal.density_meas_temp           ? 
_exptl_crystal.density_meas_temp_esd       ? 
_exptl_crystal.density_meas_temp_gt        ? 
_exptl_crystal.density_meas_temp_lt        ? 
_exptl_crystal.pdbx_crystal_image_url      ? 
_exptl_crystal.pdbx_crystal_image_format   ? 
_exptl_crystal.pdbx_mosaicity              ? 
_exptl_crystal.pdbx_mosaicity_esd          ? 
# 
_exptl_crystal_grow.apparatus       ? 
_exptl_crystal_grow.atmosphere      ? 
_exptl_crystal_grow.crystal_id      1 
_exptl_crystal_grow.details         ? 
_exptl_crystal_grow.method          'VAPOR DIFFUSION, SITTING DROP' 
_exptl_crystal_grow.method_ref      ? 
_exptl_crystal_grow.pH              ? 
_exptl_crystal_grow.pressure        ? 
_exptl_crystal_grow.pressure_esd    ? 
_exptl_crystal_grow.seeding         ? 
_exptl_crystal_grow.seeding_ref     ? 
_exptl_crystal_grow.temp            298 
_exptl_crystal_grow.temp_details    'temperature gradient generated from 60 to 25 C at 0.3 degrees per hour' 
_exptl_crystal_grow.temp_esd        ? 
_exptl_crystal_grow.time            ? 
_exptl_crystal_grow.pdbx_details    
;0.5 mL of 0.05 M Cacodylate pH 6.5 with 1.0 mM spermine, 2.0 mM CoH18N6, 30 mM CaCl2, and 2.0 M LiCl was added to the reservoir with 2 uL added to the drop containing 4 uL of DNA stock
;
_exptl_crystal_grow.pdbx_pH_range   ? 
# 
_diffrn.ambient_environment              ? 
_diffrn.ambient_temp                     100 
_diffrn.ambient_temp_details             ? 
_diffrn.ambient_temp_esd                 ? 
_diffrn.crystal_id                       1 
_diffrn.crystal_support                  ? 
_diffrn.crystal_treatment                ? 
_diffrn.details                          ? 
_diffrn.id                               1 
_diffrn.ambient_pressure                 ? 
_diffrn.ambient_pressure_esd             ? 
_diffrn.ambient_pressure_gt              ? 
_diffrn.ambient_pressure_lt              ? 
_diffrn.ambient_temp_gt                  ? 
_diffrn.ambient_temp_lt                  ? 
_diffrn.pdbx_serial_crystal_experiment   N 
# 
_diffrn_detector.details                      ? 
_diffrn_detector.detector                     PIXEL 
_diffrn_detector.diffrn_id                    1 
_diffrn_detector.type                         'DECTRIS PILATUS3 6M' 
_diffrn_detector.area_resol_mean              ? 
_diffrn_detector.dtime                        ? 
_diffrn_detector.pdbx_frames_total            ? 
_diffrn_detector.pdbx_collection_time_total   ? 
_diffrn_detector.pdbx_collection_date         2017-04-15 
_diffrn_detector.pdbx_frequency               ? 
# 
_diffrn_radiation.collimation                      ? 
_diffrn_radiation.diffrn_id                        1 
_diffrn_radiation.filter_edge                      ? 
_diffrn_radiation.inhomogeneity                    ? 
_diffrn_radiation.monochromator                    ? 
_diffrn_radiation.polarisn_norm                    ? 
_diffrn_radiation.polarisn_ratio                   ? 
_diffrn_radiation.probe                            ? 
_diffrn_radiation.type                             ? 
_diffrn_radiation.xray_symbol                      ? 
_diffrn_radiation.wavelength_id                    1 
_diffrn_radiation.pdbx_monochromatic_or_laue_m_l   M 
_diffrn_radiation.pdbx_wavelength_list             ? 
_diffrn_radiation.pdbx_wavelength                  ? 
_diffrn_radiation.pdbx_diffrn_protocol             'SINGLE WAVELENGTH' 
_diffrn_radiation.pdbx_analyzer                    ? 
_diffrn_radiation.pdbx_scattering_type             x-ray 
# 
_diffrn_radiation_wavelength.id           1 
_diffrn_radiation_wavelength.wavelength   0.92 
_diffrn_radiation_wavelength.wt           1.0 
# 
_diffrn_source.current                     ? 
_diffrn_source.details                     ? 
_diffrn_source.diffrn_id                   1 
_diffrn_source.power                       ? 
_diffrn_source.size                        ? 
_diffrn_source.source                      SYNCHROTRON 
_diffrn_source.target                      ? 
_diffrn_source.type                        'ALS BEAMLINE 5.0.2' 
_diffrn_source.voltage                     ? 
_diffrn_source.take-off_angle              ? 
_diffrn_source.pdbx_wavelength_list        0.92 
_diffrn_source.pdbx_wavelength             ? 
_diffrn_source.pdbx_synchrotron_beamline   5.0.2 
_diffrn_source.pdbx_synchrotron_site       ALS 
# 
_reflns.B_iso_Wilson_estimate            62.710 
_reflns.entry_id                         7JFV 
_reflns.data_reduction_details           ? 
_reflns.data_reduction_method            ? 
_reflns.d_resolution_high                3.100 
_reflns.d_resolution_low                 50.000 
_reflns.details                          ? 
_reflns.limit_h_max                      ? 
_reflns.limit_h_min                      ? 
_reflns.limit_k_max                      ? 
_reflns.limit_k_min                      ? 
_reflns.limit_l_max                      ? 
_reflns.limit_l_min                      ? 
_reflns.number_all                       ? 
_reflns.number_obs                       3716 
_reflns.observed_criterion               ? 
_reflns.observed_criterion_F_max         ? 
_reflns.observed_criterion_F_min         ? 
_reflns.observed_criterion_I_max         ? 
_reflns.observed_criterion_I_min         ? 
_reflns.observed_criterion_sigma_F       ? 
_reflns.observed_criterion_sigma_I       ? 
_reflns.percent_possible_obs             73.200 
_reflns.R_free_details                   ? 
_reflns.Rmerge_F_all                     ? 
_reflns.Rmerge_F_obs                     ? 
_reflns.Friedel_coverage                 ? 
_reflns.number_gt                        ? 
_reflns.threshold_expression             ? 
_reflns.pdbx_redundancy                  4.700 
_reflns.pdbx_Rmerge_I_obs                0.077 
_reflns.pdbx_Rmerge_I_all                ? 
_reflns.pdbx_Rsym_value                  ? 
_reflns.pdbx_netI_over_av_sigmaI         ? 
_reflns.pdbx_netI_over_sigmaI            7.600 
_reflns.pdbx_res_netI_over_av_sigmaI_2   ? 
_reflns.pdbx_res_netI_over_sigmaI_2      ? 
_reflns.pdbx_chi_squared                 1.425 
_reflns.pdbx_scaling_rejects             ? 
_reflns.pdbx_d_res_high_opt              ? 
_reflns.pdbx_d_res_low_opt               ? 
_reflns.pdbx_d_res_opt_method            ? 
_reflns.phase_calculation_details        ? 
_reflns.pdbx_Rrim_I_all                  0.085 
_reflns.pdbx_Rpim_I_all                  0.037 
_reflns.pdbx_d_opt                       ? 
_reflns.pdbx_number_measured_all         ? 
_reflns.pdbx_diffrn_id                   1 
_reflns.pdbx_ordinal                     1 
_reflns.pdbx_CC_half                     0.978 
_reflns.pdbx_CC_star                     ? 
_reflns.pdbx_R_split                     ? 
# 
loop_
_reflns_shell.d_res_high 
_reflns_shell.d_res_low 
_reflns_shell.meanI_over_sigI_all 
_reflns_shell.meanI_over_sigI_obs 
_reflns_shell.number_measured_all 
_reflns_shell.number_measured_obs 
_reflns_shell.number_possible 
_reflns_shell.number_unique_all 
_reflns_shell.number_unique_obs 
_reflns_shell.percent_possible_all 
_reflns_shell.percent_possible_obs 
_reflns_shell.Rmerge_F_all 
_reflns_shell.Rmerge_F_obs 
_reflns_shell.Rmerge_I_all 
_reflns_shell.Rmerge_I_obs 
_reflns_shell.meanI_over_sigI_gt 
_reflns_shell.meanI_over_uI_all 
_reflns_shell.meanI_over_uI_gt 
_reflns_shell.number_measured_gt 
_reflns_shell.number_unique_gt 
_reflns_shell.percent_possible_gt 
_reflns_shell.Rmerge_F_gt 
_reflns_shell.Rmerge_I_gt 
_reflns_shell.pdbx_redundancy 
_reflns_shell.pdbx_Rsym_value 
_reflns_shell.pdbx_chi_squared 
_reflns_shell.pdbx_netI_over_sigmaI_all 
_reflns_shell.pdbx_netI_over_sigmaI_obs 
_reflns_shell.pdbx_Rrim_I_all 
_reflns_shell.pdbx_Rpim_I_all 
_reflns_shell.pdbx_rejects 
_reflns_shell.pdbx_ordinal 
_reflns_shell.pdbx_diffrn_id 
_reflns_shell.pdbx_CC_half 
_reflns_shell.pdbx_CC_star 
_reflns_shell.pdbx_R_split 
3.100 3.150  ? ? ? ? ? ? 78  34.400  ? ? ? ? 0.505 ? ? ? ? ? ? ? ? 3.700 ? 0.680 ? ? 0.577 0.274 ? 1  1 0.875 ? ? 
3.150 3.210  ? ? ? ? ? ? 109 39.900  ? ? ? ? 0.166 ? ? ? ? ? ? ? ? 3.900 ? 0.939 ? ? 0.189 0.088 ? 2  1 0.982 ? ? 
3.210 3.270  ? ? ? ? ? ? 104 41.300  ? ? ? ? 0.151 ? ? ? ? ? ? ? ? 4.100 ? 1.342 ? ? 0.170 0.078 ? 3  1 0.989 ? ? 
3.270 3.340  ? ? ? ? ? ? 110 42.100  ? ? ? ? 0.192 ? ? ? ? ? ? ? ? 4.200 ? 1.024 ? ? 0.217 0.098 ? 4  1 0.981 ? ? 
3.340 3.410  ? ? ? ? ? ? 131 52.800  ? ? ? ? 0.122 ? ? ? ? ? ? ? ? 4.000 ? 1.166 ? ? 0.136 0.061 ? 5  1 0.992 ? ? 
3.410 3.490  ? ? ? ? ? ? 128 51.800  ? ? ? ? 0.302 ? ? ? ? ? ? ? ? 4.100 ? 0.731 ? ? 0.341 0.156 ? 6  1 0.916 ? ? 
3.490 3.580  ? ? ? ? ? ? 149 57.300  ? ? ? ? 0.220 ? ? ? ? ? ? ? ? 4.300 ? 0.630 ? ? 0.247 0.112 ? 7  1 0.955 ? ? 
3.580 3.680  ? ? ? ? ? ? 156 60.200  ? ? ? ? 0.279 ? ? ? ? ? ? ? ? 4.300 ? 0.715 ? ? 0.315 0.143 ? 8  1 0.952 ? ? 
3.680 3.780  ? ? ? ? ? ? 162 63.300  ? ? ? ? 0.341 ? ? ? ? ? ? ? ? 4.300 ? 0.647 ? ? 0.383 0.172 ? 9  1 0.919 ? ? 
3.780 3.910  ? ? ? ? ? ? 177 68.300  ? ? ? ? 0.339 ? ? ? ? ? ? ? ? 4.700 ? 0.656 ? ? 0.380 0.170 ? 10 1 0.931 ? ? 
3.910 4.040  ? ? ? ? ? ? 192 81.700  ? ? ? ? 0.320 ? ? ? ? ? ? ? ? 4.500 ? 0.650 ? ? 0.357 0.158 ? 11 1 0.957 ? ? 
4.040 4.210  ? ? ? ? ? ? 219 83.300  ? ? ? ? 0.282 ? ? ? ? ? ? ? ? 4.600 ? 0.718 ? ? 0.315 0.139 ? 12 1 0.955 ? ? 
4.210 4.400  ? ? ? ? ? ? 236 91.500  ? ? ? ? 0.272 ? ? ? ? ? ? ? ? 4.500 ? 0.702 ? ? 0.304 0.135 ? 13 1 0.965 ? ? 
4.400 4.630  ? ? ? ? ? ? 236 97.500  ? ? ? ? 0.267 ? ? ? ? ? ? ? ? 4.700 ? 0.684 ? ? 0.297 0.130 ? 14 1 0.969 ? ? 
4.630 4.920  ? ? ? ? ? ? 265 99.300  ? ? ? ? 0.173 ? ? ? ? ? ? ? ? 4.800 ? 0.845 ? ? 0.193 0.085 ? 15 1 0.983 ? ? 
4.920 5.300  ? ? ? ? ? ? 246 100.000 ? ? ? ? 0.145 ? ? ? ? ? ? ? ? 5.200 ? 1.182 ? ? 0.161 0.070 ? 16 1 0.986 ? ? 
5.300 5.830  ? ? ? ? ? ? 257 100.000 ? ? ? ? 0.120 ? ? ? ? ? ? ? ? 5.200 ? 1.943 ? ? 0.133 0.057 ? 17 1 0.987 ? ? 
5.830 6.670  ? ? ? ? ? ? 255 100.000 ? ? ? ? 0.108 ? ? ? ? ? ? ? ? 5.300 ? 2.143 ? ? 0.119 0.051 ? 18 1 0.990 ? ? 
6.670 8.400  ? ? ? ? ? ? 256 100.000 ? ? ? ? 0.069 ? ? ? ? ? ? ? ? 5.200 ? 2.887 ? ? 0.076 0.033 ? 19 1 0.997 ? ? 
8.400 50.000 ? ? ? ? ? ? 250 98.000  ? ? ? ? 0.053 ? ? ? ? ? ? ? ? 5.300 ? 4.017 ? ? 0.059 0.025 ? 20 1 0.997 ? ? 
# 
_refine.aniso_B[1][1]                            ? 
_refine.aniso_B[1][2]                            ? 
_refine.aniso_B[1][3]                            ? 
_refine.aniso_B[2][2]                            ? 
_refine.aniso_B[2][3]                            ? 
_refine.aniso_B[3][3]                            ? 
_refine.B_iso_max                                184.510 
_refine.B_iso_mean                               97.7721 
_refine.B_iso_min                                39.170 
_refine.correlation_coeff_Fo_to_Fc               ? 
_refine.correlation_coeff_Fo_to_Fc_free          ? 
_refine.details                                  ? 
_refine.diff_density_max                         ? 
_refine.diff_density_max_esd                     ? 
_refine.diff_density_min                         ? 
_refine.diff_density_min_esd                     ? 
_refine.diff_density_rms                         ? 
_refine.diff_density_rms_esd                     ? 
_refine.entry_id                                 7JFV 
_refine.pdbx_refine_id                           'X-RAY DIFFRACTION' 
_refine.ls_abs_structure_details                 ? 
_refine.ls_abs_structure_Flack                   ? 
_refine.ls_abs_structure_Flack_esd               ? 
_refine.ls_abs_structure_Rogers                  ? 
_refine.ls_abs_structure_Rogers_esd              ? 
_refine.ls_d_res_high                            3.1000 
_refine.ls_d_res_low                             34.0090 
_refine.ls_extinction_coef                       ? 
_refine.ls_extinction_coef_esd                   ? 
_refine.ls_extinction_expression                 ? 
_refine.ls_extinction_method                     ? 
_refine.ls_goodness_of_fit_all                   ? 
_refine.ls_goodness_of_fit_all_esd               ? 
_refine.ls_goodness_of_fit_obs                   ? 
_refine.ls_goodness_of_fit_obs_esd               ? 
_refine.ls_hydrogen_treatment                    ? 
_refine.ls_matrix_type                           ? 
_refine.ls_number_constraints                    ? 
_refine.ls_number_parameters                     ? 
_refine.ls_number_reflns_all                     ? 
_refine.ls_number_reflns_obs                     3707 
_refine.ls_number_reflns_R_free                  362 
_refine.ls_number_reflns_R_work                  3345 
_refine.ls_number_restraints                     ? 
_refine.ls_percent_reflns_obs                    73.2800 
_refine.ls_percent_reflns_R_free                 9.7700 
_refine.ls_R_factor_all                          ? 
_refine.ls_R_factor_obs                          0.1967 
_refine.ls_R_factor_R_free                       0.2344 
_refine.ls_R_factor_R_free_error                 ? 
_refine.ls_R_factor_R_free_error_details         ? 
_refine.ls_R_factor_R_work                       0.1927 
_refine.ls_R_Fsqd_factor_obs                     ? 
_refine.ls_R_I_factor_obs                        ? 
_refine.ls_redundancy_reflns_all                 ? 
_refine.ls_redundancy_reflns_obs                 ? 
_refine.ls_restrained_S_all                      ? 
_refine.ls_restrained_S_obs                      ? 
_refine.ls_shift_over_esd_max                    ? 
_refine.ls_shift_over_esd_mean                   ? 
_refine.ls_structure_factor_coef                 ? 
_refine.ls_weighting_details                     ? 
_refine.ls_weighting_scheme                      ? 
_refine.ls_wR_factor_all                         ? 
_refine.ls_wR_factor_obs                         ? 
_refine.ls_wR_factor_R_free                      ? 
_refine.ls_wR_factor_R_work                      ? 
_refine.occupancy_max                            ? 
_refine.occupancy_min                            ? 
_refine.solvent_model_details                    'FLAT BULK SOLVENT MODEL' 
_refine.solvent_model_param_bsol                 ? 
_refine.solvent_model_param_ksol                 ? 
_refine.pdbx_R_complete                          ? 
_refine.ls_R_factor_gt                           ? 
_refine.ls_goodness_of_fit_gt                    ? 
_refine.ls_goodness_of_fit_ref                   ? 
_refine.ls_shift_over_su_max                     ? 
_refine.ls_shift_over_su_max_lt                  ? 
_refine.ls_shift_over_su_mean                    ? 
_refine.ls_shift_over_su_mean_lt                 ? 
_refine.pdbx_ls_sigma_I                          ? 
_refine.pdbx_ls_sigma_F                          1.980 
_refine.pdbx_ls_sigma_Fsqd                       ? 
_refine.pdbx_data_cutoff_high_absF               ? 
_refine.pdbx_data_cutoff_high_rms_absF           ? 
_refine.pdbx_data_cutoff_low_absF                ? 
_refine.pdbx_isotropic_thermal_model             ? 
_refine.pdbx_ls_cross_valid_method               THROUGHOUT 
_refine.pdbx_method_to_determine_struct          'MOLECULAR REPLACEMENT' 
_refine.pdbx_starting_model                      6XNA 
_refine.pdbx_stereochemistry_target_values       ML 
_refine.pdbx_R_Free_selection_details            ? 
_refine.pdbx_stereochem_target_val_spec_case     ? 
_refine.pdbx_overall_ESU_R                       ? 
_refine.pdbx_overall_ESU_R_Free                  ? 
_refine.pdbx_solvent_vdw_probe_radii             1.1100 
_refine.pdbx_solvent_ion_probe_radii             ? 
_refine.pdbx_solvent_shrinkage_radii             0.9000 
_refine.pdbx_real_space_R                        ? 
_refine.pdbx_density_correlation                 ? 
_refine.pdbx_pd_number_of_powder_patterns        ? 
_refine.pdbx_pd_number_of_points                 ? 
_refine.pdbx_pd_meas_number_of_points            ? 
_refine.pdbx_pd_proc_ls_prof_R_factor            ? 
_refine.pdbx_pd_proc_ls_prof_wR_factor           ? 
_refine.pdbx_pd_Marquardt_correlation_coeff      ? 
_refine.pdbx_pd_Fsqrd_R_factor                   ? 
_refine.pdbx_pd_ls_matrix_band_width             ? 
_refine.pdbx_overall_phase_error                 44.2400 
_refine.pdbx_overall_SU_R_free_Cruickshank_DPI   ? 
_refine.pdbx_overall_SU_R_free_Blow_DPI          ? 
_refine.pdbx_overall_SU_R_Blow_DPI               ? 
_refine.pdbx_TLS_residual_ADP_flag               ? 
_refine.pdbx_diffrn_id                           1 
_refine.overall_SU_B                             ? 
_refine.overall_SU_ML                            0.3200 
_refine.overall_SU_R_Cruickshank_DPI             ? 
_refine.overall_SU_R_free                        ? 
_refine.overall_FOM_free_R_set                   ? 
_refine.overall_FOM_work_R_set                   ? 
_refine.pdbx_average_fsc_overall                 ? 
_refine.pdbx_average_fsc_work                    ? 
_refine.pdbx_average_fsc_free                    ? 
# 
_refine_hist.pdbx_refine_id                   'X-RAY DIFFRACTION' 
_refine_hist.cycle_id                         final 
_refine_hist.details                          ? 
_refine_hist.d_res_high                       3.1000 
_refine_hist.d_res_low                        34.0090 
_refine_hist.number_atoms_solvent             0 
_refine_hist.number_atoms_total               855 
_refine_hist.number_reflns_all                ? 
_refine_hist.number_reflns_obs                ? 
_refine_hist.number_reflns_R_free             ? 
_refine_hist.number_reflns_R_work             ? 
_refine_hist.R_factor_all                     ? 
_refine_hist.R_factor_obs                     ? 
_refine_hist.R_factor_R_free                  ? 
_refine_hist.R_factor_R_work                  ? 
_refine_hist.pdbx_number_residues_total       42 
_refine_hist.pdbx_B_iso_mean_ligand           ? 
_refine_hist.pdbx_B_iso_mean_solvent          ? 
_refine_hist.pdbx_number_atoms_protein        0 
_refine_hist.pdbx_number_atoms_nucleic_acid   855 
_refine_hist.pdbx_number_atoms_ligand         0 
_refine_hist.pdbx_number_atoms_lipid          ? 
_refine_hist.pdbx_number_atoms_carb           ? 
_refine_hist.pdbx_pseudo_atom_details         ? 
# 
loop_
_refine_ls_restr.pdbx_refine_id 
_refine_ls_restr.criterion 
_refine_ls_restr.dev_ideal 
_refine_ls_restr.dev_ideal_target 
_refine_ls_restr.number 
_refine_ls_restr.rejects 
_refine_ls_restr.type 
_refine_ls_restr.weight 
_refine_ls_restr.pdbx_restraint_function 
'X-RAY DIFFRACTION' ? 0.006  ? 956  ? f_bond_d           ? ? 
'X-RAY DIFFRACTION' ? 0.776  ? 1467 ? f_angle_d          ? ? 
'X-RAY DIFFRACTION' ? 0.041  ? 166  ? f_chiral_restr     ? ? 
'X-RAY DIFFRACTION' ? 0.005  ? 42   ? f_plane_restr      ? ? 
'X-RAY DIFFRACTION' ? 36.234 ? 406  ? f_dihedral_angle_d ? ? 
# 
loop_
_refine_ls_shell.pdbx_refine_id 
_refine_ls_shell.d_res_high 
_refine_ls_shell.d_res_low 
_refine_ls_shell.number_reflns_all 
_refine_ls_shell.number_reflns_obs 
_refine_ls_shell.number_reflns_R_free 
_refine_ls_shell.number_reflns_R_work 
_refine_ls_shell.percent_reflns_obs 
_refine_ls_shell.percent_reflns_R_free 
_refine_ls_shell.R_factor_all 
_refine_ls_shell.R_factor_obs 
_refine_ls_shell.R_factor_R_free 
_refine_ls_shell.R_factor_R_free_error 
_refine_ls_shell.R_factor_R_work 
_refine_ls_shell.redundancy_reflns_all 
_refine_ls_shell.redundancy_reflns_obs 
_refine_ls_shell.wR_factor_all 
_refine_ls_shell.wR_factor_obs 
_refine_ls_shell.wR_factor_R_free 
_refine_ls_shell.wR_factor_R_work 
_refine_ls_shell.pdbx_R_complete 
_refine_ls_shell.pdbx_total_number_of_bins_used 
_refine_ls_shell.pdbx_phase_error 
_refine_ls_shell.pdbx_fsc_work 
_refine_ls_shell.pdbx_fsc_free 
'X-RAY DIFFRACTION' 3.1002 3.5484 . . 78  681  45.0000  . . . 0.2828 0.0000 0.2253 . . . . . . . . . . . 
'X-RAY DIFFRACTION' 3.5484 4.4691 . . 124 1143 75.0000  . . . 0.3239 0.0000 0.3436 . . . . . . . . . . . 
'X-RAY DIFFRACTION' 4.4691 34.009 . . 160 1521 100.0000 . . . 0.2059 0.0000 0.1518 . . . . . . . . . . . 
# 
_struct.entry_id                     7JFV 
_struct.title                        
'Self-assembly of a 3D DNA crystal lattice (4x6 junction version) containing the J7 immobile Holliday junction' 
_struct.pdbx_model_details           ? 
_struct.pdbx_formula_weight          ? 
_struct.pdbx_formula_weight_method   ? 
_struct.pdbx_model_type_details      ? 
_struct.pdbx_CASP_flag               N 
# 
_struct_keywords.entry_id        7JFV 
_struct_keywords.text            
'Structural DNA nanotechnology, immobile Holliday junctions, 3D DNA self-assembly, designer DNA crystals, DNA' 
_struct_keywords.pdbx_keywords   DNA 
# 
loop_
_struct_asym.id 
_struct_asym.pdbx_blank_PDB_chainid_flag 
_struct_asym.pdbx_modified 
_struct_asym.entity_id 
_struct_asym.details 
A N N 1 ? 
B N N 2 ? 
C N N 3 ? 
D N N 4 ? 
# 
loop_
_struct_conn.id 
_struct_conn.conn_type_id 
_struct_conn.pdbx_leaving_atom_flag 
_struct_conn.pdbx_PDB_id 
_struct_conn.ptnr1_label_asym_id 
_struct_conn.ptnr1_label_comp_id 
_struct_conn.ptnr1_label_seq_id 
_struct_conn.ptnr1_label_atom_id 
_struct_conn.pdbx_ptnr1_label_alt_id 
_struct_conn.pdbx_ptnr1_PDB_ins_code 
_struct_conn.pdbx_ptnr1_standard_comp_id 
_struct_conn.ptnr1_symmetry 
_struct_conn.ptnr2_label_asym_id 
_struct_conn.ptnr2_label_comp_id 
_struct_conn.ptnr2_label_seq_id 
_struct_conn.ptnr2_label_atom_id 
_struct_conn.pdbx_ptnr2_label_alt_id 
_struct_conn.pdbx_ptnr2_PDB_ins_code 
_struct_conn.ptnr1_auth_asym_id 
_struct_conn.ptnr1_auth_comp_id 
_struct_conn.ptnr1_auth_seq_id 
_struct_conn.ptnr2_auth_asym_id 
_struct_conn.ptnr2_auth_comp_id 
_struct_conn.ptnr2_auth_seq_id 
_struct_conn.ptnr2_symmetry 
_struct_conn.pdbx_ptnr3_label_atom_id 
_struct_conn.pdbx_ptnr3_label_seq_id 
_struct_conn.pdbx_ptnr3_label_comp_id 
_struct_conn.pdbx_ptnr3_label_asym_id 
_struct_conn.pdbx_ptnr3_label_alt_id 
_struct_conn.pdbx_ptnr3_PDB_ins_code 
_struct_conn.details 
_struct_conn.pdbx_dist_value 
_struct_conn.pdbx_value_order 
_struct_conn.pdbx_role 
hydrog1  hydrog ? ? A DG 3  N2 ? ? ? 1_555 D DC 15 N3 ? ? A DG 3  D DC 16 1_555 ? ? ? ? ? ? 'DG-DC PAIR' ? ? ? 
hydrog2  hydrog ? ? A DC 4  N3 ? ? ? 1_555 D DG 14 N1 ? ? A DC 4  D DG 15 1_555 ? ? ? ? ? ? WATSON-CRICK ? ? ? 
hydrog3  hydrog ? ? A DC 4  N4 ? ? ? 1_555 D DG 14 O6 ? ? A DC 4  D DG 15 1_555 ? ? ? ? ? ? WATSON-CRICK ? ? ? 
hydrog4  hydrog ? ? A DC 4  O2 ? ? ? 1_555 D DG 14 N2 ? ? A DC 4  D DG 15 1_555 ? ? ? ? ? ? WATSON-CRICK ? ? ? 
hydrog5  hydrog ? ? A DA 5  N1 ? ? ? 1_555 D DT 13 N3 ? ? A DA 5  D DT 14 1_555 ? ? ? ? ? ? WATSON-CRICK ? ? ? 
hydrog6  hydrog ? ? A DA 5  N6 ? ? ? 1_555 D DT 13 O4 ? ? A DA 5  D DT 14 1_555 ? ? ? ? ? ? WATSON-CRICK ? ? ? 
hydrog7  hydrog ? ? A DG 6  N1 ? ? ? 1_555 D DC 12 N3 ? ? A DG 6  D DC 13 1_555 ? ? ? ? ? ? WATSON-CRICK ? ? ? 
hydrog8  hydrog ? ? A DG 6  N2 ? ? ? 1_555 D DC 12 O2 ? ? A DG 6  D DC 13 1_555 ? ? ? ? ? ? WATSON-CRICK ? ? ? 
hydrog9  hydrog ? ? A DG 6  O6 ? ? ? 1_555 D DC 12 N4 ? ? A DG 6  D DC 13 1_555 ? ? ? ? ? ? WATSON-CRICK ? ? ? 
hydrog10 hydrog ? ? A DA 7  N1 ? ? ? 1_555 D DT 11 N3 ? ? A DA 7  D DT 12 1_555 ? ? ? ? ? ? WATSON-CRICK ? ? ? 
hydrog11 hydrog ? ? A DA 7  N6 ? ? ? 1_555 D DT 11 O4 ? ? A DA 7  D DT 12 1_555 ? ? ? ? ? ? WATSON-CRICK ? ? ? 
hydrog12 hydrog ? ? A DC 8  N3 ? ? ? 1_555 D DG 10 N1 ? ? A DC 8  D DG 11 1_555 ? ? ? ? ? ? WATSON-CRICK ? ? ? 
hydrog13 hydrog ? ? A DC 8  N4 ? ? ? 1_555 D DG 10 O6 ? ? A DC 8  D DG 11 1_555 ? ? ? ? ? ? WATSON-CRICK ? ? ? 
hydrog14 hydrog ? ? A DC 8  O2 ? ? ? 1_555 D DG 10 N2 ? ? A DC 8  D DG 11 1_555 ? ? ? ? ? ? WATSON-CRICK ? ? ? 
hydrog15 hydrog ? ? A DC 9  N3 ? ? ? 1_555 D DG 9  N1 ? ? A DC 9  D DG 10 1_555 ? ? ? ? ? ? WATSON-CRICK ? ? ? 
hydrog16 hydrog ? ? A DC 9  N4 ? ? ? 1_555 D DG 9  O6 ? ? A DC 9  D DG 10 1_555 ? ? ? ? ? ? WATSON-CRICK ? ? ? 
hydrog17 hydrog ? ? A DC 9  O2 ? ? ? 1_555 D DG 9  N2 ? ? A DC 9  D DG 10 1_555 ? ? ? ? ? ? WATSON-CRICK ? ? ? 
hydrog18 hydrog ? ? A DA 10 N1 ? ? ? 1_555 C DT 3  N3 ? ? A DA 10 C DT 2  1_555 ? ? ? ? ? ? WATSON-CRICK ? ? ? 
hydrog19 hydrog ? ? A DA 10 N6 ? ? ? 1_555 C DT 3  O4 ? ? A DA 10 C DT 2  1_555 ? ? ? ? ? ? WATSON-CRICK ? ? ? 
hydrog20 hydrog ? ? A DG 11 N1 ? ? ? 1_555 C DC 2  N3 ? ? A DG 11 C DC 1  1_555 ? ? ? ? ? ? WATSON-CRICK ? ? ? 
hydrog21 hydrog ? ? A DG 11 N2 ? ? ? 1_555 C DC 2  O2 ? ? A DG 11 C DC 1  1_555 ? ? ? ? ? ? WATSON-CRICK ? ? ? 
hydrog22 hydrog ? ? A DG 11 O6 ? ? ? 1_555 C DC 2  N4 ? ? A DG 11 C DC 1  1_555 ? ? ? ? ? ? WATSON-CRICK ? ? ? 
hydrog23 hydrog ? ? A DA 12 N1 ? ? ? 1_555 C DT 1  N3 ? ? A DA 12 C DT 0  1_555 ? ? ? ? ? ? WATSON-CRICK ? ? ? 
hydrog24 hydrog ? ? A DA 12 N6 ? ? ? 1_555 C DT 1  O4 ? ? A DA 12 C DT 0  1_555 ? ? ? ? ? ? WATSON-CRICK ? ? ? 
hydrog25 hydrog ? ? B DC 1  N3 ? ? ? 1_555 C DG 6  N1 ? ? B DC 12 C DG 5  1_555 ? ? ? ? ? ? WATSON-CRICK ? ? ? 
hydrog26 hydrog ? ? B DC 1  N4 ? ? ? 1_555 C DG 6  O6 ? ? B DC 12 C DG 5  1_555 ? ? ? ? ? ? WATSON-CRICK ? ? ? 
hydrog27 hydrog ? ? B DC 1  O2 ? ? ? 1_555 C DG 6  N2 ? ? B DC 12 C DG 5  1_555 ? ? ? ? ? ? WATSON-CRICK ? ? ? 
hydrog28 hydrog ? ? B DG 2  O6 ? ? ? 1_555 C DC 5  N4 ? ? B DG 13 C DC 4  1_555 ? ? ? ? ? ? 'DG-DC PAIR' ? ? ? 
hydrog29 hydrog ? ? B DG 3  N1 ? ? ? 1_555 C DC 4  N3 ? ? B DG 14 C DC 3  1_555 ? ? ? ? ? ? WATSON-CRICK ? ? ? 
hydrog30 hydrog ? ? B DG 3  N2 ? ? ? 1_555 C DC 4  O2 ? ? B DG 14 C DC 3  1_555 ? ? ? ? ? ? WATSON-CRICK ? ? ? 
hydrog31 hydrog ? ? B DG 3  O6 ? ? ? 1_555 C DC 4  N4 ? ? B DG 14 C DC 3  1_555 ? ? ? ? ? ? WATSON-CRICK ? ? ? 
hydrog32 hydrog ? ? B DT 4  N3 ? ? ? 1_555 D DA 8  N1 ? ? B DT 15 D DA 9  1_555 ? ? ? ? ? ? WATSON-CRICK ? ? ? 
hydrog33 hydrog ? ? B DT 4  O4 ? ? ? 1_555 D DA 8  N6 ? ? B DT 15 D DA 9  1_555 ? ? ? ? ? ? WATSON-CRICK ? ? ? 
hydrog34 hydrog ? ? B DA 5  N1 ? ? ? 1_555 D DT 7  N3 ? ? B DA 16 D DT 8  1_555 ? ? ? ? ? ? WATSON-CRICK ? ? ? 
hydrog35 hydrog ? ? B DA 5  N6 ? ? ? 1_555 D DT 7  O4 ? ? B DA 16 D DT 8  1_555 ? ? ? ? ? ? WATSON-CRICK ? ? ? 
hydrog36 hydrog ? ? B DC 6  N3 ? ? ? 1_555 D DG 6  N1 ? ? B DC 17 D DG 7  1_555 ? ? ? ? ? ? WATSON-CRICK ? ? ? 
hydrog37 hydrog ? ? B DC 6  N4 ? ? ? 1_555 D DG 6  O6 ? ? B DC 17 D DG 7  1_555 ? ? ? ? ? ? WATSON-CRICK ? ? ? 
hydrog38 hydrog ? ? B DC 6  O2 ? ? ? 1_555 D DG 6  N2 ? ? B DC 17 D DG 7  1_555 ? ? ? ? ? ? WATSON-CRICK ? ? ? 
hydrog39 hydrog ? ? B DT 7  N3 ? ? ? 1_555 D DA 5  N1 ? ? B DT 18 D DA 6  1_555 ? ? ? ? ? ? WATSON-CRICK ? ? ? 
hydrog40 hydrog ? ? B DT 7  O4 ? ? ? 1_555 D DA 5  N6 ? ? B DT 18 D DA 6  1_555 ? ? ? ? ? ? WATSON-CRICK ? ? ? 
hydrog41 hydrog ? ? B DC 8  N3 ? ? ? 1_555 D DG 4  N1 ? ? B DC 19 D DG 5  1_555 ? ? ? ? ? ? WATSON-CRICK ? ? ? 
hydrog42 hydrog ? ? B DC 8  N4 ? ? ? 1_555 D DG 4  O6 ? ? B DC 19 D DG 5  1_555 ? ? ? ? ? ? WATSON-CRICK ? ? ? 
hydrog43 hydrog ? ? B DC 8  O2 ? ? ? 1_555 D DG 4  N2 ? ? B DC 19 D DG 5  1_555 ? ? ? ? ? ? WATSON-CRICK ? ? ? 
hydrog44 hydrog ? ? B DA 9  N6 ? ? ? 1_555 D DT 3  O4 ? ? B DA 20 D DT 4  1_555 ? ? ? ? ? ? 'DA-DT PAIR' ? ? ? 
# 
_struct_conn_type.id          hydrog 
_struct_conn_type.criteria    ? 
_struct_conn_type.reference   ? 
# 
_atom_sites.entry_id                    7JFV 
_atom_sites.Cartn_transf_matrix[1][1]   ? 
_atom_sites.Cartn_transf_matrix[1][2]   ? 
_atom_sites.Cartn_transf_matrix[1][3]   ? 
_atom_sites.Cartn_transf_matrix[2][1]   ? 
_atom_sites.Cartn_transf_matrix[2][2]   ? 
_atom_sites.Cartn_transf_matrix[2][3]   ? 
_atom_sites.Cartn_transf_matrix[3][1]   ? 
_atom_sites.Cartn_transf_matrix[3][2]   ? 
_atom_sites.Cartn_transf_matrix[3][3]   ? 
_atom_sites.Cartn_transf_vector[1]      ? 
_atom_sites.Cartn_transf_vector[2]      ? 
_atom_sites.Cartn_transf_vector[3]      ? 
_atom_sites.fract_transf_matrix[1][1]   0.01273984 
_atom_sites.fract_transf_matrix[1][2]   -0.00743165 
_atom_sites.fract_transf_matrix[1][3]   -0.00840606 
_atom_sites.fract_transf_matrix[2][1]   0.00412801 
_atom_sites.fract_transf_matrix[2][2]   0.00531582 
_atom_sites.fract_transf_matrix[2][3]   -0.01558589 
_atom_sites.fract_transf_matrix[3][1]   0.01189857 
_atom_sites.fract_transf_matrix[3][2]   0.01214670 
_atom_sites.fract_transf_matrix[3][3]   0.00729423 
_atom_sites.fract_transf_vector[1]      -0.173248 
_atom_sites.fract_transf_vector[2]      0.147397 
_atom_sites.fract_transf_vector[3]      -0.113272 
_atom_sites.solution_primary            ? 
_atom_sites.solution_secondary          ? 
_atom_sites.solution_hydrogens          ? 
_atom_sites.special_details             ? 
# 
loop_
_atom_type.symbol 
C 
H 
N 
O 
P 
# 
loop_
_atom_site.group_PDB 
_atom_site.id 
_atom_site.type_symbol 
_atom_site.label_atom_id 
_atom_site.label_alt_id 
_atom_site.label_comp_id 
_atom_site.label_asym_id 
_atom_site.label_entity_id 
_atom_site.label_seq_id 
_atom_site.pdbx_PDB_ins_code 
_atom_site.Cartn_x 
_atom_site.Cartn_y 
_atom_site.Cartn_z 
_atom_site.occupancy 
_atom_site.B_iso_or_equiv 
_atom_site.pdbx_formal_charge 
_atom_site.auth_seq_id 
_atom_site.auth_comp_id 
_atom_site.auth_asym_id 
_atom_site.auth_atom_id 
_atom_site.pdbx_PDB_model_num 
ATOM 1    O "O5'"  . DG A 1 1  ? -6.761  20.455  13.334  1.00 136.25 ? 1  DG A "O5'"  1 
ATOM 2    C "C5'"  . DG A 1 1  ? -6.999  19.131  12.866  1.00 128.20 ? 1  DG A "C5'"  1 
ATOM 3    C "C4'"  . DG A 1 1  ? -8.005  19.137  11.731  1.00 118.76 ? 1  DG A "C4'"  1 
ATOM 4    O "O4'"  . DG A 1 1  ? -7.659  20.172  10.798  1.00 102.35 ? 1  DG A "O4'"  1 
ATOM 5    C "C3'"  . DG A 1 1  ? -8.053  17.868  10.886  1.00 123.85 ? 1  DG A "C3'"  1 
ATOM 6    O "O3'"  . DG A 1 1  ? -8.982  16.926  11.420  1.00 133.13 ? 1  DG A "O3'"  1 
ATOM 7    C "C2'"  . DG A 1 1  ? -8.474  18.375  9.498   1.00 112.28 ? 1  DG A "C2'"  1 
ATOM 8    C "C1'"  . DG A 1 1  ? -8.313  19.896  9.589   1.00 97.70  ? 1  DG A "C1'"  1 
ATOM 9    N N9     . DG A 1 1  ? -7.561  20.478  8.489   1.00 86.39  ? 1  DG A N9     1 
ATOM 10   C C8     . DG A 1 1  ? -6.540  21.401  8.558   1.00 85.34  ? 1  DG A C8     1 
ATOM 11   N N7     . DG A 1 1  ? -6.086  21.755  7.385   1.00 79.54  ? 1  DG A N7     1 
ATOM 12   C C5     . DG A 1 1  ? -6.862  21.026  6.489   1.00 83.14  ? 1  DG A C5     1 
ATOM 13   C C6     . DG A 1 1  ? -6.831  20.988  5.078   1.00 86.30  ? 1  DG A C6     1 
ATOM 14   O O6     . DG A 1 1  ? -6.091  21.614  4.305   1.00 89.48  ? 1  DG A O6     1 
ATOM 15   N N1     . DG A 1 1  ? -7.788  20.112  4.570   1.00 87.65  ? 1  DG A N1     1 
ATOM 16   C C2     . DG A 1 1  ? -8.656  19.362  5.332   1.00 94.49  ? 1  DG A C2     1 
ATOM 17   N N2     . DG A 1 1  ? -9.514  18.574  4.671   1.00 98.91  ? 1  DG A N2     1 
ATOM 18   N N3     . DG A 1 1  ? -8.696  19.394  6.648   1.00 96.12  ? 1  DG A N3     1 
ATOM 19   C C4     . DG A 1 1  ? -7.773  20.241  7.159   1.00 87.84  ? 1  DG A C4     1 
ATOM 20   H "H5'"  . DG A 1 1  ? -7.343  18.592  13.595  1.00 153.84 ? 1  DG A "H5'"  1 
ATOM 21   H "H5''" . DG A 1 1  ? -6.165  18.748  12.551  1.00 153.84 ? 1  DG A "H5''" 1 
ATOM 22   H "H4'"  . DG A 1 1  ? -8.888  19.314  12.089  1.00 142.51 ? 1  DG A "H4'"  1 
ATOM 23   H "H3'"  . DG A 1 1  ? -7.170  17.471  10.837  1.00 148.62 ? 1  DG A "H3'"  1 
ATOM 24   H "H2'"  . DG A 1 1  ? -7.890  18.012  8.813   1.00 134.74 ? 1  DG A "H2'"  1 
ATOM 25   H "H2''" . DG A 1 1  ? -9.398  18.142  9.317   1.00 134.74 ? 1  DG A "H2''" 1 
ATOM 26   H "H1'"  . DG A 1 1  ? -9.194  20.302  9.612   1.00 117.23 ? 1  DG A "H1'"  1 
ATOM 27   H H8     . DG A 1 1  ? -6.205  21.736  9.359   1.00 102.40 ? 1  DG A H8     1 
ATOM 28   H H1     . DG A 1 1  ? -7.837  20.031  3.716   1.00 105.18 ? 1  DG A H1     1 
ATOM 29   H H21    . DG A 1 1  ? -10.085 18.100  5.106   1.00 118.69 ? 1  DG A H21    1 
ATOM 30   H H22    . DG A 1 1  ? -9.494  18.542  3.812   1.00 118.69 ? 1  DG A H22    1 
ATOM 31   H "HO5'" . DG A 1 1  ? -6.520  21.055  12.796  1.00 163.50 ? 1  DG A "HO5'" 1 
ATOM 32   P P      . DA A 1 2  ? -8.567  15.380  11.572  1.00 141.37 ? 2  DA A P      1 
ATOM 33   O OP1    . DA A 1 2  ? -9.515  14.768  12.530  1.00 140.82 ? 2  DA A OP1    1 
ATOM 34   O OP2    . DA A 1 2  ? -7.110  15.329  11.831  1.00 134.57 ? 2  DA A OP2    1 
ATOM 35   O "O5'"  . DA A 1 2  ? -8.821  14.753  10.119  1.00 129.96 ? 2  DA A "O5'"  1 
ATOM 36   C "C5'"  . DA A 1 2  ? -10.091 14.183  9.797   1.00 131.52 ? 2  DA A "C5'"  1 
ATOM 37   C "C4'"  . DA A 1 2  ? -10.229 13.960  8.300   1.00 126.68 ? 2  DA A "C4'"  1 
ATOM 38   O "O4'"  . DA A 1 2  ? -9.594  15.061  7.589   1.00 123.03 ? 2  DA A "O4'"  1 
ATOM 39   C "C3'"  . DA A 1 2  ? -9.564  12.694  7.767   1.00 124.71 ? 2  DA A "C3'"  1 
ATOM 40   O "O3'"  . DA A 1 2  ? -10.298 12.163  6.656   1.00 128.86 ? 2  DA A "O3'"  1 
ATOM 41   C "C2'"  . DA A 1 2  ? -8.186  13.195  7.370   1.00 122.48 ? 2  DA A "C2'"  1 
ATOM 42   C "C1'"  . DA A 1 2  ? -8.506  14.577  6.820   1.00 120.47 ? 2  DA A "C1'"  1 
ATOM 43   N N9     . DA A 1 2  ? -7.404  15.531  6.908   1.00 117.00 ? 2  DA A N9     1 
ATOM 44   C C8     . DA A 1 2  ? -6.682  15.863  8.022   1.00 114.63 ? 2  DA A C8     1 
ATOM 45   N N7     . DA A 1 2  ? -5.753  16.763  7.801   1.00 116.52 ? 2  DA A N7     1 
ATOM 46   C C5     . DA A 1 2  ? -5.870  17.037  6.449   1.00 120.58 ? 2  DA A C5     1 
ATOM 47   C C6     . DA A 1 2  ? -5.169  17.907  5.593   1.00 125.45 ? 2  DA A C6     1 
ATOM 48   N N6     . DA A 1 2  ? -4.165  18.691  6.002   1.00 131.43 ? 2  DA A N6     1 
ATOM 49   N N1     . DA A 1 2  ? -5.538  17.939  4.296   1.00 127.71 ? 2  DA A N1     1 
ATOM 50   C C2     . DA A 1 2  ? -6.543  17.152  3.892   1.00 115.11 ? 2  DA A C2     1 
ATOM 51   N N3     . DA A 1 2  ? -7.274  16.297  4.601   1.00 117.73 ? 2  DA A N3     1 
ATOM 52   C C4     . DA A 1 2  ? -6.883  16.288  5.885   1.00 123.37 ? 2  DA A C4     1 
ATOM 53   H "H5'"  . DA A 1 2  ? -10.794 14.782  10.095  1.00 157.82 ? 2  DA A "H5'"  1 
ATOM 54   H "H5''" . DA A 1 2  ? -10.182 13.332  10.254  1.00 157.82 ? 2  DA A "H5''" 1 
ATOM 55   H "H4'"  . DA A 1 2  ? -11.172 13.939  8.071   1.00 152.01 ? 2  DA A "H4'"  1 
ATOM 56   H "H3'"  . DA A 1 2  ? -9.490  12.031  8.471   1.00 149.65 ? 2  DA A "H3'"  1 
ATOM 57   H "H2'"  . DA A 1 2  ? -7.604  13.257  8.144   1.00 146.97 ? 2  DA A "H2'"  1 
ATOM 58   H "H2''" . DA A 1 2  ? -7.796  12.631  6.684   1.00 146.97 ? 2  DA A "H2''" 1 
ATOM 59   H "H1'"  . DA A 1 2  ? -8.783  14.494  5.894   1.00 144.57 ? 2  DA A "H1'"  1 
ATOM 60   H H8     . DA A 1 2  ? -6.841  15.490  8.859   1.00 137.55 ? 2  DA A H8     1 
ATOM 61   H H61    . DA A 1 2  ? -3.765  19.206  5.440   1.00 157.72 ? 2  DA A H61    1 
ATOM 62   H H62    . DA A 1 2  ? -3.919  18.680  6.826   1.00 157.72 ? 2  DA A H62    1 
ATOM 63   H H2     . DA A 1 2  ? -6.760  17.211  2.989   1.00 138.13 ? 2  DA A H2     1 
ATOM 64   P P      . DG A 1 3  ? -9.880  10.760  5.989   1.00 130.96 ? 3  DG A P      1 
ATOM 65   O OP1    . DG A 1 3  ? -11.053 9.861   6.074   1.00 133.20 ? 3  DG A OP1    1 
ATOM 66   O OP2    . DG A 1 3  ? -8.589  10.342  6.580   1.00 129.46 ? 3  DG A OP2    1 
ATOM 67   O "O5'"  . DG A 1 3  ? -9.626  11.128  4.449   1.00 119.05 ? 3  DG A "O5'"  1 
ATOM 68   C "C5'"  . DG A 1 3  ? -8.815  12.246  4.115   1.00 114.10 ? 3  DG A "C5'"  1 
ATOM 69   C "C4'"  . DG A 1 3  ? -8.483  12.269  2.635   1.00 115.75 ? 3  DG A "C4'"  1 
ATOM 70   O "O4'"  . DG A 1 3  ? -7.551  13.345  2.374   1.00 113.34 ? 3  DG A "O4'"  1 
ATOM 71   C "C3'"  . DG A 1 3  ? -7.822  11.006  2.103   1.00 120.40 ? 3  DG A "C3'"  1 
ATOM 72   O "O3'"  . DG A 1 3  ? -8.269  10.714  0.778   1.00 128.11 ? 3  DG A "O3'"  1 
ATOM 73   C "C2'"  . DG A 1 3  ? -6.323  11.313  2.159   1.00 116.27 ? 3  DG A "C2'"  1 
ATOM 74   C "C1'"  . DG A 1 3  ? -6.239  12.842  2.201   1.00 112.59 ? 3  DG A "C1'"  1 
ATOM 75   N N9     . DG A 1 3  ? -5.391  13.350  3.281   1.00 108.10 ? 3  DG A N9     1 
ATOM 76   C C8     . DG A 1 3  ? -5.416  12.977  4.605   1.00 105.30 ? 3  DG A C8     1 
ATOM 77   N N7     . DG A 1 3  ? -4.537  13.600  5.339   1.00 102.04 ? 3  DG A N7     1 
ATOM 78   C C5     . DG A 1 3  ? -3.885  14.440  4.447   1.00 105.83 ? 3  DG A C5     1 
ATOM 79   C C6     . DG A 1 3  ? -2.833  15.361  4.666   1.00 107.12 ? 3  DG A C6     1 
ATOM 80   O O6     . DG A 1 3  ? -2.251  15.625  5.728   1.00 103.22 ? 3  DG A O6     1 
ATOM 81   N N1     . DG A 1 3  ? -2.467  16.012  3.491   1.00 110.03 ? 3  DG A N1     1 
ATOM 82   C C2     . DG A 1 3  ? -3.045  15.797  2.262   1.00 107.13 ? 3  DG A C2     1 
ATOM 83   N N2     . DG A 1 3  ? -2.560  16.516  1.244   1.00 110.75 ? 3  DG A N2     1 
ATOM 84   N N3     . DG A 1 3  ? -4.029  14.938  2.044   1.00 103.75 ? 3  DG A N3     1 
ATOM 85   C C4     . DG A 1 3  ? -4.397  14.298  3.177   1.00 106.68 ? 3  DG A C4     1 
ATOM 86   H "H5'"  . DG A 1 3  ? -7.990  12.202  4.624   1.00 136.92 ? 3  DG A "H5'"  1 
ATOM 87   H "H5''" . DG A 1 3  ? -9.287  13.061  4.347   1.00 136.92 ? 3  DG A "H5''" 1 
ATOM 88   H "H4'"  . DG A 1 3  ? -9.297  12.431  2.134   1.00 138.90 ? 3  DG A "H4'"  1 
ATOM 89   H "H3'"  . DG A 1 3  ? -8.024  10.259  2.689   1.00 144.48 ? 3  DG A "H3'"  1 
ATOM 90   H "H2'"  . DG A 1 3  ? -5.930  10.932  2.960   1.00 139.52 ? 3  DG A "H2'"  1 
ATOM 91   H "H2''" . DG A 1 3  ? -5.878  10.972  1.367   1.00 139.52 ? 3  DG A "H2''" 1 
ATOM 92   H "H1'"  . DG A 1 3  ? -5.891  13.160  1.352   1.00 135.11 ? 3  DG A "H1'"  1 
ATOM 93   H H8     . DG A 1 3  ? -6.002  12.340  4.944   1.00 126.36 ? 3  DG A H8     1 
ATOM 94   H H1     . DG A 1 3  ? -1.833  16.590  3.537   1.00 132.04 ? 3  DG A H1     1 
ATOM 95   H H21    . DG A 1 3  ? -2.886  16.419  0.455   1.00 132.90 ? 3  DG A H21    1 
ATOM 96   H H22    . DG A 1 3  ? -1.922  17.077  1.380   1.00 132.90 ? 3  DG A H22    1 
ATOM 97   P P      . DC A 1 4  ? -7.761  9.385   0.030   1.00 119.68 ? 4  DC A P      1 
ATOM 98   O OP1    . DC A 1 4  ? -8.742  9.042   -1.024  1.00 118.32 ? 4  DC A OP1    1 
ATOM 99   O OP2    . DC A 1 4  ? -7.434  8.389   1.074   1.00 118.47 ? 4  DC A OP2    1 
ATOM 100  O "O5'"  . DC A 1 4  ? -6.395  9.842   -0.664  1.00 112.82 ? 4  DC A "O5'"  1 
ATOM 101  C "C5'"  . DC A 1 4  ? -6.386  10.980  -1.518  1.00 112.22 ? 4  DC A "C5'"  1 
ATOM 102  C "C4'"  . DC A 1 4  ? -4.966  11.386  -1.882  1.00 113.49 ? 4  DC A "C4'"  1 
ATOM 103  O "O4'"  . DC A 1 4  ? -4.355  12.072  -0.771  1.00 116.25 ? 4  DC A "O4'"  1 
ATOM 104  C "C3'"  . DC A 1 4  ? -4.027  10.226  -2.211  1.00 120.33 ? 4  DC A "C3'"  1 
ATOM 105  O "O3'"  . DC A 1 4  ? -3.873  10.104  -3.620  1.00 123.54 ? 4  DC A "O3'"  1 
ATOM 106  C "C2'"  . DC A 1 4  ? -2.704  10.576  -1.499  1.00 115.90 ? 4  DC A "C2'"  1 
ATOM 107  C "C1'"  . DC A 1 4  ? -2.959  11.950  -0.886  1.00 111.15 ? 4  DC A "C1'"  1 
ATOM 108  N N1     . DC A 1 4  ? -2.351  12.152  0.473   1.00 103.49 ? 4  DC A N1     1 
ATOM 109  C C2     . DC A 1 4  ? -1.345  13.111  0.652   1.00 102.41 ? 4  DC A C2     1 
ATOM 110  O O2     . DC A 1 4  ? -0.957  13.769  -0.320  1.00 107.49 ? 4  DC A O2     1 
ATOM 111  N N3     . DC A 1 4  ? -0.820  13.290  1.892   1.00 101.10 ? 4  DC A N3     1 
ATOM 112  C C4     . DC A 1 4  ? -1.265  12.563  2.917   1.00 100.67 ? 4  DC A C4     1 
ATOM 113  N N4     . DC A 1 4  ? -0.716  12.773  4.119   1.00 101.38 ? 4  DC A N4     1 
ATOM 114  C C5     . DC A 1 4  ? -2.291  11.585  2.757   1.00 101.12 ? 4  DC A C5     1 
ATOM 115  C C6     . DC A 1 4  ? -2.804  11.418  1.531   1.00 102.31 ? 4  DC A C6     1 
ATOM 116  H "H5'"  . DC A 1 4  ? -6.821  11.720  -1.066  1.00 134.66 ? 4  DC A "H5'"  1 
ATOM 117  H "H5''" . DC A 1 4  ? -6.874  10.772  -2.329  1.00 134.66 ? 4  DC A "H5''" 1 
ATOM 118  H "H4'"  . DC A 1 4  ? -4.999  11.988  -2.641  1.00 136.18 ? 4  DC A "H4'"  1 
ATOM 119  H "H3'"  . DC A 1 4  ? -4.386  9.402   -1.848  1.00 144.40 ? 4  DC A "H3'"  1 
ATOM 120  H "H2'"  . DC A 1 4  ? -2.510  9.925   -0.805  1.00 139.08 ? 4  DC A "H2'"  1 
ATOM 121  H "H2''" . DC A 1 4  ? -1.976  10.618  -2.139  1.00 139.08 ? 4  DC A "H2''" 1 
ATOM 122  H "H1'"  . DC A 1 4  ? -2.627  12.635  -1.489  1.00 133.39 ? 4  DC A "H1'"  1 
ATOM 123  H H41    . DC A 1 4  ? -0.982  12.319  4.800   1.00 121.66 ? 4  DC A H41    1 
ATOM 124  H H42    . DC A 1 4  ? -0.097  13.363  4.212   1.00 121.66 ? 4  DC A H42    1 
ATOM 125  H H5     . DC A 1 4  ? -2.597  11.084  3.478   1.00 121.35 ? 4  DC A H5     1 
ATOM 126  H H6     . DC A 1 4  ? -3.476  10.789  1.398   1.00 122.78 ? 4  DC A H6     1 
ATOM 127  P P      . DA A 1 5  ? -3.104  8.841   -4.246  1.00 123.78 ? 5  DA A P      1 
ATOM 128  O OP1    . DA A 1 5  ? -3.714  8.543   -5.562  1.00 109.31 ? 5  DA A OP1    1 
ATOM 129  O OP2    . DA A 1 5  ? -3.046  7.794   -3.203  1.00 121.08 ? 5  DA A OP2    1 
ATOM 130  O "O5'"  . DA A 1 5  ? -1.621  9.386   -4.477  1.00 115.28 ? 5  DA A "O5'"  1 
ATOM 131  C "C5'"  . DA A 1 5  ? -1.421  10.652  -5.093  1.00 119.07 ? 5  DA A "C5'"  1 
ATOM 132  C "C4'"  . DA A 1 5  ? -0.030  11.178  -4.802  1.00 115.14 ? 5  DA A "C4'"  1 
ATOM 133  O "O4'"  . DA A 1 5  ? 0.084   11.478  -3.397  1.00 110.49 ? 5  DA A "O4'"  1 
ATOM 134  C "C3'"  . DA A 1 5  ? 1.095   10.195  -5.120  1.00 118.02 ? 5  DA A "C3'"  1 
ATOM 135  O "O3'"  . DA A 1 5  ? 1.809   10.628  -6.270  1.00 119.86 ? 5  DA A "O3'"  1 
ATOM 136  C "C2'"  . DA A 1 5  ? 1.973   10.165  -3.854  1.00 114.78 ? 5  DA A "C2'"  1 
ATOM 137  C "C1'"  . DA A 1 5  ? 1.413   11.285  -2.985  1.00 107.23 ? 5  DA A "C1'"  1 
ATOM 138  N N9     . DA A 1 5  ? 1.397   10.992  -1.556  1.00 103.14 ? 5  DA A N9     1 
ATOM 139  C C8     . DA A 1 5  ? 0.594   10.093  -0.911  1.00 103.18 ? 5  DA A C8     1 
ATOM 140  N N7     . DA A 1 5  ? 0.779   10.056  0.388   1.00 100.71 ? 5  DA A N7     1 
ATOM 141  C C5     . DA A 1 5  ? 1.765   11.003  0.612   1.00 102.31 ? 5  DA A C5     1 
ATOM 142  C C6     . DA A 1 5  ? 2.406   11.447  1.786   1.00 101.67 ? 5  DA A C6     1 
ATOM 143  N N6     . DA A 1 5  ? 2.132   10.962  3.002   1.00 96.28  ? 5  DA A N6     1 
ATOM 144  N N1     . DA A 1 5  ? 3.347   12.406  1.661   1.00 102.27 ? 5  DA A N1     1 
ATOM 145  C C2     . DA A 1 5  ? 3.621   12.887  0.441   1.00 102.72 ? 5  DA A C2     1 
ATOM 146  N N3     . DA A 1 5  ? 3.085   12.551  -0.732  1.00 101.67 ? 5  DA A N3     1 
ATOM 147  C C4     . DA A 1 5  ? 2.154   11.594  -0.575  1.00 102.68 ? 5  DA A C4     1 
ATOM 148  H "H5'"  . DA A 1 5  ? -2.077  11.279  -4.753  1.00 142.88 ? 5  DA A "H5'"  1 
ATOM 149  H "H5''" . DA A 1 5  ? -1.533  10.561  -6.053  1.00 142.88 ? 5  DA A "H5''" 1 
ATOM 150  H "H4'"  . DA A 1 5  ? 0.111   11.992  -5.310  1.00 138.17 ? 5  DA A "H4'"  1 
ATOM 151  H "H3'"  . DA A 1 5  ? 0.723   9.314   -5.279  1.00 141.63 ? 5  DA A "H3'"  1 
ATOM 152  H "H2'"  . DA A 1 5  ? 1.888   9.311   -3.403  1.00 137.73 ? 5  DA A "H2'"  1 
ATOM 153  H "H2''" . DA A 1 5  ? 2.900   10.342  -4.080  1.00 137.73 ? 5  DA A "H2''" 1 
ATOM 154  H "H1'"  . DA A 1 5  ? 1.919   12.097  -3.142  1.00 128.68 ? 5  DA A "H1'"  1 
ATOM 155  H H8     . DA A 1 5  ? -0.022  9.554   -1.351  1.00 123.81 ? 5  DA A H8     1 
ATOM 156  H H61    . DA A 1 5  ? 2.552   11.263  3.690   1.00 115.53 ? 5  DA A H61    1 
ATOM 157  H H62    . DA A 1 5  ? 1.536   10.349  3.096   1.00 115.53 ? 5  DA A H62    1 
ATOM 158  H H2     . DA A 1 5  ? 4.277   13.546  0.408   1.00 123.27 ? 5  DA A H2     1 
ATOM 159  P P      . DG A 1 6  ? 2.918   9.680   -6.937  1.00 125.13 ? 6  DG A P      1 
ATOM 160  O OP1    . DG A 1 6  ? 3.088   10.112  -8.343  1.00 110.86 ? 6  DG A OP1    1 
ATOM 161  O OP2    . DG A 1 6  ? 2.543   8.282   -6.629  1.00 121.72 ? 6  DG A OP2    1 
ATOM 162  O "O5'"  . DG A 1 6  ? 4.248   10.030  -6.119  1.00 123.84 ? 6  DG A "O5'"  1 
ATOM 163  C "C5'"  . DG A 1 6  ? 4.628   11.392  -5.941  1.00 121.68 ? 6  DG A "C5'"  1 
ATOM 164  C "C4'"  . DG A 1 6  ? 5.737   11.528  -4.910  1.00 120.39 ? 6  DG A "C4'"  1 
ATOM 165  O "O4'"  . DG A 1 6  ? 5.193   11.329  -3.584  1.00 113.00 ? 6  DG A "O4'"  1 
ATOM 166  C "C3'"  . DG A 1 6  ? 6.893   10.525  -5.050  1.00 122.68 ? 6  DG A "C3'"  1 
ATOM 167  O "O3'"  . DG A 1 6  ? 8.118   11.214  -5.293  1.00 127.40 ? 6  DG A "O3'"  1 
ATOM 168  C "C2'"  . DG A 1 6  ? 6.908   9.768   -3.716  1.00 116.53 ? 6  DG A "C2'"  1 
ATOM 169  C "C1'"  . DG A 1 6  ? 6.169   10.711  -2.786  1.00 109.59 ? 6  DG A "C1'"  1 
ATOM 170  N N9     . DG A 1 6  ? 5.517   10.055  -1.659  1.00 108.15 ? 6  DG A N9     1 
ATOM 171  C C8     . DG A 1 6  ? 4.503   9.129   -1.709  1.00 109.34 ? 6  DG A C8     1 
ATOM 172  N N7     . DG A 1 6  ? 4.111   8.727   -0.531  1.00 103.85 ? 6  DG A N7     1 
ATOM 173  C C5     . DG A 1 6  ? 4.913   9.435   0.354   1.00 104.00 ? 6  DG A C5     1 
ATOM 174  C C6     . DG A 1 6  ? 4.948   9.416   1.769   1.00 98.39  ? 6  DG A C6     1 
ATOM 175  O O6     . DG A 1 6  ? 4.250   8.747   2.545   1.00 95.79  ? 6  DG A O6     1 
ATOM 176  N N1     . DG A 1 6  ? 5.912   10.289  2.274   1.00 99.05  ? 6  DG A N1     1 
ATOM 177  C C2     . DG A 1 6  ? 6.738   11.075  1.507   1.00 103.07 ? 6  DG A C2     1 
ATOM 178  N N2     . DG A 1 6  ? 7.607   11.855  2.170   1.00 102.67 ? 6  DG A N2     1 
ATOM 179  N N3     . DG A 1 6  ? 6.714   11.101  0.181   1.00 102.74 ? 6  DG A N3     1 
ATOM 180  C C4     . DG A 1 6  ? 5.781   10.258  -0.325  1.00 106.14 ? 6  DG A C4     1 
ATOM 181  H "H5'"  . DG A 1 6  ? 3.857   11.901  -5.646  1.00 146.01 ? 6  DG A "H5'"  1 
ATOM 182  H "H5''" . DG A 1 6  ? 4.937   11.748  -6.789  1.00 146.01 ? 6  DG A "H5''" 1 
ATOM 183  H "H4'"  . DG A 1 6  ? 6.099   12.426  -4.965  1.00 144.46 ? 6  DG A "H4'"  1 
ATOM 184  H "H3'"  . DG A 1 6  ? 6.710   9.909   -5.777  1.00 147.22 ? 6  DG A "H3'"  1 
ATOM 185  H "H2'"  . DG A 1 6  ? 6.436   8.925   -3.795  1.00 139.84 ? 6  DG A "H2'"  1 
ATOM 186  H "H2''" . DG A 1 6  ? 7.819   9.628   -3.412  1.00 139.84 ? 6  DG A "H2''" 1 
ATOM 187  H "H1'"  . DG A 1 6  ? 6.786   11.383  -2.455  1.00 131.51 ? 6  DG A "H1'"  1 
ATOM 188  H H8     . DG A 1 6  ? 4.134   8.817   -2.504  1.00 131.21 ? 6  DG A H8     1 
ATOM 189  H H1     . DG A 1 6  ? 5.997   10.338  3.127   1.00 118.86 ? 6  DG A H1     1 
ATOM 190  H H21    . DG A 1 6  ? 8.141   12.368  1.737   1.00 123.21 ? 6  DG A H21    1 
ATOM 191  H H22    . DG A 1 6  ? 7.626   11.840  3.030   1.00 123.21 ? 6  DG A H22    1 
ATOM 192  P P      . DA A 1 7  ? 9.490   10.402  -5.505  1.00 144.64 ? 7  DA A P      1 
ATOM 193  O OP1    . DA A 1 7  ? 10.353  11.238  -6.369  1.00 135.94 ? 7  DA A OP1    1 
ATOM 194  O OP2    . DA A 1 7  ? 9.145   9.025   -5.920  1.00 138.31 ? 7  DA A OP2    1 
ATOM 195  O "O5'"  . DA A 1 7  ? 10.133  10.332  -4.039  1.00 124.65 ? 7  DA A "O5'"  1 
ATOM 196  C "C5'"  . DA A 1 7  ? 10.372  11.532  -3.308  1.00 120.81 ? 7  DA A "C5'"  1 
ATOM 197  C "C4'"  . DA A 1 7  ? 11.062  11.244  -1.986  1.00 116.76 ? 7  DA A "C4'"  1 
ATOM 198  O "O4'"  . DA A 1 7  ? 10.082  10.788  -1.004  1.00 115.85 ? 7  DA A "O4'"  1 
ATOM 199  C "C3'"  . DA A 1 7  ? 12.139  10.151  -2.041  1.00 118.77 ? 7  DA A "C3'"  1 
ATOM 200  O "O3'"  . DA A 1 7  ? 13.327  10.586  -1.362  1.00 130.52 ? 7  DA A "O3'"  1 
ATOM 201  C "C2'"  . DA A 1 7  ? 11.464  8.970   -1.352  1.00 121.81 ? 7  DA A "C2'"  1 
ATOM 202  C "C1'"  . DA A 1 7  ? 10.617  9.677   -0.318  1.00 113.37 ? 7  DA A "C1'"  1 
ATOM 203  N N9     . DA A 1 7  ? 9.532   8.869   0.243   1.00 107.86 ? 7  DA A N9     1 
ATOM 204  C C8     . DA A 1 7  ? 8.621   8.109   -0.440  1.00 105.75 ? 7  DA A C8     1 
ATOM 205  N N7     . DA A 1 7  ? 7.763   7.487   0.339   1.00 101.62 ? 7  DA A N7     1 
ATOM 206  C C5     . DA A 1 7  ? 8.139   7.862   1.621   1.00 105.40 ? 7  DA A C5     1 
ATOM 207  C C6     . DA A 1 7  ? 7.625   7.542   2.899   1.00 107.29 ? 7  DA A C6     1 
ATOM 208  N N6     . DA A 1 7  ? 6.580   6.730   3.094   1.00 105.52 ? 7  DA A N6     1 
ATOM 209  N N1     . DA A 1 7  ? 8.236   8.085   3.974   1.00 103.86 ? 7  DA A N1     1 
ATOM 210  C C2     . DA A 1 7  ? 9.285   8.894   3.779   1.00 106.36 ? 7  DA A C2     1 
ATOM 211  N N3     . DA A 1 7  ? 9.855   9.267   2.632   1.00 106.45 ? 7  DA A N3     1 
ATOM 212  C C4     . DA A 1 7  ? 9.228   8.711   1.580   1.00 104.28 ? 7  DA A C4     1 
ATOM 213  H "H5'"  . DA A 1 7  ? 9.526   11.973  -3.135  1.00 144.98 ? 7  DA A "H5'"  1 
ATOM 214  H "H5''" . DA A 1 7  ? 10.933  12.120  -3.838  1.00 144.98 ? 7  DA A "H5''" 1 
ATOM 215  H "H4'"  . DA A 1 7  ? 11.468  12.064  -1.662  1.00 140.11 ? 7  DA A "H4'"  1 
ATOM 216  H "H3'"  . DA A 1 7  ? 12.341  9.928   -2.963  1.00 142.53 ? 7  DA A "H3'"  1 
ATOM 217  H "H2'"  . DA A 1 7  ? 10.910  8.473   -1.975  1.00 146.18 ? 7  DA A "H2'"  1 
ATOM 218  H "H2''" . DA A 1 7  ? 12.119  8.394   -0.928  1.00 146.18 ? 7  DA A "H2''" 1 
ATOM 219  H "H1'"  . DA A 1 7  ? 11.187  9.990   0.401   1.00 136.05 ? 7  DA A "H1'"  1 
ATOM 220  H H8     . DA A 1 7  ? 8.609   8.039   -1.366  1.00 126.90 ? 7  DA A H8     1 
ATOM 221  H H61    . DA A 1 7  ? 6.311   6.560   3.893   1.00 126.62 ? 7  DA A H61    1 
ATOM 222  H H62    . DA A 1 7  ? 6.178   6.378   2.420   1.00 126.62 ? 7  DA A H62    1 
ATOM 223  H H2     . DA A 1 7  ? 9.670   9.244   4.550   1.00 127.63 ? 7  DA A H2     1 
ATOM 224  P P      . DC A 1 8  ? 14.554  9.576   -1.104  1.00 144.84 ? 8  DC A P      1 
ATOM 225  O OP1    . DC A 1 8  ? 15.756  10.401  -0.850  1.00 140.35 ? 8  DC A OP1    1 
ATOM 226  O OP2    . DC A 1 8  ? 14.567  8.563   -2.180  1.00 134.33 ? 8  DC A OP2    1 
ATOM 227  O "O5'"  . DC A 1 8  ? 14.171  8.853   0.269   1.00 114.31 ? 8  DC A "O5'"  1 
ATOM 228  C "C5'"  . DC A 1 8  ? 14.149  9.607   1.471   1.00 117.17 ? 8  DC A "C5'"  1 
ATOM 229  C "C4'"  . DC A 1 8  ? 13.850  8.726   2.670   1.00 115.10 ? 8  DC A "C4'"  1 
ATOM 230  O "O4'"  . DC A 1 8  ? 12.521  8.165   2.550   1.00 115.73 ? 8  DC A "O4'"  1 
ATOM 231  C "C3'"  . DC A 1 8  ? 14.790  7.524   2.841   1.00 118.09 ? 8  DC A "C3'"  1 
ATOM 232  O "O3'"  . DC A 1 8  ? 15.639  7.705   3.968   1.00 125.21 ? 8  DC A "O3'"  1 
ATOM 233  C "C2'"  . DC A 1 8  ? 13.847  6.323   3.016   1.00 114.66 ? 8  DC A "C2'"  1 
ATOM 234  C "C1'"  . DC A 1 8  ? 12.502  6.972   3.287   1.00 110.55 ? 8  DC A "C1'"  1 
ATOM 235  N N1     . DC A 1 8  ? 11.323  6.137   2.877   1.00 105.51 ? 8  DC A N1     1 
ATOM 236  C C2     . DC A 1 8  ? 10.419  5.696   3.852   1.00 100.18 ? 8  DC A C2     1 
ATOM 237  O O2     . DC A 1 8  ? 10.608  6.001   5.035   1.00 96.28  ? 8  DC A O2     1 
ATOM 238  N N3     . DC A 1 8  ? 9.364   4.933   3.473   1.00 97.55  ? 8  DC A N3     1 
ATOM 239  C C4     . DC A 1 8  ? 9.194   4.617   2.189   1.00 101.14 ? 8  DC A C4     1 
ATOM 240  N N4     . DC A 1 8  ? 8.134   3.865   1.865   1.00 103.63 ? 8  DC A N4     1 
ATOM 241  C C5     . DC A 1 8  ? 10.101  5.057   1.179   1.00 97.95  ? 8  DC A C5     1 
ATOM 242  C C6     . DC A 1 8  ? 11.142  5.806   1.565   1.00 102.45 ? 8  DC A C6     1 
ATOM 243  H "H5'"  . DC A 1 8  ? 13.467  10.293  1.404   1.00 140.61 ? 8  DC A "H5'"  1 
ATOM 244  H "H5''" . DC A 1 8  ? 15.012  10.031  1.596   1.00 140.61 ? 8  DC A "H5''" 1 
ATOM 245  H "H4'"  . DC A 1 8  ? 13.889  9.269   3.473   1.00 138.12 ? 8  DC A "H4'"  1 
ATOM 246  H "H3'"  . DC A 1 8  ? 15.324  7.409   2.040   1.00 141.71 ? 8  DC A "H3'"  1 
ATOM 247  H "H2'"  . DC A 1 8  ? 13.815  5.793   2.205   1.00 137.59 ? 8  DC A "H2'"  1 
ATOM 248  H "H2''" . DC A 1 8  ? 14.123  5.779   3.771   1.00 137.59 ? 8  DC A "H2''" 1 
ATOM 249  H "H1'"  . DC A 1 8  ? 12.432  7.182   4.232   1.00 132.66 ? 8  DC A "H1'"  1 
ATOM 250  H H41    . DC A 1 8  ? 7.997   3.644   1.044   1.00 124.35 ? 8  DC A H41    1 
ATOM 251  H H42    . DC A 1 8  ? 7.590   3.602   2.477   1.00 124.35 ? 8  DC A H42    1 
ATOM 252  H H5     . DC A 1 8  ? 9.975   4.832   0.286   1.00 117.54 ? 8  DC A H5     1 
ATOM 253  H H6     . DC A 1 8  ? 11.751  6.107   0.929   1.00 122.94 ? 8  DC A H6     1 
ATOM 254  P P      . DC A 1 9  ? 16.661  6.540   4.398   1.00 138.39 ? 9  DC A P      1 
ATOM 255  O OP1    . DC A 1 9  ? 17.858  7.189   4.978   1.00 137.59 ? 9  DC A OP1    1 
ATOM 256  O OP2    . DC A 1 9  ? 16.806  5.642   3.230   1.00 125.02 ? 9  DC A OP2    1 
ATOM 257  O "O5'"  . DC A 1 9  ? 15.881  5.734   5.548   1.00 113.85 ? 9  DC A "O5'"  1 
ATOM 258  C "C5'"  . DC A 1 9  ? 16.128  6.034   6.924   1.00 109.68 ? 9  DC A "C5'"  1 
ATOM 259  C "C4'"  . DC A 1 9  ? 15.285  5.161   7.843   1.00 111.86 ? 9  DC A "C4'"  1 
ATOM 260  O "O4'"  . DC A 1 9  ? 14.002  4.887   7.212   1.00 108.48 ? 9  DC A "O4'"  1 
ATOM 261  C "C3'"  . DC A 1 9  ? 15.897  3.790   8.185   1.00 110.99 ? 9  DC A "C3'"  1 
ATOM 262  O "O3'"  . DC A 1 9  ? 15.988  3.620   9.617   1.00 116.79 ? 9  DC A "O3'"  1 
ATOM 263  C "C2'"  . DC A 1 9  ? 14.946  2.790   7.520   1.00 107.54 ? 9  DC A "C2'"  1 
ATOM 264  C "C1'"  . DC A 1 9  ? 13.639  3.554   7.477   1.00 104.61 ? 9  DC A "C1'"  1 
ATOM 265  N N1     . DC A 1 9  ? 12.699  3.076   6.419   1.00 94.93  ? 9  DC A N1     1 
ATOM 266  C C2     . DC A 1 9  ? 11.664  2.191   6.753   1.00 85.15  ? 9  DC A C2     1 
ATOM 267  O O2     . DC A 1 9  ? 11.541  1.823   7.928   1.00 77.93  ? 9  DC A O2     1 
ATOM 268  N N3     . DC A 1 9  ? 10.831  1.758   5.775   1.00 76.75  ? 9  DC A N3     1 
ATOM 269  C C4     . DC A 1 9  ? 10.998  2.176   4.521   1.00 82.90  ? 9  DC A C4     1 
ATOM 270  N N4     . DC A 1 9  ? 10.152  1.726   3.590   1.00 83.61  ? 9  DC A N4     1 
ATOM 271  C C5     . DC A 1 9  ? 12.048  3.071   4.161   1.00 91.49  ? 9  DC A C5     1 
ATOM 272  C C6     . DC A 1 9  ? 12.863  3.493   5.133   1.00 92.45  ? 9  DC A C6     1 
ATOM 273  H "H5'"  . DC A 1 9  ? 15.915  6.966   7.088   1.00 131.62 ? 9  DC A "H5'"  1 
ATOM 274  H "H5''" . DC A 1 9  ? 17.066  5.885   7.117   1.00 131.62 ? 9  DC A "H5''" 1 
ATOM 275  H "H4'"  . DC A 1 9  ? 15.128  5.645   8.668   1.00 134.23 ? 9  DC A "H4'"  1 
ATOM 276  H "H3'"  . DC A 1 9  ? 16.779  3.717   7.788   1.00 133.18 ? 9  DC A "H3'"  1 
ATOM 277  H "H2'"  . DC A 1 9  ? 15.246  2.574   6.624   1.00 129.05 ? 9  DC A "H2'"  1 
ATOM 278  H "H2''" . DC A 1 9  ? 14.858  1.989   8.059   1.00 129.05 ? 9  DC A "H2''" 1 
ATOM 279  H "H1'"  . DC A 1 9  ? 13.205  3.503   8.344   1.00 125.53 ? 9  DC A "H1'"  1 
ATOM 280  H H41    . DC A 1 9  ? 10.239  1.976   2.772   1.00 100.33 ? 9  DC A H41    1 
ATOM 281  H H42    . DC A 1 9  ? 9.519   1.186   3.808   1.00 100.33 ? 9  DC A H42    1 
ATOM 282  H H5     . DC A 1 9  ? 12.155  3.361   3.284   1.00 109.79 ? 9  DC A H5     1 
ATOM 283  H H6     . DC A 1 9  ? 13.556  4.079   4.927   1.00 110.94 ? 9  DC A H6     1 
ATOM 284  P P      . DA A 1 10 ? 16.076  2.157   10.283  1.00 130.36 ? 10 DA A P      1 
ATOM 285  O OP1    . DA A 1 10 ? 16.607  2.314   11.656  1.00 123.40 ? 10 DA A OP1    1 
ATOM 286  O OP2    . DA A 1 10 ? 16.788  1.273   9.330   1.00 105.78 ? 10 DA A OP2    1 
ATOM 287  O "O5'"  . DA A 1 10 ? 14.544  1.675   10.342  1.00 113.11 ? 10 DA A "O5'"  1 
ATOM 288  C "C5'"  . DA A 1 10 ? 13.829  1.640   11.582  1.00 105.48 ? 10 DA A "C5'"  1 
ATOM 289  C "C4'"  . DA A 1 10 ? 13.342  0.233   11.884  1.00 96.06  ? 10 DA A "C4'"  1 
ATOM 290  O "O4'"  . DA A 1 10 ? 12.446  -0.224  10.824  1.00 91.72  ? 10 DA A "O4'"  1 
ATOM 291  C "C3'"  . DA A 1 10 ? 14.444  -0.810  11.952  1.00 97.60  ? 10 DA A "C3'"  1 
ATOM 292  O "O3'"  . DA A 1 10 ? 14.112  -1.827  12.876  1.00 96.00  ? 10 DA A "O3'"  1 
ATOM 293  C "C2'"  . DA A 1 10 ? 14.499  -1.319  10.521  1.00 98.93  ? 10 DA A "C2'"  1 
ATOM 294  C "C1'"  . DA A 1 10 ? 13.026  -1.326  10.138  1.00 89.38  ? 10 DA A "C1'"  1 
ATOM 295  N N9     . DA A 1 10 ? 12.770  -1.177  8.703   1.00 81.85  ? 10 DA A N9     1 
ATOM 296  C C8     . DA A 1 10 ? 13.445  -0.378  7.823   1.00 78.01  ? 10 DA A C8     1 
ATOM 297  N N7     . DA A 1 10 ? 12.993  -0.441  6.592   1.00 75.21  ? 10 DA A N7     1 
ATOM 298  C C5     . DA A 1 10 ? 11.939  -1.336  6.667   1.00 71.18  ? 10 DA A C5     1 
ATOM 299  C C6     . DA A 1 10 ? 11.041  -1.833  5.697   1.00 64.77  ? 10 DA A C6     1 
ATOM 300  N N6     . DA A 1 10 ? 11.072  -1.465  4.410   1.00 66.58  ? 10 DA A N6     1 
ATOM 301  N N1     . DA A 1 10 ? 10.108  -2.721  6.102   1.00 54.90  ? 10 DA A N1     1 
ATOM 302  C C2     . DA A 1 10 ? 10.079  -3.082  7.391   1.00 61.91  ? 10 DA A C2     1 
ATOM 303  N N3     . DA A 1 10 ? 10.866  -2.684  8.395   1.00 67.81  ? 10 DA A N3     1 
ATOM 304  C C4     . DA A 1 10 ? 11.785  -1.802  7.961   1.00 74.22  ? 10 DA A C4     1 
ATOM 305  H "H5'"  . DA A 1 10 ? 13.067  2.237   11.527  1.00 126.57 ? 10 DA A "H5'"  1 
ATOM 306  H "H5''" . DA A 1 10 ? 14.415  1.935   12.297  1.00 126.57 ? 10 DA A "H5''" 1 
ATOM 307  H "H4'"  . DA A 1 10 ? 12.860  0.238   12.725  1.00 115.27 ? 10 DA A "H4'"  1 
ATOM 308  H "H3'"  . DA A 1 10 ? 15.286  -0.394  12.194  1.00 117.11 ? 10 DA A "H3'"  1 
ATOM 309  H "H2'"  . DA A 1 10 ? 15.000  -0.710  9.956   1.00 118.72 ? 10 DA A "H2'"  1 
ATOM 310  H "H2''" . DA A 1 10 ? 14.870  -2.215  10.486  1.00 118.72 ? 10 DA A "H2''" 1 
ATOM 311  H "H1'"  . DA A 1 10 ? 12.618  -2.148  10.452  1.00 107.25 ? 10 DA A "H1'"  1 
ATOM 312  H H8     . DA A 1 10 ? 14.163  0.158   8.073   1.00 93.61  ? 10 DA A H8     1 
ATOM 313  H H61    . DA A 1 10 ? 10.502  -1.792  3.855   1.00 79.90  ? 10 DA A H61    1 
ATOM 314  H H62    . DA A 1 10 ? 11.663  -0.902  4.138   1.00 79.90  ? 10 DA A H62    1 
ATOM 315  H H2     . DA A 1 10 ? 9.419   -3.696  7.621   1.00 74.29  ? 10 DA A H2     1 
ATOM 316  P P      . DG A 1 11 ? 15.219  -2.888  13.349  1.00 109.56 ? 11 DG A P      1 
ATOM 317  O OP1    . DG A 1 11 ? 15.978  -2.256  14.451  1.00 119.50 ? 11 DG A OP1    1 
ATOM 318  O OP2    . DG A 1 11 ? 15.939  -3.377  12.151  1.00 83.27  ? 11 DG A OP2    1 
ATOM 319  O "O5'"  . DG A 1 11 ? 14.364  -4.098  13.959  1.00 105.44 ? 11 DG A "O5'"  1 
ATOM 320  C "C5'"  . DG A 1 11 ? 12.961  -4.218  13.685  1.00 99.50  ? 11 DG A "C5'"  1 
ATOM 321  C "C4'"  . DG A 1 11 ? 12.657  -5.488  12.912  1.00 91.62  ? 11 DG A "C4'"  1 
ATOM 322  O "O4'"  . DG A 1 11 ? 12.378  -5.162  11.516  1.00 80.75  ? 11 DG A "O4'"  1 
ATOM 323  C "C3'"  . DG A 1 11 ? 13.794  -6.511  12.870  1.00 87.37  ? 11 DG A "C3'"  1 
ATOM 324  O "O3'"  . DG A 1 11 ? 13.282  -7.814  13.001  1.00 93.14  ? 11 DG A "O3'"  1 
ATOM 325  C "C2'"  . DG A 1 11 ? 14.401  -6.274  11.501  1.00 80.56  ? 11 DG A "C2'"  1 
ATOM 326  C "C1'"  . DG A 1 11 ? 13.153  -6.007  10.694  1.00 73.27  ? 11 DG A "C1'"  1 
ATOM 327  N N9     . DG A 1 11 ? 13.380  -5.358  9.405   1.00 66.57  ? 11 DG A N9     1 
ATOM 328  C C8     . DG A 1 11 ? 14.323  -4.405  9.098   1.00 65.97  ? 11 DG A C8     1 
ATOM 329  N N7     . DG A 1 11 ? 14.278  -4.011  7.854   1.00 56.34  ? 11 DG A N7     1 
ATOM 330  C C5     . DG A 1 11 ? 13.237  -4.752  7.302   1.00 57.54  ? 11 DG A C5     1 
ATOM 331  C C6     . DG A 1 11 ? 12.712  -4.756  5.983   1.00 57.11  ? 11 DG A C6     1 
ATOM 332  O O6     . DG A 1 11 ? 13.078  -4.084  5.008   1.00 55.79  ? 11 DG A O6     1 
ATOM 333  N N1     . DG A 1 11 ? 11.656  -5.662  5.852   1.00 48.11  ? 11 DG A N1     1 
ATOM 334  C C2     . DG A 1 11 ? 11.170  -6.453  6.866   1.00 52.17  ? 11 DG A C2     1 
ATOM 335  N N2     . DG A 1 11 ? 10.145  -7.263  6.556   1.00 46.86  ? 11 DG A N2     1 
ATOM 336  N N3     . DG A 1 11 ? 11.652  -6.453  8.103   1.00 55.55  ? 11 DG A N3     1 
ATOM 337  C C4     . DG A 1 11 ? 12.678  -5.582  8.247   1.00 59.71  ? 11 DG A C4     1 
ATOM 338  H "H5'"  . DG A 1 11 ? 12.673  -3.453  13.165  1.00 119.40 ? 11 DG A "H5'"  1 
ATOM 339  H "H5''" . DG A 1 11 ? 12.474  -4.234  14.525  1.00 119.40 ? 11 DG A "H5''" 1 
ATOM 340  H "H4'"  . DG A 1 11 ? 11.873  -5.908  13.298  1.00 109.94 ? 11 DG A "H4'"  1 
ATOM 341  H "H3'"  . DG A 1 11 ? 14.443  -6.325  13.567  1.00 104.84 ? 11 DG A "H3'"  1 
ATOM 342  H "H2'"  . DG A 1 11 ? 14.987  -5.501  11.507  1.00 96.67  ? 11 DG A "H2'"  1 
ATOM 343  H "H2''" . DG A 1 11 ? 14.862  -7.066  11.181  1.00 96.67  ? 11 DG A "H2''" 1 
ATOM 344  H "H1'"  . DG A 1 11 ? 12.678  -6.841  10.552  1.00 87.92  ? 11 DG A "H1'"  1 
ATOM 345  H H8     . DG A 1 11 ? 14.933  -4.072  9.717   1.00 79.17  ? 11 DG A H8     1 
ATOM 346  H H1     . DG A 1 11 ? 11.281  -5.727  5.081   1.00 57.73  ? 11 DG A H1     1 
ATOM 347  H H21    . DG A 1 11 ? 9.805   -7.777  7.156   1.00 56.23  ? 11 DG A H21    1 
ATOM 348  H H22    . DG A 1 11 ? 9.827   -7.268  5.757   1.00 56.23  ? 11 DG A H22    1 
ATOM 349  P P      . DA A 1 12 ? 14.071  -8.910  13.866  1.00 113.58 ? 12 DA A P      1 
ATOM 350  O OP1    . DA A 1 12 ? 14.196  -8.370  15.238  1.00 109.25 ? 12 DA A OP1    1 
ATOM 351  O OP2    . DA A 1 12 ? 15.291  -9.281  13.113  1.00 94.74  ? 12 DA A OP2    1 
ATOM 352  O "O5'"  . DA A 1 12 ? 13.081  -10.172 13.895  1.00 103.94 ? 12 DA A "O5'"  1 
ATOM 353  C "C5'"  . DA A 1 12 ? 11.878  -10.187 13.109  1.00 93.88  ? 12 DA A "C5'"  1 
ATOM 354  C "C4'"  . DA A 1 12 ? 12.072  -10.969 11.822  1.00 85.61  ? 12 DA A "C4'"  1 
ATOM 355  O "O4'"  . DA A 1 12 ? 12.023  -10.074 10.694  1.00 75.25  ? 12 DA A "O4'"  1 
ATOM 356  C "C3'"  . DA A 1 12 ? 13.411  -11.673 11.684  1.00 86.64  ? 12 DA A "C3'"  1 
ATOM 357  O "O3'"  . DA A 1 12 ? 13.387  -12.947 12.320  1.00 87.01  ? 12 DA A "O3'"  1 
ATOM 358  C "C2'"  . DA A 1 12 ? 13.593  -11.777 10.168  1.00 78.14  ? 12 DA A "C2'"  1 
ATOM 359  C "C1'"  . DA A 1 12 ? 12.677  -10.684 9.600   1.00 71.24  ? 12 DA A "C1'"  1 
ATOM 360  N N9     . DA A 1 12 ? 13.393  -9.659  8.848   1.00 64.09  ? 12 DA A N9     1 
ATOM 361  C C8     . DA A 1 12 ? 14.352  -8.810  9.322   1.00 66.83  ? 12 DA A C8     1 
ATOM 362  N N7     . DA A 1 12 ? 14.833  -7.993  8.416   1.00 58.84  ? 12 DA A N7     1 
ATOM 363  C C5     . DA A 1 12 ? 14.145  -8.336  7.263   1.00 56.63  ? 12 DA A C5     1 
ATOM 364  C C6     . DA A 1 12 ? 14.192  -7.838  5.941   1.00 57.35  ? 12 DA A C6     1 
ATOM 365  N N6     . DA A 1 12 ? 15.004  -6.849  5.553   1.00 55.44  ? 12 DA A N6     1 
ATOM 366  N N1     . DA A 1 12 ? 13.370  -8.404  5.033   1.00 54.41  ? 12 DA A N1     1 
ATOM 367  C C2     . DA A 1 12 ? 12.559  -9.394  5.423   1.00 56.55  ? 12 DA A C2     1 
ATOM 368  N N3     . DA A 1 12 ? 12.426  -9.944  6.630   1.00 53.45  ? 12 DA A N3     1 
ATOM 369  C C4     . DA A 1 12 ? 13.254  -9.362  7.512   1.00 58.01  ? 12 DA A C4     1 
ATOM 370  H "H5'"  . DA A 1 12 ? 11.629  -9.275  12.892  1.00 112.66 ? 12 DA A "H5'"  1 
ATOM 371  H "H5''" . DA A 1 12 ? 11.166  -10.596 13.625  1.00 112.66 ? 12 DA A "H5''" 1 
ATOM 372  H "H4'"  . DA A 1 12 ? 11.360  -11.623 11.739  1.00 102.74 ? 12 DA A "H4'"  1 
ATOM 373  H "H3'"  . DA A 1 12 ? 14.114  -11.124 12.066  1.00 103.97 ? 12 DA A "H3'"  1 
ATOM 374  H "HO3'" . DA A 1 12 ? 13.922  -13.115 12.944  1.00 104.41 ? 12 DA A "HO3'" 1 
ATOM 375  H "H2'"  . DA A 1 12 ? 14.517  -11.604 9.926   1.00 93.77  ? 12 DA A "H2'"  1 
ATOM 376  H "H2''" . DA A 1 12 ? 13.316  -12.650 9.852   1.00 93.77  ? 12 DA A "H2''" 1 
ATOM 377  H "H1'"  . DA A 1 12 ? 12.013  -11.095 9.024   1.00 85.49  ? 12 DA A "H1'"  1 
ATOM 378  H H8     . DA A 1 12 ? 14.634  -8.808  10.208  1.00 80.20  ? 12 DA A H8     1 
ATOM 379  H H61    . DA A 1 12 ? 14.998  -6.584  4.736   1.00 66.53  ? 12 DA A H61    1 
ATOM 380  H H62    . DA A 1 12 ? 15.532  -6.478  6.122   1.00 66.53  ? 12 DA A H62    1 
ATOM 381  H H2     . DA A 1 12 ? 12.013  -9.749  4.758   1.00 67.86  ? 12 DA A H2     1 
ATOM 382  P P      . DC B 2 1  ? 2.260   -25.383 -2.036  1.00 106.17 ? 12 DC B P      1 
ATOM 383  O OP1    . DC B 2 1  ? 2.582   -24.463 -3.148  1.00 105.05 ? 12 DC B OP1    1 
ATOM 384  O OP2    . DC B 2 1  ? 1.839   -26.772 -2.319  1.00 103.10 ? 12 DC B OP2    1 
ATOM 385  O "O5'"  . DC B 2 1  ? 1.116   -24.700 -1.159  1.00 84.54  ? 12 DC B "O5'"  1 
ATOM 386  C "C5'"  . DC B 2 1  ? 0.299   -23.701 -1.740  1.00 84.65  ? 12 DC B "C5'"  1 
ATOM 387  C "C4'"  . DC B 2 1  ? -1.027  -23.596 -1.014  1.00 85.14  ? 12 DC B "C4'"  1 
ATOM 388  O "O4'"  . DC B 2 1  ? -0.834  -22.976 0.273   1.00 74.22  ? 12 DC B "O4'"  1 
ATOM 389  C "C3'"  . DC B 2 1  ? -2.058  -22.717 -1.698  1.00 96.21  ? 12 DC B "C3'"  1 
ATOM 390  O "O3'"  . DC B 2 1  ? -2.817  -23.465 -2.654  1.00 101.53 ? 12 DC B "O3'"  1 
ATOM 391  C "C2'"  . DC B 2 1  ? -2.921  -22.201 -0.536  1.00 85.45  ? 12 DC B "C2'"  1 
ATOM 392  C "C1'"  . DC B 2 1  ? -2.079  -22.475 0.715   1.00 72.62  ? 12 DC B "C1'"  1 
ATOM 393  N N1     . DC B 2 1  ? -1.846  -21.269 1.586   1.00 66.24  ? 12 DC B N1     1 
ATOM 394  C C2     . DC B 2 1  ? -2.867  -20.833 2.442   1.00 70.64  ? 12 DC B C2     1 
ATOM 395  O O2     . DC B 2 1  ? -3.945  -21.441 2.453   1.00 69.59  ? 12 DC B O2     1 
ATOM 396  N N3     . DC B 2 1  ? -2.645  -19.758 3.240   1.00 64.74  ? 12 DC B N3     1 
ATOM 397  C C4     . DC B 2 1  ? -1.468  -19.131 3.206   1.00 65.46  ? 12 DC B C4     1 
ATOM 398  N N4     . DC B 2 1  ? -1.305  -18.072 4.013   1.00 60.12  ? 12 DC B N4     1 
ATOM 399  C C5     . DC B 2 1  ? -0.414  -19.559 2.342   1.00 58.62  ? 12 DC B C5     1 
ATOM 400  C C6     . DC B 2 1  ? -0.641  -20.622 1.559   1.00 58.34  ? 12 DC B C6     1 
ATOM 401  H "H5'"  . DC B 2 1  ? 0.136   -23.924 -2.669  1.00 101.58 ? 12 DC B "H5'"  1 
ATOM 402  H "H5''" . DC B 2 1  ? 0.757   -22.847 -1.692  1.00 101.58 ? 12 DC B "H5''" 1 
ATOM 403  H "H4'"  . DC B 2 1  ? -1.395  -24.484 -0.889  1.00 102.16 ? 12 DC B "H4'"  1 
ATOM 404  H "H3'"  . DC B 2 1  ? -1.618  -21.973 -2.136  1.00 115.45 ? 12 DC B "H3'"  1 
ATOM 405  H "H2'"  . DC B 2 1  ? -3.085  -21.250 -0.632  1.00 102.53 ? 12 DC B "H2'"  1 
ATOM 406  H "H2''" . DC B 2 1  ? -3.758  -22.689 -0.493  1.00 102.53 ? 12 DC B "H2''" 1 
ATOM 407  H "H1'"  . DC B 2 1  ? -2.519  -23.158 1.243   1.00 87.14  ? 12 DC B "H1'"  1 
ATOM 408  H H41    . DC B 2 1  ? -0.558  -17.647 4.018   1.00 72.14  ? 12 DC B H41    1 
ATOM 409  H H42    . DC B 2 1  ? -1.947  -17.820 4.527   1.00 72.14  ? 12 DC B H42    1 
ATOM 410  H H5     . DC B 2 1  ? 0.403   -19.115 2.324   1.00 70.34  ? 12 DC B H5     1 
ATOM 411  H H6     . DC B 2 1  ? 0.027   -20.925 0.989   1.00 70.00  ? 12 DC B H6     1 
ATOM 412  P P      . DG B 2 2  ? -3.369  -22.752 -3.986  1.00 106.12 ? 13 DG B P      1 
ATOM 413  O OP1    . DG B 2 2  ? -2.908  -23.560 -5.138  1.00 107.60 ? 13 DG B OP1    1 
ATOM 414  O OP2    . DG B 2 2  ? -3.021  -21.316 -3.895  1.00 98.52  ? 13 DG B OP2    1 
ATOM 415  O "O5'"  . DG B 2 2  ? -4.967  -22.870 -3.884  1.00 87.30  ? 13 DG B "O5'"  1 
ATOM 416  C "C5'"  . DG B 2 2  ? -5.602  -23.287 -2.670  1.00 82.24  ? 13 DG B "C5'"  1 
ATOM 417  C "C4'"  . DG B 2 2  ? -6.441  -22.170 -2.062  1.00 96.66  ? 13 DG B "C4'"  1 
ATOM 418  O "O4'"  . DG B 2 2  ? -5.615  -21.343 -1.184  1.00 90.66  ? 13 DG B "O4'"  1 
ATOM 419  C "C3'"  . DG B 2 2  ? -7.075  -21.190 -3.075  1.00 105.18 ? 13 DG B "C3'"  1 
ATOM 420  O "O3'"  . DG B 2 2  ? -8.491  -21.088 -2.883  1.00 110.84 ? 13 DG B "O3'"  1 
ATOM 421  C "C2'"  . DG B 2 2  ? -6.369  -19.876 -2.776  1.00 94.69  ? 13 DG B "C2'"  1 
ATOM 422  C "C1'"  . DG B 2 2  ? -6.078  -20.022 -1.302  1.00 89.85  ? 13 DG B "C1'"  1 
ATOM 423  N N9     . DG B 2 2  ? -5.094  -19.068 -0.806  1.00 79.44  ? 13 DG B N9     1 
ATOM 424  C C8     . DG B 2 2  ? -3.820  -18.863 -1.282  1.00 83.36  ? 13 DG B C8     1 
ATOM 425  N N7     . DG B 2 2  ? -3.182  -17.914 -0.662  1.00 76.87  ? 13 DG B N7     1 
ATOM 426  C C5     . DG B 2 2  ? -4.096  -17.442 0.271   1.00 67.18  ? 13 DG B C5     1 
ATOM 427  C C6     . DG B 2 2  ? -3.967  -16.409 1.225   1.00 62.50  ? 13 DG B C6     1 
ATOM 428  O O6     . DG B 2 2  ? -2.984  -15.687 1.445   1.00 65.32  ? 13 DG B O6     1 
ATOM 429  N N1     . DG B 2 2  ? -5.132  -16.248 1.975   1.00 53.50  ? 13 DG B N1     1 
ATOM 430  C C2     . DG B 2 2  ? -6.276  -16.997 1.821   1.00 53.67  ? 13 DG B C2     1 
ATOM 431  N N2     . DG B 2 2  ? -7.299  -16.695 2.637   1.00 45.38  ? 13 DG B N2     1 
ATOM 432  N N3     . DG B 2 2  ? -6.408  -17.971 0.927   1.00 53.45  ? 13 DG B N3     1 
ATOM 433  C C4     . DG B 2 2  ? -5.280  -18.137 0.190   1.00 64.50  ? 13 DG B C4     1 
ATOM 434  H "H5'"  . DG B 2 2  ? -4.920  -23.553 -2.033  1.00 98.69  ? 13 DG B "H5'"  1 
ATOM 435  H "H5''" . DG B 2 2  ? -6.174  -24.047 -2.857  1.00 98.69  ? 13 DG B "H5''" 1 
ATOM 436  H "H4'"  . DG B 2 2  ? -7.150  -22.569 -1.534  1.00 116.00 ? 13 DG B "H4'"  1 
ATOM 437  H "H3'"  . DG B 2 2  ? -6.880  -21.476 -3.981  1.00 126.22 ? 13 DG B "H3'"  1 
ATOM 438  H "H2'"  . DG B 2 2  ? -5.547  -19.800 -3.287  1.00 113.63 ? 13 DG B "H2'"  1 
ATOM 439  H "H2''" . DG B 2 2  ? -6.956  -19.121 -2.940  1.00 113.63 ? 13 DG B "H2''" 1 
ATOM 440  H "H1'"  . DG B 2 2  ? -6.902  -19.925 -0.800  1.00 107.82 ? 13 DG B "H1'"  1 
ATOM 441  H H8     . DG B 2 2  ? -3.444  -19.366 -1.968  1.00 100.03 ? 13 DG B H8     1 
ATOM 442  H H1     . DG B 2 2  ? -5.133  -15.640 2.582   1.00 64.20  ? 13 DG B H1     1 
ATOM 443  H H21    . DG B 2 2  ? -8.038  -17.132 2.580   1.00 54.46  ? 13 DG B H21    1 
ATOM 444  H H22    . DG B 2 2  ? -7.214  -16.066 3.217   1.00 54.46  ? 13 DG B H22    1 
ATOM 445  P P      . DG B 2 3  ? -9.397  -20.229 -3.900  1.00 109.81 ? 14 DG B P      1 
ATOM 446  O OP1    . DG B 2 3  ? -9.877  -21.174 -4.932  1.00 112.51 ? 14 DG B OP1    1 
ATOM 447  O OP2    . DG B 2 3  ? -8.654  -19.020 -4.319  1.00 105.64 ? 14 DG B OP2    1 
ATOM 448  O "O5'"  . DG B 2 3  ? -10.639 -19.744 -3.006  1.00 100.85 ? 14 DG B "O5'"  1 
ATOM 449  C "C5'"  . DG B 2 3  ? -11.111 -18.384 -3.081  1.00 96.87  ? 14 DG B "C5'"  1 
ATOM 450  C "C4'"  . DG B 2 3  ? -10.722 -17.603 -1.837  1.00 93.82  ? 14 DG B "C4'"  1 
ATOM 451  O "O4'"  . DG B 2 3  ? -9.286  -17.563 -1.721  1.00 84.29  ? 14 DG B "O4'"  1 
ATOM 452  C "C3'"  . DG B 2 3  ? -11.123 -16.135 -1.826  1.00 94.59  ? 14 DG B "C3'"  1 
ATOM 453  O "O3'"  . DG B 2 3  ? -12.465 -15.957 -1.343  1.00 99.53  ? 14 DG B "O3'"  1 
ATOM 454  C "C2'"  . DG B 2 3  ? -10.076 -15.494 -0.903  1.00 81.29  ? 14 DG B "C2'"  1 
ATOM 455  C "C1'"  . DG B 2 3  ? -8.951  -16.527 -0.827  1.00 77.24  ? 14 DG B "C1'"  1 
ATOM 456  N N9     . DG B 2 3  ? -7.633  -15.996 -1.169  1.00 65.64  ? 14 DG B N9     1 
ATOM 457  C C8     . DG B 2 3  ? -6.758  -16.486 -2.107  1.00 69.51  ? 14 DG B C8     1 
ATOM 458  N N7     . DG B 2 3  ? -5.641  -15.817 -2.180  1.00 64.38  ? 14 DG B N7     1 
ATOM 459  C C5     . DG B 2 3  ? -5.783  -14.813 -1.227  1.00 60.90  ? 14 DG B C5     1 
ATOM 460  C C6     . DG B 2 3  ? -4.890  -13.777 -0.853  1.00 59.51  ? 14 DG B C6     1 
ATOM 461  O O6     . DG B 2 3  ? -3.760  -13.534 -1.303  1.00 64.14  ? 14 DG B O6     1 
ATOM 462  N N1     . DG B 2 3  ? -5.423  -12.977 0.160   1.00 51.47  ? 14 DG B N1     1 
ATOM 463  C C2     . DG B 2 3  ? -6.662  -13.162 0.737   1.00 56.50  ? 14 DG B C2     1 
ATOM 464  N N2     . DG B 2 3  ? -7.010  -12.290 1.700   1.00 53.48  ? 14 DG B N2     1 
ATOM 465  N N3     . DG B 2 3  ? -7.506  -14.127 0.390   1.00 58.90  ? 14 DG B N3     1 
ATOM 466  C C4     . DG B 2 3  ? -7.001  -14.915 -0.594  1.00 59.37  ? 14 DG B C4     1 
ATOM 467  H "H5'"  . DG B 2 3  ? -12.077 -18.386 -3.165  1.00 116.25 ? 14 DG B "H5'"  1 
ATOM 468  H "H5''" . DG B 2 3  ? -10.725 -17.954 -3.860  1.00 116.25 ? 14 DG B "H5''" 1 
ATOM 469  H "H4'"  . DG B 2 3  ? -11.092 -18.041 -1.056  1.00 112.58 ? 14 DG B "H4'"  1 
ATOM 470  H "H3'"  . DG B 2 3  ? -11.043 -15.766 -2.721  1.00 113.51 ? 14 DG B "H3'"  1 
ATOM 471  H "H2'"  . DG B 2 3  ? -9.749  -14.665 -1.286  1.00 97.54  ? 14 DG B "H2'"  1 
ATOM 472  H "H2''" . DG B 2 3  ? -10.451 -15.337 -0.022  1.00 97.54  ? 14 DG B "H2''" 1 
ATOM 473  H "H1'"  . DG B 2 3  ? -8.918  -16.888 0.073   1.00 92.69  ? 14 DG B "H1'"  1 
ATOM 474  H H8     . DG B 2 3  ? -6.943  -17.227 -2.638  1.00 83.42  ? 14 DG B H8     1 
ATOM 475  H H1     . DG B 2 3  ? -4.944  -12.324 0.447   1.00 61.77  ? 14 DG B H1     1 
ATOM 476  H H21    . DG B 2 3  ? -7.776  -12.359 2.084   1.00 64.17  ? 14 DG B H21    1 
ATOM 477  H H22    . DG B 2 3  ? -6.467  -11.664 1.930   1.00 64.17  ? 14 DG B H22    1 
ATOM 478  P P      . DT B 2 4  ? -13.356 -14.715 -1.854  1.00 120.95 ? 15 DT B P      1 
ATOM 479  O OP1    . DT B 2 4  ? -14.738 -15.207 -2.052  1.00 113.59 ? 15 DT B OP1    1 
ATOM 480  O OP2    . DT B 2 4  ? -12.638 -14.072 -2.977  1.00 98.21  ? 15 DT B OP2    1 
ATOM 481  O "O5'"  . DT B 2 4  ? -13.339 -13.682 -0.627  1.00 112.07 ? 15 DT B "O5'"  1 
ATOM 482  C "C5'"  . DT B 2 4  ? -12.095 -13.248 -0.086  1.00 103.80 ? 15 DT B "C5'"  1 
ATOM 483  C "C4'"  . DT B 2 4  ? -12.155 -11.806 0.381   1.00 100.24 ? 15 DT B "C4'"  1 
ATOM 484  O "O4'"  . DT B 2 4  ? -10.794 -11.298 0.526   1.00 99.80  ? 15 DT B "O4'"  1 
ATOM 485  C "C3'"  . DT B 2 4  ? -12.814 -10.838 -0.584  1.00 88.92  ? 15 DT B "C3'"  1 
ATOM 486  O "O3'"  . DT B 2 4  ? -13.284 -9.679  0.107   1.00 87.07  ? 15 DT B "O3'"  1 
ATOM 487  C "C2'"  . DT B 2 4  ? -11.662 -10.524 -1.516  1.00 81.40  ? 15 DT B "C2'"  1 
ATOM 488  C "C1'"  . DT B 2 4  ? -10.522 -10.368 -0.517  1.00 82.15  ? 15 DT B "C1'"  1 
ATOM 489  N N1     . DT B 2 4  ? -9.141  -10.636 -1.073  1.00 69.26  ? 15 DT B N1     1 
ATOM 490  C C2     . DT B 2 4  ? -8.091  -9.853  -0.648  1.00 65.40  ? 15 DT B C2     1 
ATOM 491  O O2     . DT B 2 4  ? -8.218  -8.945  0.153   1.00 59.18  ? 15 DT B O2     1 
ATOM 492  N N3     . DT B 2 4  ? -6.875  -10.171 -1.196  1.00 62.10  ? 15 DT B N3     1 
ATOM 493  C C4     . DT B 2 4  ? -6.606  -11.171 -2.111  1.00 63.11  ? 15 DT B C4     1 
ATOM 494  O O4     . DT B 2 4  ? -5.475  -11.376 -2.545  1.00 55.48  ? 15 DT B O4     1 
ATOM 495  C C5     . DT B 2 4  ? -7.745  -11.961 -2.516  1.00 65.35  ? 15 DT B C5     1 
ATOM 496  C C7     . DT B 2 4  ? -7.568  -13.079 -3.506  1.00 61.25  ? 15 DT B C7     1 
ATOM 497  C C6     . DT B 2 4  ? -8.945  -11.662 -1.985  1.00 64.28  ? 15 DT B C6     1 
ATOM 498  H "H5'"  . DT B 2 4  ? -11.410 -13.331 -0.767  1.00 124.56 ? 15 DT B "H5'"  1 
ATOM 499  H "H5''" . DT B 2 4  ? -11.863 -13.815 0.666   1.00 124.56 ? 15 DT B "H5''" 1 
ATOM 500  H "H4'"  . DT B 2 4  ? -12.606 -11.762 1.238   1.00 120.29 ? 15 DT B "H4'"  1 
ATOM 501  H "H3'"  . DT B 2 4  ? -13.536 -11.272 -1.065  1.00 106.71 ? 15 DT B "H3'"  1 
ATOM 502  H "H2'"  . DT B 2 4  ? -11.494 -11.262 -2.124  1.00 97.68  ? 15 DT B "H2'"  1 
ATOM 503  H "H2''" . DT B 2 4  ? -11.819 -9.698  -1.999  1.00 97.68  ? 15 DT B "H2''" 1 
ATOM 504  H "H1'"  . DT B 2 4  ? -10.545 -9.469  -0.151  1.00 98.58  ? 15 DT B "H1'"  1 
ATOM 505  H H3     . DT B 2 4  ? -6.207  -9.692  -0.945  1.00 74.52  ? 15 DT B H3     1 
ATOM 506  H H71    . DT B 2 4  ? -7.829  -13.918 -3.094  1.00 73.50  ? 15 DT B H71    1 
ATOM 507  H H72    . DT B 2 4  ? -8.124  -12.914 -4.283  1.00 73.50  ? 15 DT B H72    1 
ATOM 508  H H73    . DT B 2 4  ? -6.638  -13.127 -3.777  1.00 73.50  ? 15 DT B H73    1 
ATOM 509  H H6     . DT B 2 4  ? -9.681  -12.167 -2.244  1.00 77.13  ? 15 DT B H6     1 
ATOM 510  P P      . DA B 2 5  ? -14.247 -8.619  -0.622  1.00 110.89 ? 16 DA B P      1 
ATOM 511  O OP1    . DA B 2 5  ? -15.624 -8.888  -0.156  1.00 98.73  ? 16 DA B OP1    1 
ATOM 512  O OP2    . DA B 2 5  ? -13.937 -8.652  -2.069  1.00 95.02  ? 16 DA B OP2    1 
ATOM 513  O "O5'"  . DA B 2 5  ? -13.768 -7.192  -0.064  1.00 98.19  ? 16 DA B "O5'"  1 
ATOM 514  C "C5'"  . DA B 2 5  ? -13.098 -7.082  1.197   1.00 92.98  ? 16 DA B "C5'"  1 
ATOM 515  C "C4'"  . DA B 2 5  ? -12.266 -5.809  1.272   1.00 93.01  ? 16 DA B "C4'"  1 
ATOM 516  O "O4'"  . DA B 2 5  ? -10.979 -6.029  0.637   1.00 88.00  ? 16 DA B "O4'"  1 
ATOM 517  C "C3'"  . DA B 2 5  ? -12.834 -4.592  0.552   1.00 92.38  ? 16 DA B "C3'"  1 
ATOM 518  O "O3'"  . DA B 2 5  ? -12.312 -3.393  1.153   1.00 97.33  ? 16 DA B "O3'"  1 
ATOM 519  C "C2'"  . DA B 2 5  ? -12.334 -4.820  -0.868  1.00 83.09  ? 16 DA B "C2'"  1 
ATOM 520  C "C1'"  . DA B 2 5  ? -10.929 -5.341  -0.609  1.00 79.87  ? 16 DA B "C1'"  1 
ATOM 521  N N9     . DA B 2 5  ? -10.430 -6.272  -1.605  1.00 71.86  ? 16 DA B N9     1 
ATOM 522  C C8     . DA B 2 5  ? -11.141 -7.224  -2.279  1.00 71.70  ? 16 DA B C8     1 
ATOM 523  N N7     . DA B 2 5  ? -10.415 -7.944  -3.099  1.00 69.36  ? 16 DA B N7     1 
ATOM 524  C C5     . DA B 2 5  ? -9.136  -7.436  -2.940  1.00 66.07  ? 16 DA B C5     1 
ATOM 525  C C6     . DA B 2 5  ? -7.901  -7.769  -3.528  1.00 61.75  ? 16 DA B C6     1 
ATOM 526  N N6     . DA B 2 5  ? -7.758  -8.741  -4.431  1.00 57.83  ? 16 DA B N6     1 
ATOM 527  N N1     . DA B 2 5  ? -6.815  -7.062  -3.147  1.00 57.13  ? 16 DA B N1     1 
ATOM 528  C C2     . DA B 2 5  ? -6.964  -6.089  -2.240  1.00 61.21  ? 16 DA B C2     1 
ATOM 529  N N3     . DA B 2 5  ? -8.070  -5.686  -1.620  1.00 64.86  ? 16 DA B N3     1 
ATOM 530  C C4     . DA B 2 5  ? -9.129  -6.411  -2.016  1.00 68.78  ? 16 DA B C4     1 
ATOM 531  H "H5'"  . DA B 2 5  ? -12.516 -7.850  1.316   1.00 111.58 ? 16 DA B "H5'"  1 
ATOM 532  H "H5''" . DA B 2 5  ? -13.758 -7.072  1.908   1.00 111.58 ? 16 DA B "H5''" 1 
ATOM 533  H "H4'"  . DA B 2 5  ? -12.121 -5.583  2.205   1.00 111.61 ? 16 DA B "H4'"  1 
ATOM 534  H "H3'"  . DA B 2 5  ? -13.804 -4.599  0.580   1.00 110.86 ? 16 DA B "H3'"  1 
ATOM 535  H "H2'"  . DA B 2 5  ? -12.873 -5.486  -1.323  1.00 99.71  ? 16 DA B "H2'"  1 
ATOM 536  H "H2''" . DA B 2 5  ? -12.309 -3.988  -1.366  1.00 99.71  ? 16 DA B "H2''" 1 
ATOM 537  H "H1'"  . DA B 2 5  ? -10.317 -4.591  -0.537  1.00 95.85  ? 16 DA B "H1'"  1 
ATOM 538  H H8     . DA B 2 5  ? -12.057 -7.346  -2.170  1.00 86.04  ? 16 DA B H8     1 
ATOM 539  H H61    . DA B 2 5  ? -6.983  -8.911  -4.762  1.00 69.39  ? 16 DA B H61    1 
ATOM 540  H H62    . DA B 2 5  ? -8.442  -9.198  -4.682  1.00 69.39  ? 16 DA B H62    1 
ATOM 541  H H2     . DA B 2 5  ? -6.187  -5.632  -2.011  1.00 73.45  ? 16 DA B H2     1 
ATOM 542  P P      . DC B 2 6  ? -12.546 -1.929  0.526   1.00 113.21 ? 17 DC B P      1 
ATOM 543  O OP1    . DC B 2 6  ? -13.426 -1.214  1.477   1.00 103.99 ? 17 DC B OP1    1 
ATOM 544  O OP2    . DC B 2 6  ? -12.947 -2.014  -0.894  1.00 108.41 ? 17 DC B OP2    1 
ATOM 545  O "O5'"  . DC B 2 6  ? -11.081 -1.272  0.573   1.00 88.97  ? 17 DC B "O5'"  1 
ATOM 546  C "C5'"  . DC B 2 6  ? -9.965  -1.983  0.036   1.00 80.90  ? 17 DC B "C5'"  1 
ATOM 547  C "C4'"  . DC B 2 6  ? -8.762  -1.069  -0.158  1.00 81.13  ? 17 DC B "C4'"  1 
ATOM 548  O "O4'"  . DC B 2 6  ? -7.756  -1.774  -0.928  1.00 79.34  ? 17 DC B "O4'"  1 
ATOM 549  C "C3'"  . DC B 2 6  ? -9.041  0.205   -0.943  1.00 81.42  ? 17 DC B "C3'"  1 
ATOM 550  O "O3'"  . DC B 2 6  ? -8.145  1.295   -0.548  1.00 87.53  ? 17 DC B "O3'"  1 
ATOM 551  C "C2'"  . DC B 2 6  ? -8.859  -0.252  -2.382  1.00 78.56  ? 17 DC B "C2'"  1 
ATOM 552  C "C1'"  . DC B 2 6  ? -7.765  -1.322  -2.274  1.00 70.91  ? 17 DC B "C1'"  1 
ATOM 553  N N1     . DC B 2 6  ? -7.965  -2.496  -3.178  1.00 63.69  ? 17 DC B N1     1 
ATOM 554  C C2     . DC B 2 6  ? -6.875  -3.020  -3.880  1.00 60.94  ? 17 DC B C2     1 
ATOM 555  O O2     . DC B 2 6  ? -5.759  -2.507  -3.736  1.00 58.63  ? 17 DC B O2     1 
ATOM 556  N N3     . DC B 2 6  ? -7.073  -4.081  -4.703  1.00 56.00  ? 17 DC B N3     1 
ATOM 557  C C4     . DC B 2 6  ? -8.294  -4.604  -4.834  1.00 60.24  ? 17 DC B C4     1 
ATOM 558  N N4     . DC B 2 6  ? -8.442  -5.647  -5.655  1.00 56.96  ? 17 DC B N4     1 
ATOM 559  C C5     . DC B 2 6  ? -9.416  -4.080  -4.131  1.00 62.38  ? 17 DC B C5     1 
ATOM 560  C C6     . DC B 2 6  ? -9.207  -3.044  -3.317  1.00 65.04  ? 17 DC B C6     1 
ATOM 561  H "H5'"  . DC B 2 6  ? -10.213 -2.365  -0.820  1.00 97.08  ? 17 DC B "H5'"  1 
ATOM 562  H "H5''" . DC B 2 6  ? -9.722  -2.699  0.644   1.00 97.08  ? 17 DC B "H5''" 1 
ATOM 563  H "H4'"  . DC B 2 6  ? -8.395  -0.836  0.709   1.00 97.36  ? 17 DC B "H4'"  1 
ATOM 564  H "H3'"  . DC B 2 6  ? -9.962  0.476   -0.803  1.00 97.71  ? 17 DC B "H3'"  1 
ATOM 565  H "H2'"  . DC B 2 6  ? -9.681  -0.636  -2.725  1.00 94.28  ? 17 DC B "H2'"  1 
ATOM 566  H "H2''" . DC B 2 6  ? -8.564  0.484   -2.941  1.00 94.28  ? 17 DC B "H2''" 1 
ATOM 567  H "H1'"  . DC B 2 6  ? -6.907  -0.915  -2.474  1.00 85.10  ? 17 DC B "H1'"  1 
ATOM 568  H H41    . DC B 2 6  ? -9.218  -6.005  -5.759  1.00 68.36  ? 17 DC B H41    1 
ATOM 569  H H42    . DC B 2 6  ? -7.764  -5.960  -6.080  1.00 68.36  ? 17 DC B H42    1 
ATOM 570  H H5     . DC B 2 6  ? -10.261 -4.455  -4.225  1.00 74.85  ? 17 DC B H5     1 
ATOM 571  H H6     . DC B 2 6  ? -9.923  -2.678  -2.850  1.00 78.05  ? 17 DC B H6     1 
ATOM 572  P P      . DT B 2 7  ? -6.625  1.425   -1.078  1.00 93.76  ? 18 DT B P      1 
ATOM 573  O OP1    . DT B 2 7  ? -5.890  0.173   -0.796  1.00 78.36  ? 18 DT B OP1    1 
ATOM 574  O OP2    . DT B 2 7  ? -6.101  2.701   -0.543  1.00 92.86  ? 18 DT B OP2    1 
ATOM 575  O "O5'"  . DT B 2 7  ? -6.759  1.627   -2.657  1.00 88.93  ? 18 DT B "O5'"  1 
ATOM 576  C "C5'"  . DT B 2 7  ? -5.870  2.500   -3.347  1.00 91.43  ? 18 DT B "C5'"  1 
ATOM 577  C "C4'"  . DT B 2 7  ? -4.477  1.906   -3.449  1.00 83.89  ? 18 DT B "C4'"  1 
ATOM 578  O "O4'"  . DT B 2 7  ? -4.559  0.537   -3.933  1.00 75.27  ? 18 DT B "O4'"  1 
ATOM 579  C "C3'"  . DT B 2 7  ? -3.570  2.594   -4.447  1.00 84.15  ? 18 DT B "C3'"  1 
ATOM 580  O "O3'"  . DT B 2 7  ? -2.201  2.356   -4.114  1.00 96.76  ? 18 DT B "O3'"  1 
ATOM 581  C "C2'"  . DT B 2 7  ? -3.986  1.909   -5.740  1.00 75.40  ? 18 DT B "C2'"  1 
ATOM 582  C "C1'"  . DT B 2 7  ? -4.060  0.474   -5.268  1.00 70.63  ? 18 DT B "C1'"  1 
ATOM 583  N N1     . DT B 2 7  ? -4.949  -0.433  -6.049  1.00 60.47  ? 18 DT B N1     1 
ATOM 584  C C2     . DT B 2 7  ? -4.385  -1.375  -6.876  1.00 57.27  ? 18 DT B C2     1 
ATOM 585  O O2     . DT B 2 7  ? -3.183  -1.471  -7.059  1.00 61.07  ? 18 DT B O2     1 
ATOM 586  N N3     . DT B 2 7  ? -5.282  -2.198  -7.505  1.00 59.62  ? 18 DT B N3     1 
ATOM 587  C C4     . DT B 2 7  ? -6.660  -2.181  -7.377  1.00 51.00  ? 18 DT B C4     1 
ATOM 588  O O4     . DT B 2 7  ? -7.384  -2.961  -7.987  1.00 56.25  ? 18 DT B O4     1 
ATOM 589  C C5     . DT B 2 7  ? -7.185  -1.183  -6.478  1.00 50.53  ? 18 DT B C5     1 
ATOM 590  C C7     . DT B 2 7  ? -8.665  -1.071  -6.264  1.00 53.48  ? 18 DT B C7     1 
ATOM 591  C C6     . DT B 2 7  ? -6.315  -0.370  -5.856  1.00 55.84  ? 18 DT B C6     1 
ATOM 592  H "H5'"  . DT B 2 7  ? -5.821  3.343   -2.870  1.00 109.71 ? 18 DT B "H5'"  1 
ATOM 593  H "H5''" . DT B 2 7  ? -6.213  2.661   -4.240  1.00 109.71 ? 18 DT B "H5''" 1 
ATOM 594  H "H4'"  . DT B 2 7  ? -4.058  1.915   -2.574  1.00 100.67 ? 18 DT B "H4'"  1 
ATOM 595  H "H3'"  . DT B 2 7  ? -3.757  3.545   -4.484  1.00 100.98 ? 18 DT B "H3'"  1 
ATOM 596  H "H2'"  . DT B 2 7  ? -4.853  2.225   -6.039  1.00 90.47  ? 18 DT B "H2'"  1 
ATOM 597  H "H2''" . DT B 2 7  ? -3.310  2.018   -6.427  1.00 90.47  ? 18 DT B "H2''" 1 
ATOM 598  H "H1'"  . DT B 2 7  ? -3.165  0.101   -5.252  1.00 84.76  ? 18 DT B "H1'"  1 
ATOM 599  H H3     . DT B 2 7  ? -4.954  -2.788  -8.037  1.00 71.55  ? 18 DT B H3     1 
ATOM 600  H H71    . DT B 2 7  ? -8.868  -1.224  -5.328  1.00 64.17  ? 18 DT B H71    1 
ATOM 601  H H72    . DT B 2 7  ? -8.962  -0.184  -6.519  1.00 64.17  ? 18 DT B H72    1 
ATOM 602  H H73    . DT B 2 7  ? -9.121  -1.733  -6.806  1.00 64.17  ? 18 DT B H73    1 
ATOM 603  H H6     . DT B 2 7  ? -6.650  0.273   -5.275  1.00 67.01  ? 18 DT B H6     1 
ATOM 604  P P      . DC B 2 8  ? -1.125  3.545   -4.152  1.00 106.97 ? 19 DC B P      1 
ATOM 605  O OP1    . DC B 2 8  ? 0.031   3.127   -3.327  1.00 110.17 ? 19 DC B OP1    1 
ATOM 606  O OP2    . DC B 2 8  ? -1.840  4.804   -3.840  1.00 90.60  ? 19 DC B OP2    1 
ATOM 607  O "O5'"  . DC B 2 8  ? -0.672  3.591   -5.685  1.00 94.72  ? 19 DC B "O5'"  1 
ATOM 608  C "C5'"  . DC B 2 8  ? -0.402  2.373   -6.391  1.00 87.82  ? 19 DC B "C5'"  1 
ATOM 609  C "C4'"  . DC B 2 8  ? -0.309  2.618   -7.891  1.00 94.96  ? 19 DC B "C4'"  1 
ATOM 610  O "O4'"  . DC B 2 8  ? -1.360  1.863   -8.568  1.00 85.16  ? 19 DC B "O4'"  1 
ATOM 611  C "C3'"  . DC B 2 8  ? -0.512  4.072   -8.322  1.00 89.82  ? 19 DC B "C3'"  1 
ATOM 612  O "O3'"  . DC B 2 8  ? 0.234   4.375   -9.494  1.00 97.08  ? 19 DC B "O3'"  1 
ATOM 613  C "C2'"  . DC B 2 8  ? -2.004  4.107   -8.576  1.00 81.68  ? 19 DC B "C2'"  1 
ATOM 614  C "C1'"  . DC B 2 8  ? -2.207  2.762   -9.260  1.00 71.95  ? 19 DC B "C1'"  1 
ATOM 615  N N1     . DC B 2 8  ? -3.618  2.242   -9.232  1.00 63.17  ? 19 DC B N1     1 
ATOM 616  C C2     . DC B 2 8  ? -3.911  1.018   -9.846  1.00 56.12  ? 19 DC B C2     1 
ATOM 617  O O2     . DC B 2 8  ? -2.996  0.381   -10.384 1.00 56.86  ? 19 DC B O2     1 
ATOM 618  N N3     . DC B 2 8  ? -5.190  0.564   -9.829  1.00 55.14  ? 19 DC B N3     1 
ATOM 619  C C4     . DC B 2 8  ? -6.143  1.283   -9.237  1.00 57.84  ? 19 DC B C4     1 
ATOM 620  N N4     . DC B 2 8  ? -7.386  0.802   -9.240  1.00 66.70  ? 19 DC B N4     1 
ATOM 621  C C5     . DC B 2 8  ? -5.865  2.534   -8.616  1.00 58.90  ? 19 DC B C5     1 
ATOM 622  C C6     . DC B 2 8  ? -4.606  2.975   -8.644  1.00 63.80  ? 19 DC B C6     1 
ATOM 623  H "H5'"  . DC B 2 8  ? -1.114  1.740   -6.215  1.00 105.39 ? 19 DC B "H5'"  1 
ATOM 624  H "H5''" . DC B 2 8  ? 0.438   2.003   -6.076  1.00 105.39 ? 19 DC B "H5''" 1 
ATOM 625  H "H4'"  . DC B 2 8  ? 0.555   2.312   -8.207  1.00 113.96 ? 19 DC B "H4'"  1 
ATOM 626  H "H3'"  . DC B 2 8  ? -0.277  4.676   -7.601  1.00 107.79 ? 19 DC B "H3'"  1 
ATOM 627  H "H2'"  . DC B 2 8  ? -2.498  4.152   -7.743  1.00 98.02  ? 19 DC B "H2'"  1 
ATOM 628  H "H2''" . DC B 2 8  ? -2.241  4.838   -9.168  1.00 98.02  ? 19 DC B "H2''" 1 
ATOM 629  H "H1'"  . DC B 2 8  ? -1.914  2.828   -10.181 1.00 86.34  ? 19 DC B "H1'"  1 
ATOM 630  H H41    . DC B 2 8  ? -8.020  1.248   -8.867  1.00 80.04  ? 19 DC B H41    1 
ATOM 631  H H42    . DC B 2 8  ? -7.554  0.047   -9.615  1.00 80.04  ? 19 DC B H42    1 
ATOM 632  H H5     . DC B 2 8  ? -6.539  3.028   -8.206  1.00 70.68  ? 19 DC B H5     1 
ATOM 633  H H6     . DC B 2 8  ? -4.397  3.786   -8.241  1.00 76.56  ? 19 DC B H6     1 
ATOM 634  P P      . DA B 2 9  ? 1.839   4.322   -9.481  1.00 108.87 ? 20 DA B P      1 
ATOM 635  O OP1    . DA B 2 9  ? 2.276   4.407   -8.068  1.00 105.18 ? 20 DA B OP1    1 
ATOM 636  O OP2    . DA B 2 9  ? 2.309   5.323   -10.468 1.00 101.03 ? 20 DA B OP2    1 
ATOM 637  O "O5'"  . DA B 2 9  ? 2.186   2.855   -10.039 1.00 103.78 ? 20 DA B "O5'"  1 
ATOM 638  C "C5'"  . DA B 2 9  ? 1.224   2.120   -10.817 1.00 99.63  ? 20 DA B "C5'"  1 
ATOM 639  C "C4'"  . DA B 2 9  ? 1.733   1.851   -12.224 1.00 102.21 ? 20 DA B "C4'"  1 
ATOM 640  O "O4'"  . DA B 2 9  ? 0.611   1.793   -13.132 1.00 90.81  ? 20 DA B "O4'"  1 
ATOM 641  C "C3'"  . DA B 2 9  ? 2.611   2.934   -12.808 1.00 99.34  ? 20 DA B "C3'"  1 
ATOM 642  O "O3'"  . DA B 2 9  ? 3.407   2.422   -13.875 1.00 102.42 ? 20 DA B "O3'"  1 
ATOM 643  C "C2'"  . DA B 2 9  ? 1.585   3.959   -13.283 1.00 93.95  ? 20 DA B "C2'"  1 
ATOM 644  C "C1'"  . DA B 2 9  ? 0.361   3.096   -13.639 1.00 85.28  ? 20 DA B "C1'"  1 
ATOM 645  N N9     . DA B 2 9  ? -0.912  3.574   -13.083 1.00 78.27  ? 20 DA B N9     1 
ATOM 646  C C8     . DA B 2 9  ? -1.139  4.732   -12.385 1.00 81.48  ? 20 DA B C8     1 
ATOM 647  N N7     . DA B 2 9  ? -2.390  4.894   -12.020 1.00 72.26  ? 20 DA B N7     1 
ATOM 648  C C5     . DA B 2 9  ? -3.029  3.771   -12.516 1.00 69.11  ? 20 DA B C5     1 
ATOM 649  C C6     . DA B 2 9  ? -4.370  3.341   -12.465 1.00 64.49  ? 20 DA B C6     1 
ATOM 650  N N6     . DA B 2 9  ? -5.341  4.032   -11.859 1.00 65.74  ? 20 DA B N6     1 
ATOM 651  N N1     . DA B 2 9  ? -4.671  2.171   -13.062 1.00 64.91  ? 20 DA B N1     1 
ATOM 652  C C2     . DA B 2 9  ? -3.692  1.482   -13.664 1.00 71.61  ? 20 DA B C2     1 
ATOM 653  N N3     . DA B 2 9  ? -2.402  1.784   -13.775 1.00 75.32  ? 20 DA B N3     1 
ATOM 654  C C4     . DA B 2 9  ? -2.132  2.948   -13.173 1.00 75.58  ? 20 DA B C4     1 
ATOM 655  H "H5'"  . DA B 2 9  ? 0.401   2.633   -10.870 1.00 119.56 ? 20 DA B "H5'"  1 
ATOM 656  H "H5''" . DA B 2 9  ? 1.042   1.274   -10.379 1.00 119.56 ? 20 DA B "H5''" 1 
ATOM 657  H "H4'"  . DA B 2 9  ? 2.207   1.005   -12.242 1.00 122.65 ? 20 DA B "H4'"  1 
ATOM 658  H "H3'"  . DA B 2 9  ? 3.176   3.317   -12.119 1.00 119.21 ? 20 DA B "H3'"  1 
ATOM 659  H "HO3'" . DA B 2 9  ? 3.354   2.766   -14.640 1.00 122.90 ? 20 DA B "HO3'" 1 
ATOM 660  H "H2'"  . DA B 2 9  ? 1.370   4.583   -12.572 1.00 112.74 ? 20 DA B "H2'"  1 
ATOM 661  H "H2''" . DA B 2 9  ? 1.911   4.430   -14.066 1.00 112.74 ? 20 DA B "H2''" 1 
ATOM 662  H "H1'"  . DA B 2 9  ? 0.281   3.046   -14.604 1.00 102.33 ? 20 DA B "H1'"  1 
ATOM 663  H H8     . DA B 2 9  ? -0.468  5.343   -12.184 1.00 97.78  ? 20 DA B H8     1 
ATOM 664  H H61    . DA B 2 9  ? -6.146  3.729   -11.854 1.00 78.89  ? 20 DA B H61    1 
ATOM 665  H H62    . DA B 2 9  ? -5.162  4.780   -11.473 1.00 78.89  ? 20 DA B H62    1 
ATOM 666  H H2     . DA B 2 9  ? -3.951  0.682   -14.060 1.00 85.94  ? 20 DA B H2     1 
ATOM 667  P P      . DT C 3 1  ? 13.067  -7.911  -6.511  1.00 97.84  ? 0  DT C P      1 
ATOM 668  O OP1    . DT C 3 1  ? 11.926  -8.833  -6.313  1.00 98.91  ? 0  DT C OP1    1 
ATOM 669  O OP2    . DT C 3 1  ? 14.185  -8.294  -7.403  1.00 97.94  ? 0  DT C OP2    1 
ATOM 670  O "O5'"  . DT C 3 1  ? 13.701  -7.534  -5.091  1.00 73.38  ? 0  DT C "O5'"  1 
ATOM 671  C "C5'"  . DT C 3 1  ? 12.871  -7.411  -3.926  1.00 63.80  ? 0  DT C "C5'"  1 
ATOM 672  C "C4'"  . DT C 3 1  ? 12.385  -8.772  -3.453  1.00 69.52  ? 0  DT C "C4'"  1 
ATOM 673  O "O4'"  . DT C 3 1  ? 13.133  -9.168  -2.269  1.00 69.58  ? 0  DT C "O4'"  1 
ATOM 674  C "C3'"  . DT C 3 1  ? 10.915  -8.833  -3.058  1.00 83.47  ? 0  DT C "C3'"  1 
ATOM 675  O "O3'"  . DT C 3 1  ? 10.343  -10.082 -3.451  1.00 90.89  ? 0  DT C "O3'"  1 
ATOM 676  C "C2'"  . DT C 3 1  ? 10.946  -8.646  -1.545  1.00 71.51  ? 0  DT C "C2'"  1 
ATOM 677  C "C1'"  . DT C 3 1  ? 12.280  -9.249  -1.139  1.00 58.53  ? 0  DT C "C1'"  1 
ATOM 678  N N1     . DT C 3 1  ? 12.935  -8.536  0.002   1.00 50.76  ? 0  DT C N1     1 
ATOM 679  C C2     . DT C 3 1  ? 12.654  -8.920  1.295   1.00 54.20  ? 0  DT C C2     1 
ATOM 680  O O2     . DT C 3 1  ? 11.888  -9.825  1.573   1.00 53.81  ? 0  DT C O2     1 
ATOM 681  N N3     . DT C 3 1  ? 13.310  -8.201  2.261   1.00 47.81  ? 0  DT C N3     1 
ATOM 682  C C4     . DT C 3 1  ? 14.198  -7.156  2.067   1.00 50.81  ? 0  DT C C4     1 
ATOM 683  O O4     . DT C 3 1  ? 14.737  -6.573  3.003   1.00 43.50  ? 0  DT C O4     1 
ATOM 684  C C5     . DT C 3 1  ? 14.446  -6.805  0.685   1.00 49.71  ? 0  DT C C5     1 
ATOM 685  C C7     . DT C 3 1  ? 15.391  -5.689  0.342   1.00 47.86  ? 0  DT C C7     1 
ATOM 686  C C6     . DT C 3 1  ? 13.808  -7.502  -0.267  1.00 49.38  ? 0  DT C C6     1 
ATOM 687  H "H5'"  . DT C 3 1  ? 12.105  -6.857  -4.140  1.00 76.56  ? 0  DT C "H5'"  1 
ATOM 688  H "H5''" . DT C 3 1  ? 13.381  -6.990  -3.217  1.00 76.56  ? 0  DT C "H5''" 1 
ATOM 689  H "H4'"  . DT C 3 1  ? 12.546  -9.421  -4.155  1.00 83.42  ? 0  DT C "H4'"  1 
ATOM 690  H "H3'"  . DT C 3 1  ? 10.430  -8.101  -3.472  1.00 100.17 ? 0  DT C "H3'"  1 
ATOM 691  H "H2'"  . DT C 3 1  ? 10.914  -7.705  -1.318  1.00 85.82  ? 0  DT C "H2'"  1 
ATOM 692  H "H2''" . DT C 3 1  ? 10.214  -9.126  -1.127  1.00 85.82  ? 0  DT C "H2''" 1 
ATOM 693  H "H1'"  . DT C 3 1  ? 12.151  -10.181 -0.903  1.00 70.24  ? 0  DT C "H1'"  1 
ATOM 694  H H3     . DT C 3 1  ? 13.151  -8.422  3.077   1.00 57.37  ? 0  DT C H3     1 
ATOM 695  H H71    . DT C 3 1  ? 15.862  -5.406  1.143   1.00 57.43  ? 0  DT C H71    1 
ATOM 696  H H72    . DT C 3 1  ? 16.032  -5.998  -0.317  1.00 57.43  ? 0  DT C H72    1 
ATOM 697  H H73    . DT C 3 1  ? 14.890  -4.941  -0.020  1.00 57.43  ? 0  DT C H73    1 
ATOM 698  H H6     . DT C 3 1  ? 13.968  -7.281  -1.156  1.00 59.26  ? 0  DT C H6     1 
ATOM 699  P P      . DC C 3 2  ? 8.748   -10.279 -3.470  1.00 101.44 ? 1  DC C P      1 
ATOM 700  O OP1    . DC C 3 2  ? 8.414   -11.264 -4.527  1.00 99.70  ? 1  DC C OP1    1 
ATOM 701  O OP2    . DC C 3 2  ? 8.131   -8.937  -3.535  1.00 88.98  ? 1  DC C OP2    1 
ATOM 702  O "O5'"  . DC C 3 2  ? 8.436   -10.905 -2.031  1.00 70.57  ? 1  DC C "O5'"  1 
ATOM 703  C "C5'"  . DC C 3 2  ? 7.152   -10.751 -1.462  1.00 71.33  ? 1  DC C "C5'"  1 
ATOM 704  C "C4'"  . DC C 3 2  ? 7.226   -10.660 0.053   1.00 73.78  ? 1  DC C "C4'"  1 
ATOM 705  O "O4'"  . DC C 3 2  ? 8.333   -9.823  0.453   1.00 72.95  ? 1  DC C "O4'"  1 
ATOM 706  C "C3'"  . DC C 3 2  ? 5.989   -10.039 0.709   1.00 69.02  ? 1  DC C "C3'"  1 
ATOM 707  O "O3'"  . DC C 3 2  ? 5.249   -11.030 1.402   1.00 70.75  ? 1  DC C "O3'"  1 
ATOM 708  C "C2'"  . DC C 3 2  ? 6.538   -8.949  1.650   1.00 64.24  ? 1  DC C "C2'"  1 
ATOM 709  C "C1'"  . DC C 3 2  ? 8.022   -9.261  1.706   1.00 63.02  ? 1  DC C "C1'"  1 
ATOM 710  N N1     . DC C 3 2  ? 8.925   -8.092  1.946   1.00 54.07  ? 1  DC C N1     1 
ATOM 711  C C2     . DC C 3 2  ? 9.247   -7.721  3.259   1.00 48.60  ? 1  DC C C2     1 
ATOM 712  O O2     . DC C 3 2  ? 8.734   -8.337  4.200   1.00 46.08  ? 1  DC C O2     1 
ATOM 713  N N3     . DC C 3 2  ? 10.102  -6.685  3.461   1.00 42.30  ? 1  DC C N3     1 
ATOM 714  C C4     . DC C 3 2  ? 10.633  -6.049  2.415   1.00 48.07  ? 1  DC C C4     1 
ATOM 715  N N4     . DC C 3 2  ? 11.471  -5.037  2.660   1.00 46.71  ? 1  DC C N4     1 
ATOM 716  C C5     . DC C 3 2  ? 10.328  -6.425  1.074   1.00 48.18  ? 1  DC C C5     1 
ATOM 717  C C6     . DC C 3 2  ? 9.482   -7.445  0.890   1.00 52.89  ? 1  DC C C6     1 
ATOM 718  H "H5'"  . DC C 3 2  ? 6.603   -11.511 -1.709  1.00 85.59  ? 1  DC C "H5'"  1 
ATOM 719  H "H5''" . DC C 3 2  ? 6.747   -9.941  -1.809  1.00 85.59  ? 1  DC C "H5''" 1 
ATOM 720  H "H4'"  . DC C 3 2  ? 7.359   -11.551 0.414   1.00 88.54  ? 1  DC C "H4'"  1 
ATOM 721  H "H3'"  . DC C 3 2  ? 5.431   -9.631  0.028   1.00 82.83  ? 1  DC C "H3'"  1 
ATOM 722  H "H2'"  . DC C 3 2  ? 6.388   -8.066  1.277   1.00 77.09  ? 1  DC C "H2'"  1 
ATOM 723  H "H2''" . DC C 3 2  ? 6.140   -9.024  2.532   1.00 77.09  ? 1  DC C "H2''" 1 
ATOM 724  H "H1'"  . DC C 3 2  ? 8.178   -9.925  2.395   1.00 75.63  ? 1  DC C "H1'"  1 
ATOM 725  H H41    . DC C 3 2  ? 11.828  -4.608  2.006   1.00 56.05  ? 1  DC C H41    1 
ATOM 726  H H42    . DC C 3 2  ? 11.652  -4.816  3.471   1.00 56.05  ? 1  DC C H42    1 
ATOM 727  H H5     . DC C 3 2  ? 10.703  -5.975  0.352   1.00 57.81  ? 1  DC C H5     1 
ATOM 728  H H6     . DC C 3 2  ? 9.271   -7.713  0.024   1.00 63.47  ? 1  DC C H6     1 
ATOM 729  P P      . DT C 3 3  ? 3.670   -10.837 1.599   1.00 71.59  ? 2  DT C P      1 
ATOM 730  O OP1    . DT C 3 3  ? 3.095   -12.105 2.097   1.00 73.26  ? 2  DT C OP1    1 
ATOM 731  O OP2    . DT C 3 3  ? 3.170   -10.229 0.344   1.00 89.76  ? 2  DT C OP2    1 
ATOM 732  O "O5'"  . DT C 3 3  ? 3.570   -9.751  2.769   1.00 74.78  ? 2  DT C "O5'"  1 
ATOM 733  C "C5'"  . DT C 3 3  ? 4.153   -10.024 4.038   1.00 71.92  ? 2  DT C "C5'"  1 
ATOM 734  C "C4'"  . DT C 3 3  ? 4.159   -8.786  4.916   1.00 74.21  ? 2  DT C "C4'"  1 
ATOM 735  O "O4'"  . DT C 3 3  ? 5.425   -8.114  4.820   1.00 68.62  ? 2  DT C "O4'"  1 
ATOM 736  C "C3'"  . DT C 3 3  ? 3.176   -7.696  4.539   1.00 75.35  ? 2  DT C "C3'"  1 
ATOM 737  O "O3'"  . DT C 3 3  ? 1.820   -8.014  4.936   1.00 83.46  ? 2  DT C "O3'"  1 
ATOM 738  C "C2'"  . DT C 3 3  ? 3.762   -6.483  5.277   1.00 68.58  ? 2  DT C "C2'"  1 
ATOM 739  C "C1'"  . DT C 3 3  ? 5.263   -6.826  5.386   1.00 60.69  ? 2  DT C "C1'"  1 
ATOM 740  N N1     . DT C 3 3  ? 6.198   -5.864  4.683   1.00 51.90  ? 2  DT C N1     1 
ATOM 741  C C2     . DT C 3 3  ? 7.042   -5.081  5.439   1.00 50.53  ? 2  DT C C2     1 
ATOM 742  O O2     . DT C 3 3  ? 7.061   -5.106  6.658   1.00 50.82  ? 2  DT C O2     1 
ATOM 743  N N3     . DT C 3 3  ? 7.866   -4.254  4.716   1.00 46.80  ? 2  DT C N3     1 
ATOM 744  C C4     . DT C 3 3  ? 7.934   -4.138  3.340   1.00 50.54  ? 2  DT C C4     1 
ATOM 745  O O4     . DT C 3 3  ? 8.707   -3.364  2.781   1.00 47.69  ? 2  DT C O4     1 
ATOM 746  C C5     . DT C 3 3  ? 7.030   -4.992  2.606   1.00 50.74  ? 2  DT C C5     1 
ATOM 747  C C7     . DT C 3 3  ? 7.014   -4.952  1.108   1.00 48.76  ? 2  DT C C7     1 
ATOM 748  C C6     . DT C 3 3  ? 6.216   -5.806  3.301   1.00 51.42  ? 2  DT C C6     1 
ATOM 749  H "H5'"  . DT C 3 3  ? 5.065   -10.327 3.911   1.00 86.30  ? 2  DT C "H5'"  1 
ATOM 750  H "H5''" . DT C 3 3  ? 3.644   -10.722 4.478   1.00 86.30  ? 2  DT C "H5''" 1 
ATOM 751  H "H4'"  . DT C 3 3  ? 4.008   -9.047  5.838   1.00 89.05  ? 2  DT C "H4'"  1 
ATOM 752  H "H3'"  . DT C 3 3  ? 3.210   -7.544  3.582   1.00 90.42  ? 2  DT C "H3'"  1 
ATOM 753  H "H2'"  . DT C 3 3  ? 3.632   -5.674  4.760   1.00 82.30  ? 2  DT C "H2'"  1 
ATOM 754  H "H2''" . DT C 3 3  ? 3.366   -6.397  6.158   1.00 82.30  ? 2  DT C "H2''" 1 
ATOM 755  H "H1'"  . DT C 3 3  ? 5.507   -6.866  6.324   1.00 72.83  ? 2  DT C "H1'"  1 
ATOM 756  H H3     . DT C 3 3  ? 8.396   -3.751  5.170   1.00 56.16  ? 2  DT C H3     1 
ATOM 757  H H71    . DT C 3 3  ? 7.237   -5.829  0.759   1.00 58.51  ? 2  DT C H71    1 
ATOM 758  H H72    . DT C 3 3  ? 6.129   -4.698  0.800   1.00 58.51  ? 2  DT C H72    1 
ATOM 759  H H73    . DT C 3 3  ? 7.665   -4.304  0.794   1.00 58.51  ? 2  DT C H73    1 
ATOM 760  H H6     . DT C 3 3  ? 5.635   -6.358  2.829   1.00 61.70  ? 2  DT C H6     1 
ATOM 761  P P      . DC C 3 4  ? 1.500   -8.786  6.310   1.00 78.57  ? 3  DC C P      1 
ATOM 762  O OP1    . DC C 3 4  ? 2.095   -7.982  7.402   1.00 71.67  ? 3  DC C OP1    1 
ATOM 763  O OP2    . DC C 3 4  ? 1.918   -10.197 6.136   1.00 82.79  ? 3  DC C OP2    1 
ATOM 764  O "O5'"  . DC C 3 4  ? -0.101  -8.715  6.420   1.00 77.54  ? 3  DC C "O5'"  1 
ATOM 765  C "C5'"  . DC C 3 4  ? -0.755  -7.450  6.315   1.00 81.40  ? 3  DC C "C5'"  1 
ATOM 766  C "C4'"  . DC C 3 4  ? -2.021  -7.520  5.466   1.00 69.82  ? 3  DC C "C4'"  1 
ATOM 767  O "O4'"  . DC C 3 4  ? -1.731  -8.044  4.153   1.00 61.67  ? 3  DC C "O4'"  1 
ATOM 768  C "C3'"  . DC C 3 4  ? -3.110  -8.442  5.962   1.00 72.59  ? 3  DC C "C3'"  1 
ATOM 769  O "O3'"  . DC C 3 4  ? -3.822  -7.857  7.037   1.00 85.36  ? 3  DC C "O3'"  1 
ATOM 770  C "C2'"  . DC C 3 4  ? -3.968  -8.620  4.710   1.00 57.96  ? 3  DC C "C2'"  1 
ATOM 771  C "C1'"  . DC C 3 4  ? -2.955  -8.457  3.561   1.00 59.80  ? 3  DC C "C1'"  1 
ATOM 772  N N1     . DC C 3 4  ? -2.703  -9.705  2.752   1.00 53.78  ? 3  DC C N1     1 
ATOM 773  C C2     . DC C 3 4  ? -3.773  -10.506 2.317   1.00 53.23  ? 3  DC C C2     1 
ATOM 774  O O2     . DC C 3 4  ? -4.931  -10.189 2.619   1.00 51.28  ? 3  DC C O2     1 
ATOM 775  N N3     . DC C 3 4  ? -3.503  -11.615 1.578   1.00 48.50  ? 3  DC C N3     1 
ATOM 776  C C4     . DC C 3 4  ? -2.239  -11.925 1.274   1.00 53.63  ? 3  DC C C4     1 
ATOM 777  N N4     . DC C 3 4  ? -2.015  -13.025 0.549   1.00 55.99  ? 3  DC C N4     1 
ATOM 778  C C5     . DC C 3 4  ? -1.145  -11.117 1.700   1.00 55.75  ? 3  DC C C5     1 
ATOM 779  C C6     . DC C 3 4  ? -1.421  -10.030 2.429   1.00 53.42  ? 3  DC C C6     1 
ATOM 780  H "H5'"  . DC C 3 4  ? -0.144  -6.812  5.915   1.00 97.68  ? 3  DC C "H5'"  1 
ATOM 781  H "H5''" . DC C 3 4  ? -0.991  -7.143  7.205   1.00 97.68  ? 3  DC C "H5''" 1 
ATOM 782  H "H4'"  . DC C 3 4  ? -2.386  -6.626  5.374   1.00 83.79  ? 3  DC C "H4'"  1 
ATOM 783  H "H3'"  . DC C 3 4  ? -2.730  -9.293  6.232   1.00 87.11  ? 3  DC C "H3'"  1 
ATOM 784  H "H2'"  . DC C 3 4  ? -4.367  -9.503  4.692   1.00 69.55  ? 3  DC C "H2'"  1 
ATOM 785  H "H2''" . DC C 3 4  ? -4.651  -7.932  4.664   1.00 69.55  ? 3  DC C "H2''" 1 
ATOM 786  H "H1'"  . DC C 3 4  ? -3.267  -7.758  2.966   1.00 71.76  ? 3  DC C "H1'"  1 
ATOM 787  H H41    . DC C 3 4  ? -1.210  -13.243 0.335   1.00 67.19  ? 3  DC C H41    1 
ATOM 788  H H42    . DC C 3 4  ? -2.675  -13.515 0.297   1.00 67.19  ? 3  DC C H42    1 
ATOM 789  H H5     . DC C 3 4  ? -0.269  -11.341 1.483   1.00 66.90  ? 3  DC C H5     1 
ATOM 790  H H6     . DC C 3 4  ? -0.724  -9.485  2.717   1.00 64.11  ? 3  DC C H6     1 
ATOM 791  P P      . DC C 3 5  ? -3.700  -8.494  8.503   1.00 74.09  ? 4  DC C P      1 
ATOM 792  O OP1    . DC C 3 5  ? -4.952  -8.188  9.228   1.00 81.20  ? 4  DC C OP1    1 
ATOM 793  O OP2    . DC C 3 5  ? -2.409  -8.037  9.066   1.00 74.86  ? 4  DC C OP2    1 
ATOM 794  O "O5'"  . DC C 3 5  ? -3.569  -10.064 8.207   1.00 76.68  ? 4  DC C "O5'"  1 
ATOM 795  C "C5'"  . DC C 3 5  ? -4.434  -11.007 8.832   1.00 82.82  ? 4  DC C "C5'"  1 
ATOM 796  C "C4'"  . DC C 3 5  ? -5.894  -10.756 8.479   1.00 76.83  ? 4  DC C "C4'"  1 
ATOM 797  O "O4'"  . DC C 3 5  ? -6.002  -10.347 7.084   1.00 59.77  ? 4  DC C "O4'"  1 
ATOM 798  C "C3'"  . DC C 3 5  ? -6.793  -11.978 8.639   1.00 78.37  ? 4  DC C "C3'"  1 
ATOM 799  O "O3'"  . DC C 3 5  ? -7.601  -11.858 9.794   1.00 76.47  ? 4  DC C "O3'"  1 
ATOM 800  C "C2'"  . DC C 3 5  ? -7.621  -12.018 7.356   1.00 65.34  ? 4  DC C "C2'"  1 
ATOM 801  C "C1'"  . DC C 3 5  ? -6.728  -11.311 6.349   1.00 60.65  ? 4  DC C "C1'"  1 
ATOM 802  N N1     . DC C 3 5  ? -5.739  -12.200 5.620   1.00 56.80  ? 4  DC C N1     1 
ATOM 803  C C2     . DC C 3 5  ? -6.184  -13.314 4.887   1.00 51.11  ? 4  DC C C2     1 
ATOM 804  O O2     . DC C 3 5  ? -7.391  -13.583 4.868   1.00 45.84  ? 4  DC C O2     1 
ATOM 805  N N3     . DC C 3 5  ? -5.269  -14.077 4.229   1.00 43.21  ? 4  DC C N3     1 
ATOM 806  C C4     . DC C 3 5  ? -3.974  -13.755 4.276   1.00 50.98  ? 4  DC C C4     1 
ATOM 807  N N4     . DC C 3 5  ? -3.109  -14.534 3.621   1.00 52.93  ? 4  DC C N4     1 
ATOM 808  C C5     . DC C 3 5  ? -3.506  -12.623 5.004   1.00 57.36  ? 4  DC C C5     1 
ATOM 809  C C6     . DC C 3 5  ? -4.413  -11.880 5.652   1.00 59.53  ? 4  DC C C6     1 
ATOM 810  H "H5'"  . DC C 3 5  ? -4.327  -10.944 9.795   1.00 99.38  ? 4  DC C "H5'"  1 
ATOM 811  H "H5''" . DC C 3 5  ? -4.189  -11.900 8.545   1.00 99.38  ? 4  DC C "H5''" 1 
ATOM 812  H "H4'"  . DC C 3 5  ? -6.233  -10.042 9.041   1.00 92.19  ? 4  DC C "H4'"  1 
ATOM 813  H "H3'"  . DC C 3 5  ? -6.249  -12.778 8.702   1.00 94.04  ? 4  DC C "H3'"  1 
ATOM 814  H "H2'"  . DC C 3 5  ? -7.787  -12.933 7.083   1.00 78.40  ? 4  DC C "H2'"  1 
ATOM 815  H "H2''" . DC C 3 5  ? -8.454  -11.536 7.471   1.00 78.40  ? 4  DC C "H2''" 1 
ATOM 816  H "H1'"  . DC C 3 5  ? -7.285  -10.858 5.697   1.00 72.78  ? 4  DC C "H1'"  1 
ATOM 817  H H41    . DC C 3 5  ? -2.271  -14.344 3.623   1.00 63.52  ? 4  DC C H41    1 
ATOM 818  H H42    . DC C 3 5  ? -3.391  -15.227 3.195   1.00 63.52  ? 4  DC C H42    1 
ATOM 819  H H5     . DC C 3 5  ? -2.602  -12.408 5.031   1.00 68.83  ? 4  DC C H5     1 
ATOM 820  H H6     . DC C 3 5  ? -4.134  -11.133 6.130   1.00 71.44  ? 4  DC C H6     1 
ATOM 821  P P      . DG C 3 6  ? -8.438  -13.129 10.301  1.00 85.66  ? 5  DG C P      1 
ATOM 822  O OP1    . DG C 3 6  ? -8.993  -12.824 11.640  1.00 96.53  ? 5  DG C OP1    1 
ATOM 823  O OP2    . DG C 3 6  ? -7.549  -14.299 10.123  1.00 73.91  ? 5  DG C OP2    1 
ATOM 824  O "O5'"  . DG C 3 6  ? -9.627  -13.243 9.231   1.00 68.61  ? 5  DG C "O5'"  1 
ATOM 825  C "C5'"  . DG C 3 6  ? -10.628 -14.245 9.372   1.00 73.35  ? 5  DG C "C5'"  1 
ATOM 826  C "C4'"  . DG C 3 6  ? -10.295 -15.476 8.548   1.00 67.92  ? 5  DG C "C4'"  1 
ATOM 827  O "O4'"  . DG C 3 6  ? -9.261  -15.170 7.591   1.00 62.09  ? 5  DG C "O4'"  1 
ATOM 828  C "C3'"  . DG C 3 6  ? -9.723  -16.651 9.316   1.00 77.63  ? 5  DG C "C3'"  1 
ATOM 829  O "O3'"  . DG C 3 6  ? -10.748 -17.392 9.976   1.00 74.82  ? 5  DG C "O3'"  1 
ATOM 830  C "C2'"  . DG C 3 6  ? -9.039  -17.450 8.204   1.00 65.68  ? 5  DG C "C2'"  1 
ATOM 831  C "C1'"  . DG C 3 6  ? -8.699  -16.391 7.146   1.00 52.28  ? 5  DG C "C1'"  1 
ATOM 832  N N9     . DG C 3 6  ? -7.268  -16.225 6.942   1.00 53.76  ? 5  DG C N9     1 
ATOM 833  C C8     . DG C 3 6  ? -6.452  -15.257 7.478   1.00 56.75  ? 5  DG C C8     1 
ATOM 834  N N7     . DG C 3 6  ? -5.203  -15.374 7.117   1.00 53.30  ? 5  DG C N7     1 
ATOM 835  C C5     . DG C 3 6  ? -5.189  -16.499 6.301   1.00 47.20  ? 5  DG C C5     1 
ATOM 836  C C6     . DG C 3 6  ? -4.115  -17.119 5.619   1.00 46.26  ? 5  DG C C6     1 
ATOM 837  O O6     . DG C 3 6  ? -2.918  -16.793 5.607   1.00 43.59  ? 5  DG C O6     1 
ATOM 838  N N1     . DG C 3 6  ? -4.541  -18.238 4.901   1.00 46.16  ? 5  DG C N1     1 
ATOM 839  C C2     . DG C 3 6  ? -5.837  -18.697 4.857   1.00 44.04  ? 5  DG C C2     1 
ATOM 840  N N2     . DG C 3 6  ? -6.060  -19.793 4.115   1.00 43.01  ? 5  DG C N2     1 
ATOM 841  N N3     . DG C 3 6  ? -6.847  -18.124 5.491   1.00 39.17  ? 5  DG C N3     1 
ATOM 842  C C4     . DG C 3 6  ? -6.450  -17.035 6.192   1.00 48.45  ? 5  DG C C4     1 
ATOM 843  H "H5'"  . DG C 3 6  ? -11.479 -13.887 9.080   1.00 88.01  ? 5  DG C "H5'"  1 
ATOM 844  H "H5''" . DG C 3 6  ? -10.694 -14.498 10.307  1.00 88.01  ? 5  DG C "H5''" 1 
ATOM 845  H "H4'"  . DG C 3 6  ? -11.091 -15.764 8.074   1.00 81.51  ? 5  DG C "H4'"  1 
ATOM 846  H "H3'"  . DG C 3 6  ? -9.065  -16.341 9.958   1.00 93.16  ? 5  DG C "H3'"  1 
ATOM 847  H "HO3'" . DG C 3 6  ? -10.730 -17.481 10.810  1.00 89.78  ? 5  DG C "HO3'" 1 
ATOM 848  H "H2'"  . DG C 3 6  ? -8.231  -17.871 8.535   1.00 78.82  ? 5  DG C "H2'"  1 
ATOM 849  H "H2''" . DG C 3 6  ? -9.646  -18.112 7.839   1.00 78.82  ? 5  DG C "H2''" 1 
ATOM 850  H "H1'"  . DG C 3 6  ? -9.111  -16.641 6.305   1.00 62.74  ? 5  DG C "H1'"  1 
ATOM 851  H H8     . DG C 3 6  ? -6.762  -14.578 8.031   1.00 68.10  ? 5  DG C H8     1 
ATOM 852  H H1     . DG C 3 6  ? -3.948  -18.678 4.460   1.00 55.39  ? 5  DG C H1     1 
ATOM 853  H H21    . DG C 3 6  ? -6.854  -20.116 4.053   1.00 51.61  ? 5  DG C H21    1 
ATOM 854  H H22    . DG C 3 6  ? -5.407  -20.171 3.701   1.00 51.61  ? 5  DG C H22    1 
ATOM 855  O "O5'"  . DT D 4 1  ? -13.107 10.559  -14.166 1.00 144.65 ? 2  DT D "O5'"  1 
ATOM 856  C "C5'"  . DT D 4 1  ? -14.319 10.288  -14.863 1.00 132.57 ? 2  DT D "C5'"  1 
ATOM 857  C "C4'"  . DT D 4 1  ? -14.343 8.861   -15.379 1.00 127.14 ? 2  DT D "C4'"  1 
ATOM 858  O "O4'"  . DT D 4 1  ? -13.165 8.623   -16.212 1.00 123.62 ? 2  DT D "O4'"  1 
ATOM 859  C "C3'"  . DT D 4 1  ? -14.286 7.789   -14.293 1.00 123.23 ? 2  DT D "C3'"  1 
ATOM 860  O "O3'"  . DT D 4 1  ? -14.990 6.609   -14.696 1.00 121.93 ? 2  DT D "O3'"  1 
ATOM 861  C "C2'"  . DT D 4 1  ? -12.796 7.546   -14.188 1.00 120.00 ? 2  DT D "C2'"  1 
ATOM 862  C "C1'"  . DT D 4 1  ? -12.418 7.556   -15.659 1.00 114.81 ? 2  DT D "C1'"  1 
ATOM 863  N N1     . DT D 4 1  ? -10.957 7.761   -15.943 1.00 113.73 ? 2  DT D N1     1 
ATOM 864  C C2     . DT D 4 1  ? -10.350 6.977   -16.897 1.00 111.95 ? 2  DT D C2     1 
ATOM 865  O O2     . DT D 4 1  ? -10.939 6.120   -17.530 1.00 109.36 ? 2  DT D O2     1 
ATOM 866  N N3     . DT D 4 1  ? -9.019  7.232   -17.090 1.00 120.18 ? 2  DT D N3     1 
ATOM 867  C C4     . DT D 4 1  ? -8.248  8.174   -16.438 1.00 121.82 ? 2  DT D C4     1 
ATOM 868  O O4     . DT D 4 1  ? -7.056  8.326   -16.684 1.00 122.24 ? 2  DT D O4     1 
ATOM 869  C C5     . DT D 4 1  ? -8.942  8.963   -15.449 1.00 123.03 ? 2  DT D C5     1 
ATOM 870  C C7     . DT D 4 1  ? -8.203  10.016  -14.678 1.00 143.31 ? 2  DT D C7     1 
ATOM 871  C C6     . DT D 4 1  ? -10.249 8.724   -15.250 1.00 126.92 ? 2  DT D C6     1 
ATOM 872  H "H5'"  . DT D 4 1  ? -14.399 10.899  -15.613 1.00 159.08 ? 2  DT D "H5'"  1 
ATOM 873  H "H5''" . DT D 4 1  ? -15.069 10.422  -14.262 1.00 159.08 ? 2  DT D "H5''" 1 
ATOM 874  H "H4'"  . DT D 4 1  ? -15.142 8.729   -15.913 1.00 152.57 ? 2  DT D "H4'"  1 
ATOM 875  H "H3'"  . DT D 4 1  ? -14.636 8.131   -13.457 1.00 147.87 ? 2  DT D "H3'"  1 
ATOM 876  H "H2'"  . DT D 4 1  ? -12.357 8.266   -13.709 1.00 144.00 ? 2  DT D "H2'"  1 
ATOM 877  H "H2''" . DT D 4 1  ? -12.609 6.684   -13.784 1.00 144.00 ? 2  DT D "H2''" 1 
ATOM 878  H "H1'"  . DT D 4 1  ? -12.706 6.724   -16.066 1.00 137.77 ? 2  DT D "H1'"  1 
ATOM 879  H H3     . DT D 4 1  ? -8.620  6.754   -17.682 1.00 144.22 ? 2  DT D H3     1 
ATOM 880  H H71    . DT D 4 1  ? -8.611  10.881  -14.841 1.00 171.97 ? 2  DT D H71    1 
ATOM 881  H H72    . DT D 4 1  ? -8.245  9.812   -13.730 1.00 171.97 ? 2  DT D H72    1 
ATOM 882  H H73    . DT D 4 1  ? -7.276  10.036  -14.964 1.00 171.97 ? 2  DT D H73    1 
ATOM 883  H H6     . DT D 4 1  ? -10.699 9.230   -14.614 1.00 152.30 ? 2  DT D H6     1 
ATOM 884  P P      . DC D 4 2  ? -16.554 6.424   -14.371 1.00 121.64 ? 3  DC D P      1 
ATOM 885  O OP1    . DC D 4 2  ? -17.283 7.503   -15.074 1.00 127.64 ? 3  DC D OP1    1 
ATOM 886  O OP2    . DC D 4 2  ? -16.703 6.282   -12.906 1.00 119.62 ? 3  DC D OP2    1 
ATOM 887  O "O5'"  . DC D 4 2  ? -16.931 5.037   -15.086 1.00 116.09 ? 3  DC D "O5'"  1 
ATOM 888  C "C5'"  . DC D 4 2  ? -16.286 3.816   -14.695 1.00 121.34 ? 3  DC D "C5'"  1 
ATOM 889  C "C4'"  . DC D 4 2  ? -15.716 3.080   -15.904 1.00 121.06 ? 3  DC D "C4'"  1 
ATOM 890  O "O4'"  . DC D 4 2  ? -14.433 3.668   -16.282 1.00 117.38 ? 3  DC D "O4'"  1 
ATOM 891  C "C3'"  . DC D 4 2  ? -15.431 1.594   -15.689 1.00 123.41 ? 3  DC D "C3'"  1 
ATOM 892  O "O3'"  . DC D 4 2  ? -15.706 0.855   -16.892 1.00 130.15 ? 3  DC D "O3'"  1 
ATOM 893  C "C2'"  . DC D 4 2  ? -13.958 1.595   -15.299 1.00 118.13 ? 3  DC D "C2'"  1 
ATOM 894  C "C1'"  . DC D 4 2  ? -13.402 2.693   -16.178 1.00 112.83 ? 3  DC D "C1'"  1 
ATOM 895  N N1     . DC D 4 2  ? -12.177 3.338   -15.623 1.00 106.46 ? 3  DC D N1     1 
ATOM 896  C C2     . DC D 4 2  ? -12.292 4.263   -14.585 1.00 112.07 ? 3  DC D C2     1 
ATOM 897  O O2     . DC D 4 2  ? -13.411 4.543   -14.148 1.00 118.75 ? 3  DC D O2     1 
ATOM 898  N N3     . DC D 4 2  ? -11.169 4.836   -14.090 1.00 105.20 ? 3  DC D N3     1 
ATOM 899  C C4     . DC D 4 2  ? -9.981  4.515   -14.587 1.00 96.63  ? 3  DC D C4     1 
ATOM 900  N N4     . DC D 4 2  ? -8.911  5.113   -14.062 1.00 84.74  ? 3  DC D N4     1 
ATOM 901  C C5     . DC D 4 2  ? -9.843  3.567   -15.643 1.00 92.12  ? 3  DC D C5     1 
ATOM 902  C C6     . DC D 4 2  ? -10.955 3.008   -16.122 1.00 98.66  ? 3  DC D C6     1 
ATOM 903  H "H5'"  . DC D 4 2  ? -16.931 3.244   -14.251 1.00 145.61 ? 3  DC D "H5'"  1 
ATOM 904  H "H5''" . DC D 4 2  ? -15.564 4.020   -14.079 1.00 145.61 ? 3  DC D "H5''" 1 
ATOM 905  H "H4'"  . DC D 4 2  ? -16.334 3.175   -16.646 1.00 145.27 ? 3  DC D "H4'"  1 
ATOM 906  H "H3'"  . DC D 4 2  ? -15.970 1.255   -14.956 1.00 148.09 ? 3  DC D "H3'"  1 
ATOM 907  H "H2'"  . DC D 4 2  ? -13.848 1.814   -14.361 1.00 141.76 ? 3  DC D "H2'"  1 
ATOM 908  H "H2''" . DC D 4 2  ? -13.544 0.742   -15.508 1.00 141.76 ? 3  DC D "H2''" 1 
ATOM 909  H "H1'"  . DC D 4 2  ? -13.208 2.335   -17.058 1.00 135.40 ? 3  DC D "H1'"  1 
ATOM 910  H H41    . DC D 4 2  ? -8.125  4.929   -14.361 1.00 101.69 ? 3  DC D H41    1 
ATOM 911  H H42    . DC D 4 2  ? -9.005  5.681   -13.423 1.00 101.69 ? 3  DC D H42    1 
ATOM 912  H H5     . DC D 4 2  ? -9.007  3.346   -15.984 1.00 110.54 ? 3  DC D H5     1 
ATOM 913  H H6     . DC D 4 2  ? -10.895 2.386   -16.811 1.00 118.40 ? 3  DC D H6     1 
ATOM 914  P P      . DT D 4 3  ? -14.876 -0.467  -17.282 1.00 134.21 ? 4  DT D P      1 
ATOM 915  O OP1    . DT D 4 3  ? -13.565 -0.026  -17.810 1.00 132.51 ? 4  DT D OP1    1 
ATOM 916  O OP2    . DT D 4 3  ? -15.765 -1.308  -18.115 1.00 129.75 ? 4  DT D OP2    1 
ATOM 917  O "O5'"  . DT D 4 3  ? -14.648 -1.216  -15.886 1.00 124.93 ? 4  DT D "O5'"  1 
ATOM 918  C "C5'"  . DT D 4 3  ? -14.115 -2.539  -15.855 1.00 122.72 ? 4  DT D "C5'"  1 
ATOM 919  C "C4'"  . DT D 4 3  ? -12.768 -2.617  -16.555 1.00 120.66 ? 4  DT D "C4'"  1 
ATOM 920  O "O4'"  . DT D 4 3  ? -11.959 -1.463  -16.194 1.00 114.39 ? 4  DT D "O4'"  1 
ATOM 921  C "C3'"  . DT D 4 3  ? -11.937 -3.855  -16.187 1.00 117.22 ? 4  DT D "C3'"  1 
ATOM 922  O "O3'"  . DT D 4 3  ? -11.611 -4.623  -17.346 1.00 118.86 ? 4  DT D "O3'"  1 
ATOM 923  C "C2'"  . DT D 4 3  ? -10.696 -3.284  -15.499 1.00 113.01 ? 4  DT D "C2'"  1 
ATOM 924  C "C1'"  . DT D 4 3  ? -10.622 -1.875  -16.046 1.00 107.24 ? 4  DT D "C1'"  1 
ATOM 925  N N1     . DT D 4 3  ? -9.881  -0.908  -15.159 1.00 97.56  ? 4  DT D N1     1 
ATOM 926  C C2     . DT D 4 3  ? -10.573 -0.112  -14.266 1.00 99.27  ? 4  DT D C2     1 
ATOM 927  O O2     . DT D 4 3  ? -11.784 -0.140  -14.135 1.00 109.29 ? 4  DT D O2     1 
ATOM 928  N N3     . DT D 4 3  ? -9.785  0.730   -13.520 1.00 87.90  ? 4  DT D N3     1 
ATOM 929  C C4     . DT D 4 3  ? -8.409  0.852   -13.577 1.00 77.10  ? 4  DT D C4     1 
ATOM 930  O O4     . DT D 4 3  ? -7.789  1.639   -12.867 1.00 62.95  ? 4  DT D O4     1 
ATOM 931  C C5     . DT D 4 3  ? -7.752  -0.008  -14.533 1.00 82.66  ? 4  DT D C5     1 
ATOM 932  C C7     . DT D 4 3  ? -6.263  0.025   -14.677 1.00 72.30  ? 4  DT D C7     1 
ATOM 933  C C6     . DT D 4 3  ? -8.509  -0.835  -15.265 1.00 89.03  ? 4  DT D C6     1 
ATOM 934  H "H5'"  . DT D 4 3  ? -14.736 -3.141  -16.295 1.00 147.26 ? 4  DT D "H5'"  1 
ATOM 935  H "H5''" . DT D 4 3  ? -14.008 -2.816  -14.931 1.00 147.26 ? 4  DT D "H5''" 1 
ATOM 936  H "H4'"  . DT D 4 3  ? -12.913 -2.610  -17.514 1.00 144.79 ? 4  DT D "H4'"  1 
ATOM 937  H "H3'"  . DT D 4 3  ? -12.432 -4.404  -15.560 1.00 140.66 ? 4  DT D "H3'"  1 
ATOM 938  H "H2'"  . DT D 4 3  ? -10.813 -3.272  -14.536 1.00 135.61 ? 4  DT D "H2'"  1 
ATOM 939  H "H2''" . DT D 4 3  ? -9.905  -3.789  -15.745 1.00 135.61 ? 4  DT D "H2''" 1 
ATOM 940  H "H1'"  . DT D 4 3  ? -10.198 -1.895  -16.918 1.00 128.69 ? 4  DT D "H1'"  1 
ATOM 941  H H3     . DT D 4 3  ? -10.191 1.237   -12.957 1.00 105.48 ? 4  DT D H3     1 
ATOM 942  H H71    . DT D 4 3  ? -5.900  -0.851  -14.472 1.00 86.76  ? 4  DT D H71    1 
ATOM 943  H H72    . DT D 4 3  ? -6.032  0.265   -15.588 1.00 86.76  ? 4  DT D H72    1 
ATOM 944  H H73    . DT D 4 3  ? -5.894  0.680   -14.065 1.00 86.76  ? 4  DT D H73    1 
ATOM 945  H H6     . DT D 4 3  ? -8.086  -1.391  -15.878 1.00 106.84 ? 4  DT D H6     1 
ATOM 946  P P      . DG D 4 4  ? -11.275 -6.190  -17.202 1.00 132.42 ? 5  DG D P      1 
ATOM 947  O OP1    . DG D 4 4  ? -11.282 -6.785  -18.556 1.00 126.91 ? 5  DG D OP1    1 
ATOM 948  O OP2    . DG D 4 4  ? -12.146 -6.748  -16.144 1.00 121.03 ? 5  DG D OP2    1 
ATOM 949  O "O5'"  . DG D 4 4  ? -9.772  -6.209  -16.659 1.00 113.90 ? 5  DG D "O5'"  1 
ATOM 950  C "C5'"  . DG D 4 4  ? -8.723  -5.697  -17.473 1.00 115.04 ? 5  DG D "C5'"  1 
ATOM 951  C "C4'"  . DG D 4 4  ? -7.372  -5.900  -16.814 1.00 108.62 ? 5  DG D "C4'"  1 
ATOM 952  O "O4'"  . DG D 4 4  ? -7.140  -4.842  -15.839 1.00 103.10 ? 5  DG D "O4'"  1 
ATOM 953  C "C3'"  . DG D 4 4  ? -7.224  -7.204  -16.042 1.00 100.96 ? 5  DG D "C3'"  1 
ATOM 954  O "O3'"  . DG D 4 4  ? -5.893  -7.687  -16.126 1.00 107.34 ? 5  DG D "O3'"  1 
ATOM 955  C "C2'"  . DG D 4 4  ? -7.602  -6.791  -14.630 1.00 95.43  ? 5  DG D "C2'"  1 
ATOM 956  C "C1'"  . DG D 4 4  ? -6.983  -5.405  -14.547 1.00 88.25  ? 5  DG D "C1'"  1 
ATOM 957  N N9     . DG D 4 4  ? -7.604  -4.511  -13.571 1.00 81.20  ? 5  DG D N9     1 
ATOM 958  C C8     . DG D 4 4  ? -8.919  -4.491  -13.169 1.00 83.98  ? 5  DG D C8     1 
ATOM 959  N N7     . DG D 4 4  ? -9.179  -3.564  -12.290 1.00 76.02  ? 5  DG D N7     1 
ATOM 960  C C5     . DG D 4 4  ? -7.961  -2.928  -12.098 1.00 71.79  ? 5  DG D C5     1 
ATOM 961  C C6     . DG D 4 4  ? -7.625  -1.845  -11.257 1.00 62.14  ? 5  DG D C6     1 
ATOM 962  O O6     . DG D 4 4  ? -8.365  -1.209  -10.490 1.00 63.14  ? 5  DG D O6     1 
ATOM 963  N N1     . DG D 4 4  ? -6.276  -1.509  -11.360 1.00 57.52  ? 5  DG D N1     1 
ATOM 964  C C2     . DG D 4 4  ? -5.369  -2.146  -12.181 1.00 66.78  ? 5  DG D C2     1 
ATOM 965  N N2     . DG D 4 4  ? -4.109  -1.684  -12.155 1.00 59.65  ? 5  DG D N2     1 
ATOM 966  N N3     . DG D 4 4  ? -5.676  -3.161  -12.976 1.00 72.32  ? 5  DG D N3     1 
ATOM 967  C C4     . DG D 4 4  ? -6.984  -3.497  -12.882 1.00 75.95  ? 5  DG D C4     1 
ATOM 968  H "H5'"  . DG D 4 4  ? -8.868  -4.749  -17.619 1.00 138.05 ? 5  DG D "H5'"  1 
ATOM 969  H "H5''" . DG D 4 4  ? -8.732  -6.156  -18.328 1.00 138.05 ? 5  DG D "H5''" 1 
ATOM 970  H "H4'"  . DG D 4 4  ? -6.681  -5.857  -17.495 1.00 130.34 ? 5  DG D "H4'"  1 
ATOM 971  H "H3'"  . DG D 4 4  ? -7.848  -7.867  -16.377 1.00 121.15 ? 5  DG D "H3'"  1 
ATOM 972  H "H2'"  . DG D 4 4  ? -8.566  -6.748  -14.527 1.00 114.52 ? 5  DG D "H2'"  1 
ATOM 973  H "H2''" . DG D 4 4  ? -7.206  -7.387  -13.976 1.00 114.52 ? 5  DG D "H2''" 1 
ATOM 974  H "H1'"  . DG D 4 4  ? -6.038  -5.490  -14.349 1.00 105.90 ? 5  DG D "H1'"  1 
ATOM 975  H H8     . DG D 4 4  ? -9.561  -5.081  -13.494 1.00 100.78 ? 5  DG D H8     1 
ATOM 976  H H1     . DG D 4 4  ? -5.989  -0.856  -10.881 1.00 69.03  ? 5  DG D H1     1 
ATOM 977  H H21    . DG D 4 4  ? -3.507  -2.047  -12.651 1.00 71.58  ? 5  DG D H21    1 
ATOM 978  H H22    . DG D 4 4  ? -3.903  -1.025  -11.642 1.00 71.58  ? 5  DG D H22    1 
ATOM 979  P P      . DA D 4 5  ? -5.599  -9.264  -16.076 1.00 128.06 ? 6  DA D P      1 
ATOM 980  O OP1    . DA D 4 5  ? -5.529  -9.743  -17.477 1.00 112.89 ? 6  DA D OP1    1 
ATOM 981  O OP2    . DA D 4 5  ? -6.577  -9.862  -15.137 1.00 107.64 ? 6  DA D OP2    1 
ATOM 982  O "O5'"  . DA D 4 5  ? -4.146  -9.362  -15.400 1.00 119.64 ? 6  DA D "O5'"  1 
ATOM 983  C "C5'"  . DA D 4 5  ? -3.004  -8.796  -16.052 1.00 111.02 ? 6  DA D "C5'"  1 
ATOM 984  C "C4'"  . DA D 4 5  ? -2.074  -8.117  -15.052 1.00 110.50 ? 6  DA D "C4'"  1 
ATOM 985  O "O4'"  . DA D 4 5  ? -2.828  -7.126  -14.293 1.00 108.28 ? 6  DA D "O4'"  1 
ATOM 986  C "C3'"  . DA D 4 5  ? -1.434  -9.045  -14.012 1.00 98.46  ? 6  DA D "C3'"  1 
ATOM 987  O "O3'"  . DA D 4 5  ? -0.065  -8.692  -13.794 1.00 98.43  ? 6  DA D "O3'"  1 
ATOM 988  C "C2'"  . DA D 4 5  ? -2.296  -8.825  -12.775 1.00 91.73  ? 6  DA D "C2'"  1 
ATOM 989  C "C1'"  . DA D 4 5  ? -2.674  -7.361  -12.906 1.00 88.29  ? 6  DA D "C1'"  1 
ATOM 990  N N9     . DA D 4 5  ? -3.913  -7.003  -12.224 1.00 77.64  ? 6  DA D N9     1 
ATOM 991  C C8     . DA D 4 5  ? -5.127  -7.621  -12.341 1.00 80.95  ? 6  DA D C8     1 
ATOM 992  N N7     . DA D 4 5  ? -6.070  -7.079  -11.606 1.00 73.23  ? 6  DA D N7     1 
ATOM 993  C C5     . DA D 4 5  ? -5.430  -6.034  -10.961 1.00 66.18  ? 6  DA D C5     1 
ATOM 994  C C6     . DA D 4 5  ? -5.881  -5.073  -10.038 1.00 58.80  ? 6  DA D C6     1 
ATOM 995  N N6     . DA D 4 5  ? -7.142  -5.016  -9.598  1.00 59.60  ? 6  DA D N6     1 
ATOM 996  N N1     . DA D 4 5  ? -4.986  -4.169  -9.585  1.00 53.79  ? 6  DA D N1     1 
ATOM 997  C C2     . DA D 4 5  ? -3.725  -4.231  -10.033 1.00 58.28  ? 6  DA D C2     1 
ATOM 998  N N3     . DA D 4 5  ? -3.186  -5.087  -10.901 1.00 63.44  ? 6  DA D N3     1 
ATOM 999  C C4     . DA D 4 5  ? -4.101  -5.972  -11.330 1.00 69.67  ? 6  DA D C4     1 
ATOM 1000 H "H5'"  . DA D 4 5  ? -3.301  -8.142  -16.704 1.00 133.22 ? 6  DA D "H5'"  1 
ATOM 1001 H "H5''" . DA D 4 5  ? -2.519  -9.501  -16.509 1.00 133.22 ? 6  DA D "H5''" 1 
ATOM 1002 H "H4'"  . DA D 4 5  ? -1.370  -7.664  -15.541 1.00 132.60 ? 6  DA D "H4'"  1 
ATOM 1003 H "H3'"  . DA D 4 5  ? -1.499  -9.967  -14.304 1.00 118.15 ? 6  DA D "H3'"  1 
ATOM 1004 H "H2'"  . DA D 4 5  ? -3.085  -9.389  -12.800 1.00 110.07 ? 6  DA D "H2'"  1 
ATOM 1005 H "H2''" . DA D 4 5  ? -1.784  -8.978  -11.965 1.00 110.07 ? 6  DA D "H2''" 1 
ATOM 1006 H "H1'"  . DA D 4 5  ? -1.950  -6.811  -12.566 1.00 105.94 ? 6  DA D "H1'"  1 
ATOM 1007 H H8     . DA D 4 5  ? -5.273  -8.354  -12.893 1.00 97.14  ? 6  DA D H8     1 
ATOM 1008 H H61    . DA D 4 5  ? -7.373  -4.410  -9.033  1.00 71.52  ? 6  DA D H61    1 
ATOM 1009 H H62    . DA D 4 5  ? -7.722  -5.585  -9.880  1.00 71.52  ? 6  DA D H62    1 
ATOM 1010 H H2     . DA D 4 5  ? -3.148  -3.587  -9.694  1.00 69.93  ? 6  DA D H2     1 
ATOM 1011 P P      . DG D 4 6  ? 0.766   -9.354  -12.587 1.00 108.49 ? 7  DG D P      1 
ATOM 1012 O OP1    . DG D 4 6  ? 2.194   -9.389  -12.977 1.00 100.90 ? 7  DG D OP1    1 
ATOM 1013 O OP2    . DG D 4 6  ? 0.067   -10.604 -12.210 1.00 105.24 ? 7  DG D OP2    1 
ATOM 1014 O "O5'"  . DG D 4 6  ? 0.564   -8.330  -11.372 1.00 95.94  ? 7  DG D "O5'"  1 
ATOM 1015 C "C5'"  . DG D 4 6  ? 0.899   -6.949  -11.521 1.00 95.81  ? 7  DG D "C5'"  1 
ATOM 1016 C "C4'"  . DG D 4 6  ? 0.843   -6.233  -10.183 1.00 90.91  ? 7  DG D "C4'"  1 
ATOM 1017 O "O4'"  . DG D 4 6  ? -0.552  -6.024  -9.784  1.00 87.12  ? 7  DG D "O4'"  1 
ATOM 1018 C "C3'"  . DG D 4 6  ? 1.466   -7.002  -9.019  1.00 82.88  ? 7  DG D "C3'"  1 
ATOM 1019 O "O3'"  . DG D 4 6  ? 2.020   -6.094  -8.059  1.00 87.86  ? 7  DG D "O3'"  1 
ATOM 1020 C "C2'"  . DG D 4 6  ? 0.256   -7.739  -8.480  1.00 72.28  ? 7  DG D "C2'"  1 
ATOM 1021 C "C1'"  . DG D 4 6  ? -0.739  -6.608  -8.503  1.00 73.13  ? 7  DG D "C1'"  1 
ATOM 1022 N N9     . DG D 4 6  ? -2.136  -6.999  -8.333  1.00 63.05  ? 7  DG D N9     1 
ATOM 1023 C C8     . DG D 4 6  ? -2.801  -8.030  -8.955  1.00 62.81  ? 7  DG D C8     1 
ATOM 1024 N N7     . DG D 4 6  ? -4.053  -8.129  -8.600  1.00 55.37  ? 7  DG D N7     1 
ATOM 1025 C C5     . DG D 4 6  ? -4.233  -7.097  -7.686  1.00 52.63  ? 7  DG D C5     1 
ATOM 1026 C C6     . DG D 4 6  ? -5.388  -6.706  -6.963  1.00 51.89  ? 7  DG D C6     1 
ATOM 1027 O O6     . DG D 4 6  ? -6.519  -7.213  -6.991  1.00 49.18  ? 7  DG D O6     1 
ATOM 1028 N N1     . DG D 4 6  ? -5.135  -5.606  -6.141  1.00 47.62  ? 7  DG D N1     1 
ATOM 1029 C C2     . DG D 4 6  ? -3.923  -4.966  -6.036  1.00 48.67  ? 7  DG D C2     1 
ATOM 1030 N N2     . DG D 4 6  ? -3.871  -3.923  -5.189  1.00 47.11  ? 7  DG D N2     1 
ATOM 1031 N N3     . DG D 4 6  ? -2.834  -5.324  -6.707  1.00 46.68  ? 7  DG D N3     1 
ATOM 1032 C C4     . DG D 4 6  ? -3.063  -6.394  -7.511  1.00 53.16  ? 7  DG D C4     1 
ATOM 1033 H "H5'"  . DG D 4 6  ? 0.273   -6.533  -12.133 1.00 114.97 ? 7  DG D "H5'"  1 
ATOM 1034 H "H5''" . DG D 4 6  ? 1.796   -6.876  -11.885 1.00 114.97 ? 7  DG D "H5''" 1 
ATOM 1035 H "H4'"  . DG D 4 6  ? 1.282   -5.371  -10.265 1.00 109.09 ? 7  DG D "H4'"  1 
ATOM 1036 H "H3'"  . DG D 4 6  ? 2.137   -7.627  -9.337  1.00 99.46  ? 7  DG D "H3'"  1 
ATOM 1037 H "H2'"  . DG D 4 6  ? -0.013  -8.459  -9.071  1.00 86.74  ? 7  DG D "H2'"  1 
ATOM 1038 H "H2''" . DG D 4 6  ? 0.409   -8.055  -7.575  1.00 86.74  ? 7  DG D "H2''" 1 
ATOM 1039 H "H1'"  . DG D 4 6  ? -0.504  -5.961  -7.821  1.00 87.76  ? 7  DG D "H1'"  1 
ATOM 1040 H H8     . DG D 4 6  ? -2.397  -8.603  -9.566  1.00 75.37  ? 7  DG D H8     1 
ATOM 1041 H H1     . DG D 4 6  ? -5.788  -5.305  -5.669  1.00 57.15  ? 7  DG D H1     1 
ATOM 1042 H H21    . DG D 4 6  ? -3.136  -3.489  -5.084  1.00 56.53  ? 7  DG D H21    1 
ATOM 1043 H H22    . DG D 4 6  ? -4.575  -3.688  -4.752  1.00 56.53  ? 7  DG D H22    1 
ATOM 1044 P P      . DT D 4 7  ? 3.418   -6.401  -7.329  1.00 99.82  ? 8  DT D P      1 
ATOM 1045 O OP1    . DT D 4 7  ? 4.067   -5.090  -7.093  1.00 96.45  ? 8  DT D OP1    1 
ATOM 1046 O OP2    . DT D 4 7  ? 4.118   -7.448  -8.110  1.00 101.92 ? 8  DT D OP2    1 
ATOM 1047 O "O5'"  . DT D 4 7  ? 2.995   -7.038  -5.918  1.00 92.05  ? 8  DT D "O5'"  1 
ATOM 1048 C "C5'"  . DT D 4 7  ? 1.678   -6.847  -5.394  1.00 77.26  ? 8  DT D "C5'"  1 
ATOM 1049 C "C4'"  . DT D 4 7  ? 1.547   -5.509  -4.701  1.00 72.35  ? 8  DT D "C4'"  1 
ATOM 1050 O "O4'"  . DT D 4 7  ? 0.154   -5.111  -4.666  1.00 72.65  ? 8  DT D "O4'"  1 
ATOM 1051 C "C3'"  . DT D 4 7  ? 1.968   -5.501  -3.251  1.00 71.09  ? 8  DT D "C3'"  1 
ATOM 1052 O "O3'"  . DT D 4 7  ? 2.321   -4.175  -2.853  1.00 75.75  ? 8  DT D "O3'"  1 
ATOM 1053 C "C2'"  . DT D 4 7  ? 0.710   -6.033  -2.553  1.00 66.88  ? 8  DT D "C2'"  1 
ATOM 1054 C "C1'"  . DT D 4 7  ? -0.420  -5.457  -3.407  1.00 63.94  ? 8  DT D "C1'"  1 
ATOM 1055 N N1     . DT D 4 7  ? -1.593  -6.387  -3.676  1.00 55.49  ? 8  DT D N1     1 
ATOM 1056 C C2     . DT D 4 7  ? -2.835  -6.085  -3.148  1.00 58.65  ? 8  DT D C2     1 
ATOM 1057 O O2     . DT D 4 7  ? -3.041  -5.122  -2.429  1.00 61.10  ? 8  DT D O2     1 
ATOM 1058 N N3     . DT D 4 7  ? -3.835  -6.959  -3.495  1.00 50.84  ? 8  DT D N3     1 
ATOM 1059 C C4     . DT D 4 7  ? -3.728  -8.074  -4.306  1.00 47.74  ? 8  DT D C4     1 
ATOM 1060 O O4     . DT D 4 7  ? -4.687  -8.798  -4.560  1.00 39.62  ? 8  DT D O4     1 
ATOM 1061 C C5     . DT D 4 7  ? -2.413  -8.328  -4.837  1.00 50.98  ? 8  DT D C5     1 
ATOM 1062 C C7     . DT D 4 7  ? -2.184  -9.511  -5.733  1.00 54.43  ? 8  DT D C7     1 
ATOM 1063 C C6     . DT D 4 7  ? -1.419  -7.481  -4.504  1.00 56.27  ? 8  DT D C6     1 
ATOM 1064 H "H5'"  . DT D 4 7  ? 1.485   -7.553  -4.757  1.00 92.71  ? 8  DT D "H5'"  1 
ATOM 1065 H "H5''" . DT D 4 7  ? 1.039   -6.890  -6.121  1.00 92.71  ? 8  DT D "H5''" 1 
ATOM 1066 H "H4'"  . DT D 4 7  ? 2.059   -4.843  -5.188  1.00 86.82  ? 8  DT D "H4'"  1 
ATOM 1067 H "H3'"  . DT D 4 7  ? 2.712   -6.107  -3.114  1.00 85.30  ? 8  DT D "H3'"  1 
ATOM 1068 H "H2'"  . DT D 4 7  ? 0.692   -7.003  -2.569  1.00 80.26  ? 8  DT D "H2'"  1 
ATOM 1069 H "H2''" . DT D 4 7  ? 0.656   -5.701  -1.643  1.00 80.26  ? 8  DT D "H2''" 1 
ATOM 1070 H "H1'"  . DT D 4 7  ? -0.751  -4.651  -2.982  1.00 76.73  ? 8  DT D "H1'"  1 
ATOM 1071 H H3     . DT D 4 7  ? -4.616  -6.793  -3.174  1.00 61.01  ? 8  DT D H3     1 
ATOM 1072 H H71    . DT D 4 7  ? -1.871  -9.205  -6.599  1.00 65.32  ? 8  DT D H71    1 
ATOM 1073 H H72    . DT D 4 7  ? -1.518  -10.094 -5.336  1.00 65.32  ? 8  DT D H72    1 
ATOM 1074 H H73    . DT D 4 7  ? -3.015  -9.998  -5.844  1.00 65.32  ? 8  DT D H73    1 
ATOM 1075 H H6     . DT D 4 7  ? -0.571  -7.640  -4.852  1.00 67.53  ? 8  DT D H6     1 
ATOM 1076 P P      . DA D 4 8  ? 2.858   -3.883  -1.370  1.00 73.45  ? 9  DA D P      1 
ATOM 1077 O OP1    . DA D 4 8  ? 3.408   -2.508  -1.328  1.00 68.54  ? 9  DA D OP1    1 
ATOM 1078 O OP2    . DA D 4 8  ? 3.712   -5.023  -0.973  1.00 83.23  ? 9  DA D OP2    1 
ATOM 1079 O "O5'"  . DA D 4 8  ? 1.533   -3.919  -0.487  1.00 63.78  ? 9  DA D "O5'"  1 
ATOM 1080 C "C5'"  . DA D 4 8  ? 1.595   -4.330  0.862   1.00 63.76  ? 9  DA D "C5'"  1 
ATOM 1081 C "C4'"  . DA D 4 8  ? 0.310   -3.985  1.580   1.00 68.55  ? 9  DA D "C4'"  1 
ATOM 1082 O "O4'"  . DA D 4 8  ? -0.804  -4.609  0.898   1.00 72.45  ? 9  DA D "O4'"  1 
ATOM 1083 C "C3'"  . DA D 4 8  ? 0.235   -4.465  3.014   1.00 68.59  ? 9  DA D "C3'"  1 
ATOM 1084 O "O3'"  . DA D 4 8  ? -0.512  -3.553  3.802   1.00 83.10  ? 9  DA D "O3'"  1 
ATOM 1085 C "C2'"  . DA D 4 8  ? -0.441  -5.825  2.906   1.00 66.75  ? 9  DA D "C2'"  1 
ATOM 1086 C "C1'"  . DA D 4 8  ? -1.276  -5.724  1.630   1.00 57.88  ? 9  DA D "C1'"  1 
ATOM 1087 N N9     . DA D 4 8  ? -1.188  -6.898  0.770   1.00 51.69  ? 9  DA D N9     1 
ATOM 1088 C C8     . DA D 4 8  ? -0.054  -7.461  0.258   1.00 58.39  ? 9  DA D C8     1 
ATOM 1089 N N7     . DA D 4 8  ? -0.277  -8.508  -0.499  1.00 60.15  ? 9  DA D N7     1 
ATOM 1090 C C5     . DA D 4 8  ? -1.657  -8.637  -0.487  1.00 56.04  ? 9  DA D C5     1 
ATOM 1091 C C6     . DA D 4 8  ? -2.533  -9.560  -1.097  1.00 55.53  ? 9  DA D C6     1 
ATOM 1092 N N6     . DA D 4 8  ? -2.120  -10.565 -1.877  1.00 54.97  ? 9  DA D N6     1 
ATOM 1093 N N1     . DA D 4 8  ? -3.854  -9.404  -0.876  1.00 48.54  ? 9  DA D N1     1 
ATOM 1094 C C2     . DA D 4 8  ? -4.265  -8.395  -0.101  1.00 52.75  ? 9  DA D C2     1 
ATOM 1095 N N3     . DA D 4 8  ? -3.540  -7.471  0.525   1.00 52.01  ? 9  DA D N3     1 
ATOM 1096 C C4     . DA D 4 8  ? -2.231  -7.651  0.290   1.00 50.65  ? 9  DA D C4     1 
ATOM 1097 H "H5'"  . DA D 4 8  ? 2.336   -3.881  1.298   1.00 76.52  ? 9  DA D "H5'"  1 
ATOM 1098 H "H5''" . DA D 4 8  ? 1.735   -5.288  0.898   1.00 76.52  ? 9  DA D "H5''" 1 
ATOM 1099 H "H4'"  . DA D 4 8  ? 0.190   -3.023  1.564   1.00 82.26  ? 9  DA D "H4'"  1 
ATOM 1100 H "H3'"  . DA D 4 8  ? 1.128   -4.565  3.378   1.00 82.30  ? 9  DA D "H3'"  1 
ATOM 1101 H "H2'"  . DA D 4 8  ? 0.221   -6.528  2.823   1.00 80.10  ? 9  DA D "H2'"  1 
ATOM 1102 H "H2''" . DA D 4 8  ? -1.013  -5.982  3.674   1.00 80.10  ? 9  DA D "H2''" 1 
ATOM 1103 H "H1'"  . DA D 4 8  ? -2.204  -5.576  1.870   1.00 69.45  ? 9  DA D "H1'"  1 
ATOM 1104 H H8     . DA D 4 8  ? 0.799   -7.133  0.432   1.00 70.07  ? 9  DA D H8     1 
ATOM 1105 H H61    . DA D 4 8  ? -2.694  -11.101 -2.227  1.00 65.97  ? 9  DA D H61    1 
ATOM 1106 H H62    . DA D 4 8  ? -1.282  -10.676 -2.029  1.00 65.97  ? 9  DA D H62    1 
ATOM 1107 H H2     . DA D 4 8  ? -5.185  -8.332  0.019   1.00 63.30  ? 9  DA D H2     1 
ATOM 1108 P P      . DG D 4 9  ? 0.196   -2.250  4.419   1.00 88.82  ? 10 DG D P      1 
ATOM 1109 O OP1    . DG D 4 9  ? -0.861  -1.246  4.674   1.00 92.86  ? 10 DG D OP1    1 
ATOM 1110 O OP2    . DG D 4 9  ? 1.345   -1.897  3.555   1.00 67.96  ? 10 DG D OP2    1 
ATOM 1111 O "O5'"  . DG D 4 9  ? 0.768   -2.759  5.821   1.00 79.52  ? 10 DG D "O5'"  1 
ATOM 1112 C "C5'"  . DG D 4 9  ? 1.739   -3.801  5.864   1.00 75.92  ? 10 DG D "C5'"  1 
ATOM 1113 C "C4'"  . DG D 4 9  ? 2.531   -3.733  7.152   1.00 76.83  ? 10 DG D "C4'"  1 
ATOM 1114 O "O4'"  . DG D 4 9  ? 3.898   -4.157  6.899   1.00 62.52  ? 10 DG D "O4'"  1 
ATOM 1115 C "C3'"  . DG D 4 9  ? 2.630   -2.338  7.765   1.00 79.47  ? 10 DG D "C3'"  1 
ATOM 1116 O "O3'"  . DG D 4 9  ? 1.628   -2.153  8.754   1.00 86.92  ? 10 DG D "O3'"  1 
ATOM 1117 C "C2'"  . DG D 4 9  ? 4.032   -2.320  8.349   1.00 73.23  ? 10 DG D "C2'"  1 
ATOM 1118 C "C1'"  . DG D 4 9  ? 4.805   -3.181  7.368   1.00 58.58  ? 10 DG D "C1'"  1 
ATOM 1119 N N9     . DG D 4 9  ? 5.345   -2.460  6.216   1.00 54.10  ? 10 DG D N9     1 
ATOM 1120 C C8     . DG D 4 9  ? 4.941   -2.573  4.905   1.00 52.99  ? 10 DG D C8     1 
ATOM 1121 N N7     . DG D 4 9  ? 5.625   -1.825  4.085   1.00 47.06  ? 10 DG D N7     1 
ATOM 1122 C C5     . DG D 4 9  ? 6.542   -1.174  4.900   1.00 51.96  ? 10 DG D C5     1 
ATOM 1123 C C6     . DG D 4 9  ? 7.545   -0.233  4.570   1.00 56.44  ? 10 DG D C6     1 
ATOM 1124 O O6     . DG D 4 9  ? 7.827   0.229   3.454   1.00 57.98  ? 10 DG D O6     1 
ATOM 1125 N N1     . DG D 4 9  ? 8.259   0.176   5.695   1.00 59.44  ? 10 DG D N1     1 
ATOM 1126 C C2     . DG D 4 9  ? 8.030   -0.269  6.975   1.00 60.66  ? 10 DG D C2     1 
ATOM 1127 N N2     . DG D 4 9  ? 8.817   0.246   7.932   1.00 62.02  ? 10 DG D N2     1 
ATOM 1128 N N3     . DG D 4 9  ? 7.088   -1.148  7.299   1.00 56.79  ? 10 DG D N3     1 
ATOM 1129 C C4     . DG D 4 9  ? 6.386   -1.557  6.214   1.00 55.15  ? 10 DG D C4     1 
ATOM 1130 H "H5'"  . DG D 4 9  ? 2.343   -3.706  5.111   1.00 91.10  ? 10 DG D "H5'"  1 
ATOM 1131 H "H5''" . DG D 4 9  ? 1.291   -4.659  5.809   1.00 91.10  ? 10 DG D "H5''" 1 
ATOM 1132 H "H4'"  . DG D 4 9  ? 2.130   -4.334  7.800   1.00 92.20  ? 10 DG D "H4'"  1 
ATOM 1133 H "H3'"  . DG D 4 9  ? 2.548   -1.663  7.073   1.00 95.36  ? 10 DG D "H3'"  1 
ATOM 1134 H "H2'"  . DG D 4 9  ? 4.385   -1.417  8.368   1.00 87.88  ? 10 DG D "H2'"  1 
ATOM 1135 H "H2''" . DG D 4 9  ? 4.041   -2.716  9.235   1.00 87.88  ? 10 DG D "H2''" 1 
ATOM 1136 H "H1'"  . DG D 4 9  ? 5.531   -3.621  7.836   1.00 70.30  ? 10 DG D "H1'"  1 
ATOM 1137 H H8     . DG D 4 9  ? 4.248   -3.130  4.631   1.00 63.59  ? 10 DG D H8     1 
ATOM 1138 H H1     . DG D 4 9  ? 8.887   0.751   5.580   1.00 71.33  ? 10 DG D H1     1 
ATOM 1139 H H21    . DG D 4 9  ? 8.711   0.006   8.751   1.00 74.43  ? 10 DG D H21    1 
ATOM 1140 H H22    . DG D 4 9  ? 9.427   0.816   7.726   1.00 74.43  ? 10 DG D H22    1 
ATOM 1141 P P      . DG D 4 10 ? 0.916   -0.726  8.934   1.00 93.54  ? 11 DG D P      1 
ATOM 1142 O OP1    . DG D 4 10 ? -0.110  -0.891  9.986   1.00 100.18 ? 11 DG D OP1    1 
ATOM 1143 O OP2    . DG D 4 10 ? 0.531   -0.221  7.599   1.00 85.61  ? 11 DG D OP2    1 
ATOM 1144 O "O5'"  . DG D 4 10 ? 2.072   0.205   9.515   1.00 89.82  ? 11 DG D "O5'"  1 
ATOM 1145 C "C5'"  . DG D 4 10 ? 2.792   -0.201  10.668  1.00 84.80  ? 11 DG D "C5'"  1 
ATOM 1146 C "C4'"  . DG D 4 10 ? 3.975   0.709   10.906  1.00 87.38  ? 11 DG D "C4'"  1 
ATOM 1147 O "O4'"  . DG D 4 10 ? 5.019   0.402   9.951   1.00 77.70  ? 11 DG D "O4'"  1 
ATOM 1148 C "C3'"  . DG D 4 10 ? 3.682   2.188   10.722  1.00 95.83  ? 11 DG D "C3'"  1 
ATOM 1149 O "O3'"  . DG D 4 10 ? 3.199   2.756   11.931  1.00 105.95 ? 11 DG D "O3'"  1 
ATOM 1150 C "C2'"  . DG D 4 10 ? 5.035   2.742   10.304  1.00 88.85  ? 11 DG D "C2'"  1 
ATOM 1151 C "C1'"  . DG D 4 10 ? 5.635   1.596   9.501   1.00 71.83  ? 11 DG D "C1'"  1 
ATOM 1152 N N9     . DG D 4 10 ? 5.424   1.706   8.059   1.00 73.31  ? 11 DG D N9     1 
ATOM 1153 C C8     . DG D 4 10 ? 4.440   1.095   7.316   1.00 71.71  ? 11 DG D C8     1 
ATOM 1154 N N7     . DG D 4 10 ? 4.506   1.371   6.042   1.00 63.34  ? 11 DG D N7     1 
ATOM 1155 C C5     . DG D 4 10 ? 5.605   2.216   5.935   1.00 65.33  ? 11 DG D C5     1 
ATOM 1156 C C6     . DG D 4 10 ? 6.169   2.841   4.799   1.00 73.19  ? 11 DG D C6     1 
ATOM 1157 O O6     . DG D 4 10 ? 5.793   2.773   3.620   1.00 73.63  ? 11 DG D O6     1 
ATOM 1158 N N1     . DG D 4 10 ? 7.281   3.614   5.134   1.00 78.51  ? 11 DG D N1     1 
ATOM 1159 C C2     . DG D 4 10 ? 7.780   3.767   6.407   1.00 78.39  ? 11 DG D C2     1 
ATOM 1160 N N2     . DG D 4 10 ? 8.857   4.553   6.539   1.00 81.73  ? 11 DG D N2     1 
ATOM 1161 N N3     . DG D 4 10 ? 7.260   3.187   7.477   1.00 73.75  ? 11 DG D N3     1 
ATOM 1162 C C4     . DG D 4 10 ? 6.181   2.429   7.168   1.00 72.41  ? 11 DG D C4     1 
ATOM 1163 H "H5'"  . DG D 4 10 ? 3.108   -1.111  10.544  1.00 101.77 ? 11 DG D "H5'"  1 
ATOM 1164 H "H5''" . DG D 4 10 ? 2.204   -0.171  11.439  1.00 101.77 ? 11 DG D "H5''" 1 
ATOM 1165 H "H4'"  . DG D 4 10 ? 4.313   0.561   11.804  1.00 104.86 ? 11 DG D "H4'"  1 
ATOM 1166 H "H3'"  . DG D 4 10 ? 3.035   2.314   10.010  1.00 114.99 ? 11 DG D "H3'"  1 
ATOM 1167 H "H2'"  . DG D 4 10 ? 4.927   3.530   9.749   1.00 106.61 ? 11 DG D "H2'"  1 
ATOM 1168 H "H2''" . DG D 4 10 ? 5.581   2.939   11.081  1.00 106.61 ? 11 DG D "H2''" 1 
ATOM 1169 H "H1'"  . DG D 4 10 ? 6.588   1.547   9.679   1.00 86.19  ? 11 DG D "H1'"  1 
ATOM 1170 H H8     . DG D 4 10 ? 3.790   0.541   7.685   1.00 86.05  ? 11 DG D H8     1 
ATOM 1171 H H1     . DG D 4 10 ? 7.682   4.032   4.497   1.00 94.22  ? 11 DG D H1     1 
ATOM 1172 H H21    . DG D 4 10 ? 9.210   4.672   7.314   1.00 98.08  ? 11 DG D H21    1 
ATOM 1173 H H22    . DG D 4 10 ? 9.195   4.939   5.849   1.00 98.08  ? 11 DG D H22    1 
ATOM 1174 P P      . DT D 4 11 ? 3.102   4.349   12.107  1.00 111.92 ? 12 DT D P      1 
ATOM 1175 O OP1    . DT D 4 11 ? 1.898   4.628   12.925  1.00 110.14 ? 12 DT D OP1    1 
ATOM 1176 O OP2    . DT D 4 11 ? 3.244   4.965   10.769  1.00 97.59  ? 12 DT D OP2    1 
ATOM 1177 O "O5'"  . DT D 4 11 ? 4.405   4.713   12.961  1.00 104.56 ? 12 DT D "O5'"  1 
ATOM 1178 C "C5'"  . DT D 4 11 ? 4.726   6.067   13.226  1.00 107.30 ? 12 DT D "C5'"  1 
ATOM 1179 C "C4'"  . DT D 4 11 ? 5.923   6.512   12.407  1.00 106.85 ? 12 DT D "C4'"  1 
ATOM 1180 O "O4'"  . DT D 4 11 ? 5.837   5.978   11.074  1.00 87.50  ? 12 DT D "O4'"  1 
ATOM 1181 C "C3'"  . DT D 4 11 ? 6.045   8.018   12.208  1.00 118.84 ? 12 DT D "C3'"  1 
ATOM 1182 O "O3'"  . DT D 4 11 ? 6.892   8.593   13.205  1.00 132.87 ? 12 DT D "O3'"  1 
ATOM 1183 C "C2'"  . DT D 4 11 ? 6.625   8.164   10.790  1.00 103.39 ? 12 DT D "C2'"  1 
ATOM 1184 C "C1'"  . DT D 4 11 ? 6.702   6.734   10.269  1.00 96.28  ? 12 DT D "C1'"  1 
ATOM 1185 N N1     . DT D 4 11 ? 6.305   6.585   8.843   1.00 95.17  ? 12 DT D N1     1 
ATOM 1186 C C2     . DT D 4 11 ? 7.053   7.205   7.871   1.00 101.23 ? 12 DT D C2     1 
ATOM 1187 O O2     . DT D 4 11 ? 8.023   7.900   8.117   1.00 98.71  ? 12 DT D O2     1 
ATOM 1188 N N3     . DT D 4 11 ? 6.614   6.996   6.592   1.00 97.33  ? 12 DT D N3     1 
ATOM 1189 C C4     . DT D 4 11 ? 5.529   6.236   6.198   1.00 94.54  ? 12 DT D C4     1 
ATOM 1190 O O4     . DT D 4 11 ? 5.212   6.106   5.020   1.00 93.15  ? 12 DT D O4     1 
ATOM 1191 C C5     . DT D 4 11 ? 4.794   5.607   7.268   1.00 88.88  ? 12 DT D C5     1 
ATOM 1192 C C7     . DT D 4 11 ? 3.597   4.756   6.965   1.00 83.21  ? 12 DT D C7     1 
ATOM 1193 C C6     . DT D 4 11 ? 5.214   5.808   8.524   1.00 88.91  ? 12 DT D C6     1 
ATOM 1194 H "H5'"  . DT D 4 11 ? 4.930   6.167   14.169  1.00 128.76 ? 12 DT D "H5'"  1 
ATOM 1195 H "H5''" . DT D 4 11 ? 3.964   6.624   13.005  1.00 128.76 ? 12 DT D "H5''" 1 
ATOM 1196 H "H4'"  . DT D 4 11 ? 6.732   6.181   12.827  1.00 128.22 ? 12 DT D "H4'"  1 
ATOM 1197 H "H3'"  . DT D 4 11 ? 5.166   8.427   12.248  1.00 142.61 ? 12 DT D "H3'"  1 
ATOM 1198 H "H2'"  . DT D 4 11 ? 6.034   8.696   10.235  1.00 124.07 ? 12 DT D "H2'"  1 
ATOM 1199 H "H2''" . DT D 4 11 ? 7.509   8.561   10.825  1.00 124.07 ? 12 DT D "H2''" 1 
ATOM 1200 H "H1'"  . DT D 4 11 ? 7.608   6.405   10.381  1.00 115.54 ? 12 DT D "H1'"  1 
ATOM 1201 H H3     . DT D 4 11 ? 7.062   7.380   5.966   1.00 116.79 ? 12 DT D H3     1 
ATOM 1202 H H71    . DT D 4 11 ? 3.752   3.853   7.285   1.00 99.85  ? 12 DT D H71    1 
ATOM 1203 H H72    . DT D 4 11 ? 2.817   5.126   7.408   1.00 99.85  ? 12 DT D H72    1 
ATOM 1204 H H73    . DT D 4 11 ? 3.447   4.738   6.007   1.00 99.85  ? 12 DT D H73    1 
ATOM 1205 H H6     . DT D 4 11 ? 4.745   5.401   9.216   1.00 106.69 ? 12 DT D H6     1 
ATOM 1206 P P      . DC D 4 12 ? 6.456   9.939   13.973  1.00 139.57 ? 13 DC D P      1 
ATOM 1207 O OP1    . DC D 4 12 ? 7.060   9.890   15.323  1.00 137.78 ? 13 DC D OP1    1 
ATOM 1208 O OP2    . DC D 4 12 ? 4.990   10.096  13.840  1.00 125.56 ? 13 DC D OP2    1 
ATOM 1209 O "O5'"  . DC D 4 12 ? 7.149   11.107  13.125  1.00 126.65 ? 13 DC D "O5'"  1 
ATOM 1210 C "C5'"  . DC D 4 12 ? 6.666   11.425  11.823  1.00 117.29 ? 13 DC D "C5'"  1 
ATOM 1211 C "C4'"  . DC D 4 12 ? 7.786   11.940  10.935  1.00 116.75 ? 13 DC D "C4'"  1 
ATOM 1212 O "O4'"  . DC D 4 12 ? 7.868   11.114  9.746   1.00 111.10 ? 13 DC D "O4'"  1 
ATOM 1213 C "C3'"  . DC D 4 12 ? 7.611   13.379  10.456  1.00 130.78 ? 13 DC D "C3'"  1 
ATOM 1214 O "O3'"  . DC D 4 12 ? 8.815   14.122  10.627  1.00 144.52 ? 13 DC D "O3'"  1 
ATOM 1215 C "C2'"  . DC D 4 12 ? 7.214   13.255  8.985   1.00 128.42 ? 13 DC D "C2'"  1 
ATOM 1216 C "C1'"  . DC D 4 12 ? 7.746   11.893  8.573   1.00 113.62 ? 13 DC D "C1'"  1 
ATOM 1217 N N1     . DC D 4 12 ? 6.864   11.153  7.624   1.00 109.46 ? 13 DC D N1     1 
ATOM 1218 C C2     . DC D 4 12 ? 7.049   11.294  6.244   1.00 110.55 ? 13 DC D C2     1 
ATOM 1219 O O2     . DC D 4 12 ? 7.934   12.050  5.828   1.00 111.26 ? 13 DC D O2     1 
ATOM 1220 N N3     . DC D 4 12 ? 6.245   10.600  5.400   1.00 106.54 ? 13 DC D N3     1 
ATOM 1221 C C4     . DC D 4 12 ? 5.300   9.795   5.890   1.00 107.21 ? 13 DC D C4     1 
ATOM 1222 N N4     . DC D 4 12 ? 4.535   9.132   5.022   1.00 105.87 ? 13 DC D N4     1 
ATOM 1223 C C5     . DC D 4 12 ? 5.101   9.636   7.292   1.00 103.16 ? 13 DC D C5     1 
ATOM 1224 C C6     . DC D 4 12 ? 5.899   10.324  8.114   1.00 102.57 ? 13 DC D C6     1 
ATOM 1225 H "H5'"  . DC D 4 12 ? 5.980   12.107  11.898  1.00 140.74 ? 13 DC D "H5'"  1 
ATOM 1226 H "H5''" . DC D 4 12 ? 6.282   10.630  11.423  1.00 140.74 ? 13 DC D "H5''" 1 
ATOM 1227 H "H4'"  . DC D 4 12 ? 8.623   11.873  11.419  1.00 140.10 ? 13 DC D "H4'"  1 
ATOM 1228 H "H3'"  . DC D 4 12 ? 6.893   13.802  10.952  1.00 156.93 ? 13 DC D "H3'"  1 
ATOM 1229 H "H2'"  . DC D 4 12 ? 6.248   13.284  8.890   1.00 154.10 ? 13 DC D "H2'"  1 
ATOM 1230 H "H2''" . DC D 4 12 ? 7.630   13.956  8.459   1.00 154.10 ? 13 DC D "H2''" 1 
ATOM 1231 H "H1'"  . DC D 4 12 ? 8.623   12.003  8.173   1.00 136.34 ? 13 DC D "H1'"  1 
ATOM 1232 H H41    . DC D 4 12 ? 3.919   8.602   5.307   1.00 127.04 ? 13 DC D H41    1 
ATOM 1233 H H42    . DC D 4 12 ? 4.654   9.234   4.177   1.00 127.04 ? 13 DC D H42    1 
ATOM 1234 H H5     . DC D 4 12 ? 4.441   9.070   7.623   1.00 123.79 ? 13 DC D H5     1 
ATOM 1235 H H6     . DC D 4 12 ? 5.792   10.237  9.033   1.00 123.09 ? 13 DC D H6     1 
ATOM 1236 P P      . DT D 4 13 ? 8.767   15.727  10.606  1.00 166.59 ? 14 DT D P      1 
ATOM 1237 O OP1    . DT D 4 13 ? 9.974   16.211  9.898   1.00 154.53 ? 14 DT D OP1    1 
ATOM 1238 O OP2    . DT D 4 13 ? 8.479   16.195  11.983  1.00 162.73 ? 14 DT D OP2    1 
ATOM 1239 O "O5'"  . DT D 4 13 ? 7.477   16.039  9.715   1.00 149.68 ? 14 DT D "O5'"  1 
ATOM 1240 C "C5'"  . DT D 4 13 ? 7.301   17.317  9.138   1.00 150.29 ? 14 DT D "C5'"  1 
ATOM 1241 C "C4'"  . DT D 4 13 ? 8.037   17.419  7.818   1.00 150.37 ? 14 DT D "C4'"  1 
ATOM 1242 O "O4'"  . DT D 4 13 ? 7.835   16.189  7.058   1.00 141.94 ? 14 DT D "O4'"  1 
ATOM 1243 C "C3'"  . DT D 4 13 ? 7.557   18.554  6.920   1.00 153.76 ? 14 DT D "C3'"  1 
ATOM 1244 O "O3'"  . DT D 4 13 ? 8.644   19.157  6.219   1.00 159.18 ? 14 DT D "O3'"  1 
ATOM 1245 C "C2'"  . DT D 4 13 ? 6.572   17.855  5.995   1.00 149.79 ? 14 DT D "C2'"  1 
ATOM 1246 C "C1'"  . DT D 4 13 ? 7.191   16.479  5.830   1.00 141.26 ? 14 DT D "C1'"  1 
ATOM 1247 N N1     . DT D 4 13 ? 6.187   15.397  5.522   1.00 134.76 ? 14 DT D N1     1 
ATOM 1248 C C2     . DT D 4 13 ? 5.976   15.039  4.210   1.00 132.39 ? 14 DT D C2     1 
ATOM 1249 O O2     . DT D 4 13 ? 6.567   15.550  3.276   1.00 135.75 ? 14 DT D O2     1 
ATOM 1250 N N3     . DT D 4 13 ? 5.045   14.053  4.026   1.00 125.20 ? 14 DT D N3     1 
ATOM 1251 C C4     . DT D 4 13 ? 4.314   13.400  5.001   1.00 116.06 ? 14 DT D C4     1 
ATOM 1252 O O4     . DT D 4 13 ? 3.499   12.523  4.732   1.00 109.09 ? 14 DT D O4     1 
ATOM 1253 C C5     . DT D 4 13 ? 4.578   13.821  6.357   1.00 119.48 ? 14 DT D C5     1 
ATOM 1254 C C7     . DT D 4 13 ? 3.838   13.186  7.499   1.00 110.88 ? 14 DT D C7     1 
ATOM 1255 C C6     . DT D 4 13 ? 5.491   14.792  6.553   1.00 125.68 ? 14 DT D C6     1 
ATOM 1256 H "H5'"  . DT D 4 13 ? 7.642   17.991  9.746   1.00 180.34 ? 14 DT D "H5'"  1 
ATOM 1257 H "H5''" . DT D 4 13 ? 6.355   17.472  8.990   1.00 180.34 ? 14 DT D "H5''" 1 
ATOM 1258 H "H4'"  . DT D 4 13 ? 8.984   17.532  7.991   1.00 180.44 ? 14 DT D "H4'"  1 
ATOM 1259 H "H3'"  . DT D 4 13 ? 7.094   19.222  7.451   1.00 184.51 ? 14 DT D "H3'"  1 
ATOM 1260 H "H2'"  . DT D 4 13 ? 5.697   17.792  6.409   1.00 179.75 ? 14 DT D "H2'"  1 
ATOM 1261 H "H2''" . DT D 4 13 ? 6.519   18.312  5.140   1.00 179.75 ? 14 DT D "H2''" 1 
ATOM 1262 H "H1'"  . DT D 4 13 ? 7.853   16.509  5.123   1.00 169.51 ? 14 DT D "H1'"  1 
ATOM 1263 H H3     . DT D 4 13 ? 4.900   13.811  3.213   1.00 150.24 ? 14 DT D H3     1 
ATOM 1264 H H71    . DT D 4 13 ? 3.256   12.489  7.158   1.00 133.06 ? 14 DT D H71    1 
ATOM 1265 H H72    . DT D 4 13 ? 4.473   12.802  8.122   1.00 133.06 ? 14 DT D H72    1 
ATOM 1266 H H73    . DT D 4 13 ? 3.305   13.859  7.952   1.00 133.06 ? 14 DT D H73    1 
ATOM 1267 H H6     . DT D 4 13 ? 5.662   15.068  7.424   1.00 150.81 ? 14 DT D H6     1 
ATOM 1268 P P      . DG D 4 14 ? 8.363   20.288  5.112   1.00 164.74 ? 15 DG D P      1 
ATOM 1269 O OP1    . DG D 4 14 ? 9.599   21.083  4.931   1.00 163.77 ? 15 DG D OP1    1 
ATOM 1270 O OP2    . DG D 4 14 ? 7.097   20.968  5.475   1.00 155.90 ? 15 DG D OP2    1 
ATOM 1271 O "O5'"  . DG D 4 14 ? 8.131   19.443  3.776   1.00 154.13 ? 15 DG D "O5'"  1 
ATOM 1272 C "C5'"  . DG D 4 14 ? 7.984   20.105  2.536   1.00 153.27 ? 15 DG D "C5'"  1 
ATOM 1273 C "C4'"  . DG D 4 14 ? 6.558   20.010  2.033   1.00 152.07 ? 15 DG D "C4'"  1 
ATOM 1274 O "O4'"  . DG D 4 14 ? 5.882   18.893  2.656   1.00 145.17 ? 15 DG D "O4'"  1 
ATOM 1275 C "C3'"  . DG D 4 14 ? 5.678   21.223  2.346   1.00 152.85 ? 15 DG D "C3'"  1 
ATOM 1276 O "O3'"  . DG D 4 14 ? 5.609   22.125  1.221   1.00 153.12 ? 15 DG D "O3'"  1 
ATOM 1277 C "C2'"  . DG D 4 14 ? 4.313   20.618  2.706   1.00 147.39 ? 15 DG D "C2'"  1 
ATOM 1278 C "C1'"  . DG D 4 14 ? 4.505   19.115  2.503   1.00 143.29 ? 15 DG D "C1'"  1 
ATOM 1279 N N9     . DG D 4 14 ? 3.742   18.301  3.449   1.00 137.00 ? 15 DG D N9     1 
ATOM 1280 C C8     . DG D 4 14 ? 3.708   18.426  4.817   1.00 139.54 ? 15 DG D C8     1 
ATOM 1281 N N7     . DG D 4 14 ? 2.903   17.579  5.397   1.00 130.79 ? 15 DG D N7     1 
ATOM 1282 C C5     . DG D 4 14 ? 2.351   16.860  4.345   1.00 128.78 ? 15 DG D C5     1 
ATOM 1283 C C6     . DG D 4 14 ? 1.406   15.806  4.355   1.00 121.15 ? 15 DG D C6     1 
ATOM 1284 O O6     . DG D 4 14 ? 0.851   15.281  5.332   1.00 116.03 ? 15 DG D O6     1 
ATOM 1285 N N1     . DG D 4 14 ? 1.119   15.359  3.067   1.00 118.21 ? 15 DG D N1     1 
ATOM 1286 C C2     . DG D 4 14 ? 1.675   15.867  1.917   1.00 120.37 ? 15 DG D C2     1 
ATOM 1287 N N2     . DG D 4 14 ? 1.277   15.309  0.765   1.00 115.55 ? 15 DG D N2     1 
ATOM 1288 N N3     . DG D 4 14 ? 2.562   16.853  1.894   1.00 127.22 ? 15 DG D N3     1 
ATOM 1289 C C4     . DG D 4 14 ? 2.853   17.297  3.140   1.00 132.35 ? 15 DG D C4     1 
ATOM 1290 H "H5'"  . DG D 4 14 ? 8.579   19.699  1.887   1.00 183.93 ? 15 DG D "H5'"  1 
ATOM 1291 H "H5''" . DG D 4 14 ? 8.222   21.039  2.645   1.00 183.93 ? 15 DG D "H5''" 1 
ATOM 1292 H "H4'"  . DG D 4 14 ? 6.574   19.872  1.073   1.00 182.49 ? 15 DG D "H4'"  1 
ATOM 1293 H "H3'"  . DG D 4 14 ? 6.036   21.692  3.115   1.00 183.42 ? 15 DG D "H3'"  1 
ATOM 1294 H "H2'"  . DG D 4 14 ? 4.089   20.810  3.630   1.00 176.86 ? 15 DG D "H2'"  1 
ATOM 1295 H "H2''" . DG D 4 14 ? 3.625   20.955  2.111   1.00 176.86 ? 15 DG D "H2''" 1 
ATOM 1296 H "H1'"  . DG D 4 14 ? 4.244   18.880  1.599   1.00 171.94 ? 15 DG D "H1'"  1 
ATOM 1297 H H8     . DG D 4 14 ? 4.223   19.042  5.287   1.00 167.45 ? 15 DG D H8     1 
ATOM 1298 H H1     . DG D 4 14 ? 0.552   14.718  2.984   1.00 141.85 ? 15 DG D H1     1 
ATOM 1299 H H21    . DG D 4 14 ? 1.595   15.593  0.018   1.00 138.66 ? 15 DG D H21    1 
ATOM 1300 H H22    . DG D 4 14 ? 0.704   14.667  0.773   1.00 138.66 ? 15 DG D H22    1 
ATOM 1301 P P      . DC D 4 15 ? 4.843   21.720  -0.139  1.00 164.84 ? 16 DC D P      1 
ATOM 1302 O OP1    . DC D 4 15 ? 4.823   20.246  -0.250  1.00 161.71 ? 16 DC D OP1    1 
ATOM 1303 O OP2    . DC D 4 15 ? 5.435   22.531  -1.225  1.00 164.43 ? 16 DC D OP2    1 
ATOM 1304 O "O5'"  . DC D 4 15 ? 3.340   22.231  0.087   1.00 153.63 ? 16 DC D "O5'"  1 
ATOM 1305 C "C5'"  . DC D 4 15 ? 2.458   22.422  -1.031  1.00 153.16 ? 16 DC D "C5'"  1 
ATOM 1306 C "C4'"  . DC D 4 15 ? 2.571   21.285  -2.034  1.00 152.19 ? 16 DC D "C4'"  1 
ATOM 1307 O "O4'"  . DC D 4 15 ? 2.603   20.015  -1.337  1.00 151.00 ? 16 DC D "O4'"  1 
ATOM 1308 C "C3'"  . DC D 4 15 ? 1.406   21.169  -2.998  1.00 150.04 ? 16 DC D "C3'"  1 
ATOM 1309 O "O3'"  . DC D 4 15 ? 1.822   20.579  -4.228  1.00 145.35 ? 16 DC D "O3'"  1 
ATOM 1310 C "C2'"  . DC D 4 15 ? 0.419   20.290  -2.232  1.00 143.49 ? 16 DC D "C2'"  1 
ATOM 1311 C "C1'"  . DC D 4 15 ? 1.323   19.406  -1.372  1.00 145.50 ? 16 DC D "C1'"  1 
ATOM 1312 N N1     . DC D 4 15 ? 0.848   19.241  0.033   1.00 139.75 ? 16 DC D N1     1 
ATOM 1313 C C2     . DC D 4 15 ? -0.216  18.381  0.308   1.00 134.81 ? 16 DC D C2     1 
ATOM 1314 O O2     . DC D 4 15 ? -0.757  17.774  -0.624  1.00 135.43 ? 16 DC D O2     1 
ATOM 1315 N N3     . DC D 4 15 ? -0.630  18.238  1.595   1.00 127.04 ? 16 DC D N3     1 
ATOM 1316 C C4     . DC D 4 15 ? -0.020  18.912  2.573   1.00 131.35 ? 16 DC D C4     1 
ATOM 1317 N N4     . DC D 4 15 ? -0.458  18.741  3.826   1.00 132.80 ? 16 DC D N4     1 
ATOM 1318 C C5     . DC D 4 15 ? 1.068   19.793  2.309   1.00 137.57 ? 16 DC D C5     1 
ATOM 1319 C C6     . DC D 4 15 ? 1.466   19.922  1.037   1.00 139.63 ? 16 DC D C6     1 
ATOM 1320 H "H5'"  . DC D 4 15 ? 2.681   23.256  -1.471  1.00 183.80 ? 16 DC D "H5'"  1 
ATOM 1321 H "H5''" . DC D 4 15 ? 1.544   22.469  -0.708  1.00 183.80 ? 16 DC D "H5''" 1 
ATOM 1322 H "H4'"  . DC D 4 15 ? 3.392   21.389  -2.540  1.00 182.63 ? 16 DC D "H4'"  1 
ATOM 1323 H "H3'"  . DC D 4 15 ? 1.018   22.044  -3.160  1.00 180.05 ? 16 DC D "H3'"  1 
ATOM 1324 H "HO3'" . DC D 4 15 ? 1.767   21.016  -4.943  1.00 174.42 ? 16 DC D "HO3'" 1 
ATOM 1325 H "H2'"  . DC D 4 15 ? -0.159  20.833  -1.673  1.00 172.19 ? 16 DC D "H2'"  1 
ATOM 1326 H "H2''" . DC D 4 15 ? -0.104  19.750  -2.845  1.00 172.19 ? 16 DC D "H2''" 1 
ATOM 1327 H "H1'"  . DC D 4 15 ? 1.399   18.532  -1.786  1.00 174.60 ? 16 DC D "H1'"  1 
ATOM 1328 H H41    . DC D 4 15 ? -0.079  19.160  4.475   1.00 159.36 ? 16 DC D H41    1 
ATOM 1329 H H42    . DC D 4 15 ? -1.117  18.212  3.983   1.00 159.36 ? 16 DC D H42    1 
ATOM 1330 H H5     . DC D 4 15 ? 1.490   20.258  2.995   1.00 165.08 ? 16 DC D H5     1 
ATOM 1331 H H6     . DC D 4 15 ? 2.174   20.488  0.835   1.00 167.56 ? 16 DC D H6     1 
# 
loop_
_pdbx_poly_seq_scheme.asym_id 
_pdbx_poly_seq_scheme.entity_id 
_pdbx_poly_seq_scheme.seq_id 
_pdbx_poly_seq_scheme.mon_id 
_pdbx_poly_seq_scheme.ndb_seq_num 
_pdbx_poly_seq_scheme.pdb_seq_num 
_pdbx_poly_seq_scheme.auth_seq_num 
_pdbx_poly_seq_scheme.pdb_mon_id 
_pdbx_poly_seq_scheme.auth_mon_id 
_pdbx_poly_seq_scheme.pdb_strand_id 
_pdbx_poly_seq_scheme.pdb_ins_code 
_pdbx_poly_seq_scheme.hetero 
A 1 1  DG 1  1  1  DG DG A . n 
A 1 2  DA 2  2  2  DA DA A . n 
A 1 3  DG 3  3  3  DG DG A . n 
A 1 4  DC 4  4  4  DC DC A . n 
A 1 5  DA 5  5  5  DA DA A . n 
A 1 6  DG 6  6  6  DG DG A . n 
A 1 7  DA 7  7  7  DA DA A . n 
A 1 8  DC 8  8  8  DC DC A . n 
A 1 9  DC 9  9  9  DC DC A . n 
A 1 10 DA 10 10 10 DA DA A . n 
A 1 11 DG 11 11 11 DG DG A . n 
A 1 12 DA 12 12 12 DA DA A . n 
B 2 1  DC 1  12 12 DC DC B . n 
B 2 2  DG 2  13 13 DG DG B . n 
B 2 3  DG 3  14 14 DG DG B . n 
B 2 4  DT 4  15 15 DT DT B . n 
B 2 5  DA 5  16 16 DA DA B . n 
B 2 6  DC 6  17 17 DC DC B . n 
B 2 7  DT 7  18 18 DT DT B . n 
B 2 8  DC 8  19 19 DC DC B . n 
B 2 9  DA 9  20 20 DA DA B . n 
C 3 1  DT 1  0  0  DT DT C . n 
C 3 2  DC 2  1  1  DC DC C . n 
C 3 3  DT 3  2  2  DT DT C . n 
C 3 4  DC 4  3  3  DC DC C . n 
C 3 5  DC 5  4  4  DC DC C . n 
C 3 6  DG 6  5  5  DG DG C . n 
D 4 1  DT 1  2  2  DT DT D . n 
D 4 2  DC 2  3  3  DC DC D . n 
D 4 3  DT 3  4  4  DT DT D . n 
D 4 4  DG 4  5  5  DG DG D . n 
D 4 5  DA 5  6  6  DA DA D . n 
D 4 6  DG 6  7  7  DG DG D . n 
D 4 7  DT 7  8  8  DT DT D . n 
D 4 8  DA 8  9  9  DA DA D . n 
D 4 9  DG 9  10 10 DG DG D . n 
D 4 10 DG 10 11 11 DG DG D . n 
D 4 11 DT 11 12 12 DT DT D . n 
D 4 12 DC 12 13 13 DC DC D . n 
D 4 13 DT 13 14 14 DT DT D . n 
D 4 14 DG 14 15 15 DG DG D . n 
D 4 15 DC 15 16 16 DC DC D . n 
# 
_pdbx_struct_assembly.id                   1 
_pdbx_struct_assembly.details              author_defined_assembly 
_pdbx_struct_assembly.method_details       ? 
_pdbx_struct_assembly.oligomeric_details   tetrameric 
_pdbx_struct_assembly.oligomeric_count     4 
# 
_pdbx_struct_assembly_gen.assembly_id       1 
_pdbx_struct_assembly_gen.oper_expression   1 
_pdbx_struct_assembly_gen.asym_id_list      A,B,C,D 
# 
_pdbx_struct_oper_list.id                   1 
_pdbx_struct_oper_list.type                 'identity operation' 
_pdbx_struct_oper_list.name                 1_555 
_pdbx_struct_oper_list.symmetry_operation   x,y,z 
_pdbx_struct_oper_list.matrix[1][1]         1.0000000000 
_pdbx_struct_oper_list.matrix[1][2]         0.0000000000 
_pdbx_struct_oper_list.matrix[1][3]         0.0000000000 
_pdbx_struct_oper_list.vector[1]            0.0000000000 
_pdbx_struct_oper_list.matrix[2][1]         0.0000000000 
_pdbx_struct_oper_list.matrix[2][2]         1.0000000000 
_pdbx_struct_oper_list.matrix[2][3]         0.0000000000 
_pdbx_struct_oper_list.vector[2]            0.0000000000 
_pdbx_struct_oper_list.matrix[3][1]         0.0000000000 
_pdbx_struct_oper_list.matrix[3][2]         0.0000000000 
_pdbx_struct_oper_list.matrix[3][3]         1.0000000000 
_pdbx_struct_oper_list.vector[3]            0.0000000000 
# 
loop_
_pdbx_audit_revision_history.ordinal 
_pdbx_audit_revision_history.data_content_type 
_pdbx_audit_revision_history.major_revision 
_pdbx_audit_revision_history.minor_revision 
_pdbx_audit_revision_history.revision_date 
1 'Structure model' 1 0 2021-07-14 
2 'Structure model' 1 1 2022-07-06 
3 'Structure model' 1 2 2023-10-18 
# 
_pdbx_audit_revision_details.ordinal             1 
_pdbx_audit_revision_details.revision_ordinal    1 
_pdbx_audit_revision_details.data_content_type   'Structure model' 
_pdbx_audit_revision_details.provider            repository 
_pdbx_audit_revision_details.type                'Initial release' 
_pdbx_audit_revision_details.description         ? 
_pdbx_audit_revision_details.details             ? 
# 
loop_
_pdbx_audit_revision_group.ordinal 
_pdbx_audit_revision_group.revision_ordinal 
_pdbx_audit_revision_group.data_content_type 
_pdbx_audit_revision_group.group 
1 2 'Structure model' 'Database references'    
2 3 'Structure model' 'Data collection'        
3 3 'Structure model' 'Refinement description' 
# 
loop_
_pdbx_audit_revision_category.ordinal 
_pdbx_audit_revision_category.revision_ordinal 
_pdbx_audit_revision_category.data_content_type 
_pdbx_audit_revision_category.category 
1 2 'Structure model' citation                      
2 2 'Structure model' citation_author               
3 2 'Structure model' database_2                    
4 3 'Structure model' chem_comp_atom                
5 3 'Structure model' chem_comp_bond                
6 3 'Structure model' pdbx_initial_refinement_model 
# 
loop_
_pdbx_audit_revision_item.ordinal 
_pdbx_audit_revision_item.revision_ordinal 
_pdbx_audit_revision_item.data_content_type 
_pdbx_audit_revision_item.item 
1  2 'Structure model' '_citation.country'                   
2  2 'Structure model' '_citation.journal_abbrev'            
3  2 'Structure model' '_citation.journal_id_CSD'            
4  2 'Structure model' '_citation.journal_id_ISSN'           
5  2 'Structure model' '_citation.journal_volume'            
6  2 'Structure model' '_citation.page_first'                
7  2 'Structure model' '_citation.page_last'                 
8  2 'Structure model' '_citation.pdbx_database_id_DOI'      
9  2 'Structure model' '_citation.pdbx_database_id_PubMed'   
10 2 'Structure model' '_citation.title'                     
11 2 'Structure model' '_citation.year'                      
12 2 'Structure model' '_database_2.pdbx_DOI'                
13 2 'Structure model' '_database_2.pdbx_database_accession' 
# 
loop_
_software.citation_id 
_software.classification 
_software.compiler_name 
_software.compiler_version 
_software.contact_author 
_software.contact_author_email 
_software.date 
_software.description 
_software.dependencies 
_software.hardware 
_software.language 
_software.location 
_software.mods 
_software.name 
_software.os 
_software.os_version 
_software.type 
_software.version 
_software.pdbx_ordinal 
? 'data reduction'  ? ? ? ? ? ? ? ? ? ? ? HKL-2000    ? ? ? .           1 
? 'data scaling'    ? ? ? ? ? ? ? ? ? ? ? HKL-2000    ? ? ? .           2 
? refinement        ? ? ? ? ? ? ? ? ? ? ? PHENIX      ? ? ? 1.11.1_2575 3 
? 'data extraction' ? ? ? ? ? ? ? ? ? ? ? PDB_EXTRACT ? ? ? 3.25        4 
? phasing           ? ? ? ? ? ? ? ? ? ? ? PHASER      ? ? ? .           5 
# 
loop_
_pdbx_validate_rmsd_angle.id 
_pdbx_validate_rmsd_angle.PDB_model_num 
_pdbx_validate_rmsd_angle.auth_atom_id_1 
_pdbx_validate_rmsd_angle.auth_asym_id_1 
_pdbx_validate_rmsd_angle.auth_comp_id_1 
_pdbx_validate_rmsd_angle.auth_seq_id_1 
_pdbx_validate_rmsd_angle.PDB_ins_code_1 
_pdbx_validate_rmsd_angle.label_alt_id_1 
_pdbx_validate_rmsd_angle.auth_atom_id_2 
_pdbx_validate_rmsd_angle.auth_asym_id_2 
_pdbx_validate_rmsd_angle.auth_comp_id_2 
_pdbx_validate_rmsd_angle.auth_seq_id_2 
_pdbx_validate_rmsd_angle.PDB_ins_code_2 
_pdbx_validate_rmsd_angle.label_alt_id_2 
_pdbx_validate_rmsd_angle.auth_atom_id_3 
_pdbx_validate_rmsd_angle.auth_asym_id_3 
_pdbx_validate_rmsd_angle.auth_comp_id_3 
_pdbx_validate_rmsd_angle.auth_seq_id_3 
_pdbx_validate_rmsd_angle.PDB_ins_code_3 
_pdbx_validate_rmsd_angle.label_alt_id_3 
_pdbx_validate_rmsd_angle.angle_value 
_pdbx_validate_rmsd_angle.angle_target_value 
_pdbx_validate_rmsd_angle.angle_deviation 
_pdbx_validate_rmsd_angle.angle_standard_deviation 
_pdbx_validate_rmsd_angle.linker_flag 
1 1 "O4'" B DG 13 ? ? "C1'" B DG 13 ? ? N9 B DG 13 ? ? 111.40 108.30 3.10 0.30 N 
2 1 "O4'" D DG 15 ? ? "C1'" D DG 15 ? ? N9 D DG 15 ? ? 110.69 108.30 2.39 0.30 N 
# 
loop_
_chem_comp_atom.comp_id 
_chem_comp_atom.atom_id 
_chem_comp_atom.type_symbol 
_chem_comp_atom.pdbx_aromatic_flag 
_chem_comp_atom.pdbx_stereo_config 
_chem_comp_atom.pdbx_ordinal 
DA OP3    O N N 1   
DA P      P N N 2   
DA OP1    O N N 3   
DA OP2    O N N 4   
DA "O5'"  O N N 5   
DA "C5'"  C N N 6   
DA "C4'"  C N R 7   
DA "O4'"  O N N 8   
DA "C3'"  C N S 9   
DA "O3'"  O N N 10  
DA "C2'"  C N N 11  
DA "C1'"  C N R 12  
DA N9     N Y N 13  
DA C8     C Y N 14  
DA N7     N Y N 15  
DA C5     C Y N 16  
DA C6     C Y N 17  
DA N6     N N N 18  
DA N1     N Y N 19  
DA C2     C Y N 20  
DA N3     N Y N 21  
DA C4     C Y N 22  
DA HOP3   H N N 23  
DA HOP2   H N N 24  
DA "H5'"  H N N 25  
DA "H5''" H N N 26  
DA "H4'"  H N N 27  
DA "H3'"  H N N 28  
DA "HO3'" H N N 29  
DA "H2'"  H N N 30  
DA "H2''" H N N 31  
DA "H1'"  H N N 32  
DA H8     H N N 33  
DA H61    H N N 34  
DA H62    H N N 35  
DA H2     H N N 36  
DC OP3    O N N 37  
DC P      P N N 38  
DC OP1    O N N 39  
DC OP2    O N N 40  
DC "O5'"  O N N 41  
DC "C5'"  C N N 42  
DC "C4'"  C N R 43  
DC "O4'"  O N N 44  
DC "C3'"  C N S 45  
DC "O3'"  O N N 46  
DC "C2'"  C N N 47  
DC "C1'"  C N R 48  
DC N1     N N N 49  
DC C2     C N N 50  
DC O2     O N N 51  
DC N3     N N N 52  
DC C4     C N N 53  
DC N4     N N N 54  
DC C5     C N N 55  
DC C6     C N N 56  
DC HOP3   H N N 57  
DC HOP2   H N N 58  
DC "H5'"  H N N 59  
DC "H5''" H N N 60  
DC "H4'"  H N N 61  
DC "H3'"  H N N 62  
DC "HO3'" H N N 63  
DC "H2'"  H N N 64  
DC "H2''" H N N 65  
DC "H1'"  H N N 66  
DC H41    H N N 67  
DC H42    H N N 68  
DC H5     H N N 69  
DC H6     H N N 70  
DG OP3    O N N 71  
DG P      P N N 72  
DG OP1    O N N 73  
DG OP2    O N N 74  
DG "O5'"  O N N 75  
DG "C5'"  C N N 76  
DG "C4'"  C N R 77  
DG "O4'"  O N N 78  
DG "C3'"  C N S 79  
DG "O3'"  O N N 80  
DG "C2'"  C N N 81  
DG "C1'"  C N R 82  
DG N9     N Y N 83  
DG C8     C Y N 84  
DG N7     N Y N 85  
DG C5     C Y N 86  
DG C6     C N N 87  
DG O6     O N N 88  
DG N1     N N N 89  
DG C2     C N N 90  
DG N2     N N N 91  
DG N3     N N N 92  
DG C4     C Y N 93  
DG HOP3   H N N 94  
DG HOP2   H N N 95  
DG "H5'"  H N N 96  
DG "H5''" H N N 97  
DG "H4'"  H N N 98  
DG "H3'"  H N N 99  
DG "HO3'" H N N 100 
DG "H2'"  H N N 101 
DG "H2''" H N N 102 
DG "H1'"  H N N 103 
DG H8     H N N 104 
DG H1     H N N 105 
DG H21    H N N 106 
DG H22    H N N 107 
DT OP3    O N N 108 
DT P      P N N 109 
DT OP1    O N N 110 
DT OP2    O N N 111 
DT "O5'"  O N N 112 
DT "C5'"  C N N 113 
DT "C4'"  C N R 114 
DT "O4'"  O N N 115 
DT "C3'"  C N S 116 
DT "O3'"  O N N 117 
DT "C2'"  C N N 118 
DT "C1'"  C N R 119 
DT N1     N N N 120 
DT C2     C N N 121 
DT O2     O N N 122 
DT N3     N N N 123 
DT C4     C N N 124 
DT O4     O N N 125 
DT C5     C N N 126 
DT C7     C N N 127 
DT C6     C N N 128 
DT HOP3   H N N 129 
DT HOP2   H N N 130 
DT "H5'"  H N N 131 
DT "H5''" H N N 132 
DT "H4'"  H N N 133 
DT "H3'"  H N N 134 
DT "HO3'" H N N 135 
DT "H2'"  H N N 136 
DT "H2''" H N N 137 
DT "H1'"  H N N 138 
DT H3     H N N 139 
DT H71    H N N 140 
DT H72    H N N 141 
DT H73    H N N 142 
DT H6     H N N 143 
# 
loop_
_chem_comp_bond.comp_id 
_chem_comp_bond.atom_id_1 
_chem_comp_bond.atom_id_2 
_chem_comp_bond.value_order 
_chem_comp_bond.pdbx_aromatic_flag 
_chem_comp_bond.pdbx_stereo_config 
_chem_comp_bond.pdbx_ordinal 
DA OP3   P      sing N N 1   
DA OP3   HOP3   sing N N 2   
DA P     OP1    doub N N 3   
DA P     OP2    sing N N 4   
DA P     "O5'"  sing N N 5   
DA OP2   HOP2   sing N N 6   
DA "O5'" "C5'"  sing N N 7   
DA "C5'" "C4'"  sing N N 8   
DA "C5'" "H5'"  sing N N 9   
DA "C5'" "H5''" sing N N 10  
DA "C4'" "O4'"  sing N N 11  
DA "C4'" "C3'"  sing N N 12  
DA "C4'" "H4'"  sing N N 13  
DA "O4'" "C1'"  sing N N 14  
DA "C3'" "O3'"  sing N N 15  
DA "C3'" "C2'"  sing N N 16  
DA "C3'" "H3'"  sing N N 17  
DA "O3'" "HO3'" sing N N 18  
DA "C2'" "C1'"  sing N N 19  
DA "C2'" "H2'"  sing N N 20  
DA "C2'" "H2''" sing N N 21  
DA "C1'" N9     sing N N 22  
DA "C1'" "H1'"  sing N N 23  
DA N9    C8     sing Y N 24  
DA N9    C4     sing Y N 25  
DA C8    N7     doub Y N 26  
DA C8    H8     sing N N 27  
DA N7    C5     sing Y N 28  
DA C5    C6     sing Y N 29  
DA C5    C4     doub Y N 30  
DA C6    N6     sing N N 31  
DA C6    N1     doub Y N 32  
DA N6    H61    sing N N 33  
DA N6    H62    sing N N 34  
DA N1    C2     sing Y N 35  
DA C2    N3     doub Y N 36  
DA C2    H2     sing N N 37  
DA N3    C4     sing Y N 38  
DC OP3   P      sing N N 39  
DC OP3   HOP3   sing N N 40  
DC P     OP1    doub N N 41  
DC P     OP2    sing N N 42  
DC P     "O5'"  sing N N 43  
DC OP2   HOP2   sing N N 44  
DC "O5'" "C5'"  sing N N 45  
DC "C5'" "C4'"  sing N N 46  
DC "C5'" "H5'"  sing N N 47  
DC "C5'" "H5''" sing N N 48  
DC "C4'" "O4'"  sing N N 49  
DC "C4'" "C3'"  sing N N 50  
DC "C4'" "H4'"  sing N N 51  
DC "O4'" "C1'"  sing N N 52  
DC "C3'" "O3'"  sing N N 53  
DC "C3'" "C2'"  sing N N 54  
DC "C3'" "H3'"  sing N N 55  
DC "O3'" "HO3'" sing N N 56  
DC "C2'" "C1'"  sing N N 57  
DC "C2'" "H2'"  sing N N 58  
DC "C2'" "H2''" sing N N 59  
DC "C1'" N1     sing N N 60  
DC "C1'" "H1'"  sing N N 61  
DC N1    C2     sing N N 62  
DC N1    C6     sing N N 63  
DC C2    O2     doub N N 64  
DC C2    N3     sing N N 65  
DC N3    C4     doub N N 66  
DC C4    N4     sing N N 67  
DC C4    C5     sing N N 68  
DC N4    H41    sing N N 69  
DC N4    H42    sing N N 70  
DC C5    C6     doub N N 71  
DC C5    H5     sing N N 72  
DC C6    H6     sing N N 73  
DG OP3   P      sing N N 74  
DG OP3   HOP3   sing N N 75  
DG P     OP1    doub N N 76  
DG P     OP2    sing N N 77  
DG P     "O5'"  sing N N 78  
DG OP2   HOP2   sing N N 79  
DG "O5'" "C5'"  sing N N 80  
DG "C5'" "C4'"  sing N N 81  
DG "C5'" "H5'"  sing N N 82  
DG "C5'" "H5''" sing N N 83  
DG "C4'" "O4'"  sing N N 84  
DG "C4'" "C3'"  sing N N 85  
DG "C4'" "H4'"  sing N N 86  
DG "O4'" "C1'"  sing N N 87  
DG "C3'" "O3'"  sing N N 88  
DG "C3'" "C2'"  sing N N 89  
DG "C3'" "H3'"  sing N N 90  
DG "O3'" "HO3'" sing N N 91  
DG "C2'" "C1'"  sing N N 92  
DG "C2'" "H2'"  sing N N 93  
DG "C2'" "H2''" sing N N 94  
DG "C1'" N9     sing N N 95  
DG "C1'" "H1'"  sing N N 96  
DG N9    C8     sing Y N 97  
DG N9    C4     sing Y N 98  
DG C8    N7     doub Y N 99  
DG C8    H8     sing N N 100 
DG N7    C5     sing Y N 101 
DG C5    C6     sing N N 102 
DG C5    C4     doub Y N 103 
DG C6    O6     doub N N 104 
DG C6    N1     sing N N 105 
DG N1    C2     sing N N 106 
DG N1    H1     sing N N 107 
DG C2    N2     sing N N 108 
DG C2    N3     doub N N 109 
DG N2    H21    sing N N 110 
DG N2    H22    sing N N 111 
DG N3    C4     sing N N 112 
DT OP3   P      sing N N 113 
DT OP3   HOP3   sing N N 114 
DT P     OP1    doub N N 115 
DT P     OP2    sing N N 116 
DT P     "O5'"  sing N N 117 
DT OP2   HOP2   sing N N 118 
DT "O5'" "C5'"  sing N N 119 
DT "C5'" "C4'"  sing N N 120 
DT "C5'" "H5'"  sing N N 121 
DT "C5'" "H5''" sing N N 122 
DT "C4'" "O4'"  sing N N 123 
DT "C4'" "C3'"  sing N N 124 
DT "C4'" "H4'"  sing N N 125 
DT "O4'" "C1'"  sing N N 126 
DT "C3'" "O3'"  sing N N 127 
DT "C3'" "C2'"  sing N N 128 
DT "C3'" "H3'"  sing N N 129 
DT "O3'" "HO3'" sing N N 130 
DT "C2'" "C1'"  sing N N 131 
DT "C2'" "H2'"  sing N N 132 
DT "C2'" "H2''" sing N N 133 
DT "C1'" N1     sing N N 134 
DT "C1'" "H1'"  sing N N 135 
DT N1    C2     sing N N 136 
DT N1    C6     sing N N 137 
DT C2    O2     doub N N 138 
DT C2    N3     sing N N 139 
DT N3    C4     sing N N 140 
DT N3    H3     sing N N 141 
DT C4    O4     doub N N 142 
DT C4    C5     sing N N 143 
DT C5    C7     sing N N 144 
DT C5    C6     doub N N 145 
DT C7    H71    sing N N 146 
DT C7    H72    sing N N 147 
DT C7    H73    sing N N 148 
DT C6    H6     sing N N 149 
# 
loop_
_ndb_struct_conf_na.entry_id 
_ndb_struct_conf_na.feature 
7JFV 'double helix'        
7JFV 'a-form double helix' 
7JFV 'b-form double helix' 
# 
loop_
_ndb_struct_na_base_pair.model_number 
_ndb_struct_na_base_pair.i_label_asym_id 
_ndb_struct_na_base_pair.i_label_comp_id 
_ndb_struct_na_base_pair.i_label_seq_id 
_ndb_struct_na_base_pair.i_symmetry 
_ndb_struct_na_base_pair.j_label_asym_id 
_ndb_struct_na_base_pair.j_label_comp_id 
_ndb_struct_na_base_pair.j_label_seq_id 
_ndb_struct_na_base_pair.j_symmetry 
_ndb_struct_na_base_pair.shear 
_ndb_struct_na_base_pair.stretch 
_ndb_struct_na_base_pair.stagger 
_ndb_struct_na_base_pair.buckle 
_ndb_struct_na_base_pair.propeller 
_ndb_struct_na_base_pair.opening 
_ndb_struct_na_base_pair.pair_number 
_ndb_struct_na_base_pair.pair_name 
_ndb_struct_na_base_pair.i_auth_asym_id 
_ndb_struct_na_base_pair.i_auth_seq_id 
_ndb_struct_na_base_pair.i_PDB_ins_code 
_ndb_struct_na_base_pair.j_auth_asym_id 
_ndb_struct_na_base_pair.j_auth_seq_id 
_ndb_struct_na_base_pair.j_PDB_ins_code 
_ndb_struct_na_base_pair.hbond_type_28 
_ndb_struct_na_base_pair.hbond_type_12 
1 A DG 3  1_555 D DC 15 1_555 1.355  0.371  0.689  6.440  -16.928 13.792  1  A_DG3:DC16_D A 3  ? D 16 ? ?  1 
1 A DC 4  1_555 D DG 14 1_555 -0.705 0.077  0.330  -6.848 -13.616 1.365   2  A_DC4:DG15_D A 4  ? D 15 ? 19 1 
1 A DA 5  1_555 D DT 13 1_555 1.292  0.238  -0.139 -9.722 -5.444  -20.860 3  A_DA5:DT14_D A 5  ? D 14 ? 20 1 
1 A DG 6  1_555 D DC 12 1_555 0.638  0.050  0.031  -1.570 -2.248  -16.691 4  A_DG6:DC13_D A 6  ? D 13 ? 19 1 
1 A DA 7  1_555 D DT 11 1_555 0.115  0.129  0.227  5.250  -4.549  -24.394 5  A_DA7:DT12_D A 7  ? D 12 ? 20 1 
1 A DC 8  1_555 D DG 10 1_555 -0.477 0.025  0.050  12.354 -10.169 2.965   6  A_DC8:DG11_D A 8  ? D 11 ? 19 1 
1 A DC 9  1_555 D DG 9  1_555 -0.684 -0.058 0.337  2.967  2.119   -6.596  7  A_DC9:DG10_D A 9  ? D 10 ? 19 1 
1 A DA 10 1_555 C DT 3  1_555 0.336  0.178  0.279  8.493  6.585   6.653   8  A_DA10:DT2_C A 10 ? C 2  ? 20 1 
1 A DG 11 1_555 C DC 2  1_555 0.728  0.047  0.353  16.877 0.078   -1.117  9  A_DG11:DC1_C A 11 ? C 1  ? 19 1 
1 A DA 12 1_555 C DT 1  1_555 0.807  -0.228 0.026  10.774 -4.342  -8.341  10 A_DA12:DT0_C A 12 ? C 0  ? 20 1 
1 B DC 1  1_555 C DG 6  1_555 -0.355 -0.102 -0.226 9.543  -5.158  -8.397  11 B_DC12:DG5_C B 12 ? C 5  ? 19 1 
1 B DG 2  1_555 C DC 5  1_555 0.875  -0.016 0.490  8.993  -13.632 -21.938 12 B_DG13:DC4_C B 13 ? C 4  ? ?  1 
1 B DG 3  1_555 C DC 4  1_555 0.153  -0.472 0.827  -5.051 -20.837 -14.783 13 B_DG14:DC3_C B 14 ? C 3  ? 19 1 
1 B DT 4  1_555 D DA 8  1_555 -1.386 0.045  0.249  -2.925 -6.767  6.758   14 B_DT15:DA9_D B 15 ? D 9  ? 20 1 
1 B DA 5  1_555 D DT 7  1_555 1.091  -0.046 0.301  0.476  -6.935  -2.664  15 B_DA16:DT8_D B 16 ? D 8  ? 20 1 
1 B DC 6  1_555 D DG 6  1_555 -0.393 -0.154 0.282  2.924  -3.062  -1.625  16 B_DC17:DG7_D B 17 ? D 7  ? 19 1 
1 B DT 7  1_555 D DA 5  1_555 -0.779 -0.155 -0.243 0.832  -10.040 -10.007 17 B_DT18:DA6_D B 18 ? D 6  ? 20 1 
1 B DC 8  1_555 D DG 4  1_555 -0.281 -0.244 -0.389 10.142 -7.133  -6.146  18 B_DC19:DG5_D B 19 ? D 5  ? 19 1 
1 B DA 9  1_555 D DT 3  1_555 1.305  4.922  0.084  -0.391 -16.523 -91.543 19 B_DA20:DT4_D B 20 ? D 4  ? ?  ? 
# 
loop_
_ndb_struct_na_base_pair_step.model_number 
_ndb_struct_na_base_pair_step.i_label_asym_id_1 
_ndb_struct_na_base_pair_step.i_label_comp_id_1 
_ndb_struct_na_base_pair_step.i_label_seq_id_1 
_ndb_struct_na_base_pair_step.i_symmetry_1 
_ndb_struct_na_base_pair_step.j_label_asym_id_1 
_ndb_struct_na_base_pair_step.j_label_comp_id_1 
_ndb_struct_na_base_pair_step.j_label_seq_id_1 
_ndb_struct_na_base_pair_step.j_symmetry_1 
_ndb_struct_na_base_pair_step.i_label_asym_id_2 
_ndb_struct_na_base_pair_step.i_label_comp_id_2 
_ndb_struct_na_base_pair_step.i_label_seq_id_2 
_ndb_struct_na_base_pair_step.i_symmetry_2 
_ndb_struct_na_base_pair_step.j_label_asym_id_2 
_ndb_struct_na_base_pair_step.j_label_comp_id_2 
_ndb_struct_na_base_pair_step.j_label_seq_id_2 
_ndb_struct_na_base_pair_step.j_symmetry_2 
_ndb_struct_na_base_pair_step.shift 
_ndb_struct_na_base_pair_step.slide 
_ndb_struct_na_base_pair_step.rise 
_ndb_struct_na_base_pair_step.tilt 
_ndb_struct_na_base_pair_step.roll 
_ndb_struct_na_base_pair_step.twist 
_ndb_struct_na_base_pair_step.x_displacement 
_ndb_struct_na_base_pair_step.y_displacement 
_ndb_struct_na_base_pair_step.helical_rise 
_ndb_struct_na_base_pair_step.inclination 
_ndb_struct_na_base_pair_step.tip 
_ndb_struct_na_base_pair_step.helical_twist 
_ndb_struct_na_base_pair_step.step_number 
_ndb_struct_na_base_pair_step.step_name 
_ndb_struct_na_base_pair_step.i_auth_asym_id_1 
_ndb_struct_na_base_pair_step.i_auth_seq_id_1 
_ndb_struct_na_base_pair_step.i_PDB_ins_code_1 
_ndb_struct_na_base_pair_step.j_auth_asym_id_1 
_ndb_struct_na_base_pair_step.j_auth_seq_id_1 
_ndb_struct_na_base_pair_step.j_PDB_ins_code_1 
_ndb_struct_na_base_pair_step.i_auth_asym_id_2 
_ndb_struct_na_base_pair_step.i_auth_seq_id_2 
_ndb_struct_na_base_pair_step.i_PDB_ins_code_2 
_ndb_struct_na_base_pair_step.j_auth_asym_id_2 
_ndb_struct_na_base_pair_step.j_auth_seq_id_2 
_ndb_struct_na_base_pair_step.j_PDB_ins_code_2 
1 A DG 3  1_555 D DC 15 1_555 A DC 4  1_555 D DG 14 1_555 -0.045 -0.641 3.358 4.838  -1.736 27.172 -0.907 1.307  3.334 -3.654 
-10.182 27.645 1  AA_DG3DC4:DG15DC16_DD A 3  ? D 16 ? A 4  ? D 15 ? 
1 A DC 4  1_555 D DG 14 1_555 A DA 5  1_555 D DT 13 1_555 -1.068 -0.062 3.725 0.585  2.493  40.509 -0.405 1.613  3.699 3.596  
-0.844  40.587 2  AA_DC4DA5:DT14DG15_DD A 4  ? D 15 ? A 5  ? D 14 ? 
1 A DA 5  1_555 D DT 13 1_555 A DG 6  1_555 D DC 12 1_555 0.590  -0.713 3.152 -0.728 3.864  28.012 -2.309 -1.368 3.012 7.932  
1.495   28.282 3  AA_DA5DG6:DC13DT14_DD A 5  ? D 14 ? A 6  ? D 13 ? 
1 A DG 6  1_555 D DC 12 1_555 A DA 7  1_555 D DT 11 1_555 -0.070 -1.394 2.996 0.745  4.462  32.084 -3.197 0.243  2.780 8.023  
-1.339  32.393 4  AA_DG6DA7:DT12DC13_DD A 6  ? D 13 ? A 7  ? D 12 ? 
1 A DA 7  1_555 D DT 11 1_555 A DC 8  1_555 D DG 10 1_555 1.941  -1.511 3.045 1.412  1.289  26.357 -3.625 -3.895 3.067 2.823  
-3.092  26.426 5  AA_DA7DC8:DG11DT12_DD A 7  ? D 12 ? A 8  ? D 11 ? 
1 A DC 8  1_555 D DG 10 1_555 A DC 9  1_555 D DG 9  1_555 -0.848 -1.253 3.423 -7.138 6.762  35.466 -2.944 0.334  3.243 10.845 
11.449  36.761 6  AA_DC8DC9:DG10DG11_DD A 8  ? D 11 ? A 9  ? D 10 ? 
1 A DC 9  1_555 D DG 9  1_555 A DA 10 1_555 C DT 3  1_555 -0.769 -1.228 2.952 -2.980 -2.031 31.535 -1.901 0.900  3.081 -3.722 
5.460   31.735 7  AA_DC9DA10:DT2DG10_CD A 9  ? D 10 ? A 10 ? C 2  ? 
1 A DA 10 1_555 C DT 3  1_555 A DG 11 1_555 C DC 2  1_555 -0.627 -0.429 3.140 -2.265 3.494  30.938 -1.435 0.752  3.111 6.513  
4.221   31.210 8  AA_DA10DG11:DC1DT2_CC A 10 ? C 2  ? A 11 ? C 1  ? 
1 A DG 11 1_555 C DC 2  1_555 A DA 12 1_555 C DT 1  1_555 -0.496 -0.197 3.425 -0.245 1.887  37.462 -0.564 0.738  3.414 2.936  
0.381   37.509 9  AA_DG11DA12:DT0DC1_CC A 11 ? C 1  ? A 12 ? C 0  ? 
1 B DC 1  1_555 C DG 6  1_555 B DG 2  1_555 C DC 5  1_555 -0.116 -0.735 3.507 1.075  2.216  39.570 -1.359 0.305  3.458 3.269  
-1.587  39.644 10 BB_DC12DG13:DC4DG5_CC B 12 ? C 5  ? B 13 ? C 4  ? 
1 B DG 2  1_555 C DC 5  1_555 B DG 3  1_555 C DC 4  1_555 0.819  -1.095 3.412 -2.888 0.140  35.165 -1.828 -1.793 3.332 0.231  
4.771   35.280 11 BB_DG13DG14:DC3DC4_CC B 13 ? C 4  ? B 14 ? C 3  ? 
1 B DG 3  1_555 C DC 4  1_555 B DT 4  1_555 D DA 8  1_555 -0.574 -1.954 3.023 6.186  4.091  18.942 -7.080 3.961  2.256 11.860 
-17.931 20.330 12 BB_DG14DT15:DA9DC3_DC B 14 ? C 3  ? B 15 ? D 9  ? 
1 B DT 4  1_555 D DA 8  1_555 B DA 5  1_555 D DT 7  1_555 -0.741 1.425  3.446 -4.139 -0.862 51.467 1.698  0.554  3.469 -0.991 
4.757   51.629 13 BB_DT15DA16:DT8DA9_DD B 15 ? D 9  ? B 16 ? D 8  ? 
1 B DA 5  1_555 D DT 7  1_555 B DC 6  1_555 D DG 6  1_555 -0.185 -1.160 3.042 -2.098 0.106  30.383 -2.228 -0.039 3.044 0.203  
3.996   30.454 14 BB_DA16DC17:DG7DT8_DD B 16 ? D 8  ? B 17 ? D 7  ? 
1 B DC 6  1_555 D DG 6  1_555 B DT 7  1_555 D DA 5  1_555 -0.762 -1.202 3.230 1.768  -3.720 31.769 -1.506 1.701  3.299 -6.761 
-3.212  32.028 15 BB_DC17DT18:DA6DG7_DD B 17 ? D 7  ? B 18 ? D 6  ? 
1 B DT 7  1_555 D DA 5  1_555 B DC 8  1_555 D DG 4  1_555 0.776  1.254  3.125 5.201  2.168  37.208 1.668  -0.539 3.265 3.374  
-8.095  37.618 16 BB_DT18DC19:DG5DA6_DD B 18 ? D 6  ? B 19 ? D 5  ? 
1 B DC 8  1_555 D DG 4  1_555 B DA 9  1_555 D DT 3  1_555 2.064  -0.105 3.557 -4.165 1.152  85.692 -0.105 -1.618 3.473 0.847  
3.060   85.780 17 BB_DC19DA20:DT4DG5_DD B 19 ? D 5  ? B 20 ? D 4  ? 
# 
loop_
_pdbx_audit_support.funding_organization 
_pdbx_audit_support.country 
_pdbx_audit_support.grant_number 
_pdbx_audit_support.ordinal 
'National Science Foundation (NSF, United States)'                                         'United States' 1360635     1 
'National Institutes of Health/National Institute of General Medical Sciences (NIH/NIGMS)' 'United States' R01GM104960 2 
'National Science Foundation (NSF, United States)'                                         'United States' NSF2004250  3 
# 
_pdbx_initial_refinement_model.id               1 
_pdbx_initial_refinement_model.entity_id_list   ? 
_pdbx_initial_refinement_model.type             'experimental model' 
_pdbx_initial_refinement_model.source_name      PDB 
_pdbx_initial_refinement_model.accession_code   6XNA 
_pdbx_initial_refinement_model.details          ? 
# 
_pdbx_struct_assembly_auth_evidence.id                     1 
_pdbx_struct_assembly_auth_evidence.assembly_id            1 
_pdbx_struct_assembly_auth_evidence.experimental_support   none 
_pdbx_struct_assembly_auth_evidence.details                ? 
# 
